data_2D9W
#
_entry.id   2D9W
#
_entity_poly.entity_id   1
_entity_poly.type   'polypeptide(L)'
_entity_poly.pdbx_seq_one_letter_code
;GSSGSSGMGDGAVKQGFLYLQQQQTFGKKWRRFGASLYGGSDCALARLELQEGPEKPRRCEAARKVIRLSDCLRVAEAGG
EASSPRDTSAFFLETKERLYLLAAPAAERGDWVQAICLLAFSGPSSG
;
_entity_poly.pdbx_strand_id   A
#
# COMPACT_ATOMS: atom_id res chain seq x y z
N GLY A 1 10.39 15.32 -26.70
CA GLY A 1 10.90 14.43 -25.67
C GLY A 1 12.21 14.92 -25.08
N SER A 2 13.10 13.98 -24.77
CA SER A 2 14.40 14.32 -24.18
C SER A 2 15.51 14.19 -25.22
N SER A 3 16.11 15.31 -25.59
CA SER A 3 17.18 15.31 -26.57
C SER A 3 18.52 14.95 -25.92
N GLY A 4 18.94 15.75 -24.95
CA GLY A 4 20.19 15.50 -24.26
C GLY A 4 20.06 14.43 -23.20
N SER A 5 19.94 14.85 -21.94
CA SER A 5 19.82 13.92 -20.83
C SER A 5 18.66 14.34 -19.90
N SER A 6 17.92 13.35 -19.43
CA SER A 6 16.79 13.61 -18.53
C SER A 6 17.15 13.26 -17.10
N GLY A 7 17.48 11.99 -16.87
CA GLY A 7 17.84 11.55 -15.53
C GLY A 7 16.74 10.74 -14.87
N MET A 8 17.12 9.70 -14.14
CA MET A 8 16.16 8.84 -13.46
C MET A 8 15.56 9.54 -12.25
N GLY A 9 14.46 9.01 -11.74
CA GLY A 9 13.81 9.61 -10.59
C GLY A 9 12.43 9.03 -10.35
N ASP A 10 11.41 9.70 -10.90
CA ASP A 10 10.03 9.25 -10.73
C ASP A 10 9.83 7.88 -11.35
N GLY A 11 9.88 6.85 -10.51
CA GLY A 11 9.70 5.49 -11.00
C GLY A 11 8.37 4.89 -10.59
N ALA A 12 8.14 4.80 -9.28
CA ALA A 12 6.90 4.25 -8.76
C ALA A 12 5.69 4.88 -9.45
N VAL A 13 4.68 4.06 -9.74
CA VAL A 13 3.47 4.53 -10.40
C VAL A 13 2.79 5.61 -9.57
N LYS A 14 2.64 5.36 -8.28
CA LYS A 14 2.00 6.32 -7.38
C LYS A 14 2.65 6.27 -5.99
N GLN A 15 2.85 7.43 -5.39
CA GLN A 15 3.45 7.52 -4.07
C GLN A 15 2.45 8.08 -3.06
N GLY A 16 2.62 7.68 -1.80
CA GLY A 16 1.72 8.16 -0.75
C GLY A 16 1.96 7.45 0.58
N PHE A 17 1.71 8.16 1.67
CA PHE A 17 1.90 7.60 3.01
C PHE A 17 0.66 6.87 3.46
N LEU A 18 0.82 5.59 3.82
CA LEU A 18 -0.29 4.78 4.28
C LEU A 18 -0.21 4.55 5.78
N TYR A 19 -1.24 3.92 6.34
CA TYR A 19 -1.29 3.64 7.78
C TYR A 19 -1.65 2.18 8.03
N LEU A 20 -0.74 1.46 8.68
CA LEU A 20 -0.96 0.04 8.99
C LEU A 20 -1.07 -0.17 10.49
N GLN A 21 -2.23 -0.61 10.94
CA GLN A 21 -2.46 -0.87 12.36
C GLN A 21 -1.59 -2.01 12.86
N GLN A 22 -0.85 -1.77 13.93
CA GLN A 22 0.02 -2.79 14.50
C GLN A 22 0.12 -2.63 16.02
N GLN A 23 0.88 -3.52 16.65
CA GLN A 23 1.04 -3.49 18.10
C GLN A 23 2.50 -3.73 18.48
N GLN A 24 2.99 -2.98 19.47
CA GLN A 24 4.36 -3.10 19.92
C GLN A 24 4.42 -3.25 21.44
N THR A 25 3.87 -2.26 22.15
CA THR A 25 3.86 -2.28 23.61
C THR A 25 2.53 -2.80 24.14
N PHE A 26 1.44 -2.19 23.67
CA PHE A 26 0.11 -2.60 24.09
C PHE A 26 -0.97 -1.93 23.23
N GLY A 27 -2.14 -2.55 23.18
CA GLY A 27 -3.23 -2.01 22.38
C GLY A 27 -2.90 -1.95 20.91
N LYS A 28 -3.90 -1.65 20.08
CA LYS A 28 -3.71 -1.57 18.64
C LYS A 28 -3.73 -0.12 18.18
N LYS A 29 -2.55 0.40 17.83
CA LYS A 29 -2.43 1.78 17.37
C LYS A 29 -1.99 1.83 15.91
N TRP A 30 -2.18 2.98 15.28
CA TRP A 30 -1.80 3.15 13.87
C TRP A 30 -0.34 3.56 13.75
N ARG A 31 0.24 3.30 12.59
CA ARG A 31 1.64 3.64 12.34
C ARG A 31 1.88 3.95 10.87
N ARG A 32 2.41 5.14 10.59
CA ARG A 32 2.68 5.55 9.22
C ARG A 32 3.91 4.84 8.67
N PHE A 33 3.81 4.37 7.43
CA PHE A 33 4.91 3.66 6.79
C PHE A 33 5.02 4.06 5.31
N GLY A 34 6.14 4.68 4.95
CA GLY A 34 6.34 5.09 3.58
C GLY A 34 5.93 4.02 2.58
N ALA A 35 4.84 4.29 1.86
CA ALA A 35 4.34 3.35 0.87
C ALA A 35 4.76 3.75 -0.55
N SER A 36 4.98 2.76 -1.40
CA SER A 36 5.39 3.01 -2.78
C SER A 36 4.76 2.00 -3.72
N LEU A 37 4.05 2.50 -4.74
CA LEU A 37 3.41 1.63 -5.72
C LEU A 37 4.32 1.38 -6.91
N TYR A 38 4.65 0.12 -7.14
CA TYR A 38 5.52 -0.27 -8.25
C TYR A 38 4.82 -1.24 -9.18
N GLY A 39 5.26 -1.28 -10.43
CA GLY A 39 4.67 -2.18 -11.41
C GLY A 39 4.69 -1.60 -12.81
N GLY A 40 3.77 -2.08 -13.65
CA GLY A 40 3.71 -1.60 -15.02
C GLY A 40 4.94 -1.96 -15.83
N SER A 41 5.18 -3.26 -15.99
CA SER A 41 6.33 -3.74 -16.74
C SER A 41 6.03 -5.07 -17.42
N ASP A 42 6.98 -5.56 -18.21
CA ASP A 42 6.81 -6.82 -18.92
C ASP A 42 7.05 -8.00 -17.98
N CYS A 43 8.21 -8.02 -17.34
CA CYS A 43 8.56 -9.10 -16.42
C CYS A 43 8.29 -8.68 -14.98
N ALA A 44 8.80 -7.53 -14.59
CA ALA A 44 8.62 -7.02 -13.23
C ALA A 44 7.14 -6.92 -12.88
N LEU A 45 6.77 -7.46 -11.72
CA LEU A 45 5.39 -7.44 -11.28
C LEU A 45 5.14 -6.29 -10.31
N ALA A 46 3.88 -6.02 -10.01
CA ALA A 46 3.52 -4.95 -9.08
C ALA A 46 3.61 -5.41 -7.63
N ARG A 47 4.15 -4.55 -6.78
CA ARG A 47 4.30 -4.87 -5.37
C ARG A 47 4.33 -3.61 -4.52
N LEU A 48 3.78 -3.68 -3.31
CA LEU A 48 3.75 -2.54 -2.40
C LEU A 48 4.84 -2.65 -1.35
N GLU A 49 5.72 -1.65 -1.31
CA GLU A 49 6.81 -1.63 -0.36
C GLU A 49 6.48 -0.74 0.84
N LEU A 50 7.03 -1.08 2.00
CA LEU A 50 6.78 -0.32 3.22
C LEU A 50 8.08 -0.13 4.01
N GLN A 51 8.12 0.93 4.81
CA GLN A 51 9.31 1.22 5.62
C GLN A 51 8.92 1.42 7.08
N GLU A 52 9.45 0.55 7.94
CA GLU A 52 9.16 0.63 9.38
C GLU A 52 10.21 1.45 10.09
N GLY A 53 9.94 1.78 11.35
CA GLY A 53 10.87 2.58 12.13
C GLY A 53 11.37 1.84 13.36
N PRO A 54 12.18 0.80 13.14
CA PRO A 54 12.74 -0.02 14.22
C PRO A 54 13.79 0.74 15.02
N GLU A 55 14.53 0.01 15.86
CA GLU A 55 15.57 0.61 16.68
C GLU A 55 16.95 0.13 16.25
N LYS A 56 17.12 -1.19 16.21
CA LYS A 56 18.39 -1.78 15.82
C LYS A 56 18.21 -3.23 15.37
N PRO A 57 19.11 -3.71 14.51
CA PRO A 57 19.07 -5.08 14.00
C PRO A 57 19.39 -6.11 15.07
N ARG A 58 18.35 -6.59 15.75
CA ARG A 58 18.52 -7.59 16.80
C ARG A 58 17.96 -8.94 16.38
N ARG A 59 16.68 -8.94 16.00
CA ARG A 59 16.02 -10.17 15.56
C ARG A 59 16.15 -10.36 14.06
N CYS A 60 16.40 -9.26 13.35
CA CYS A 60 16.53 -9.30 11.90
C CYS A 60 17.37 -8.12 11.40
N GLU A 61 18.43 -8.42 10.66
CA GLU A 61 19.30 -7.39 10.13
C GLU A 61 18.50 -6.33 9.36
N ALA A 62 17.64 -6.79 8.47
CA ALA A 62 16.81 -5.90 7.67
C ALA A 62 15.33 -6.12 7.96
N ALA A 63 14.68 -5.09 8.49
CA ALA A 63 13.25 -5.17 8.81
C ALA A 63 12.41 -4.51 7.72
N ARG A 64 12.16 -5.25 6.64
CA ARG A 64 11.37 -4.74 5.53
C ARG A 64 10.00 -5.40 5.50
N LYS A 65 9.01 -4.69 4.97
CA LYS A 65 7.66 -5.21 4.86
C LYS A 65 7.05 -4.91 3.50
N VAL A 66 6.92 -5.95 2.68
CA VAL A 66 6.35 -5.80 1.34
C VAL A 66 5.16 -6.73 1.14
N ILE A 67 4.10 -6.18 0.53
CA ILE A 67 2.90 -6.97 0.28
C ILE A 67 2.60 -7.06 -1.21
N ARG A 68 3.02 -8.17 -1.82
CA ARG A 68 2.80 -8.38 -3.25
C ARG A 68 1.35 -8.12 -3.62
N LEU A 69 1.11 -7.04 -4.35
CA LEU A 69 -0.24 -6.67 -4.77
C LEU A 69 -0.95 -7.88 -5.39
N SER A 70 -0.25 -8.58 -6.28
CA SER A 70 -0.82 -9.74 -6.94
C SER A 70 -1.38 -10.73 -5.92
N ASP A 71 -0.84 -10.70 -4.71
CA ASP A 71 -1.29 -11.59 -3.64
C ASP A 71 -2.67 -11.17 -3.14
N CYS A 72 -2.94 -9.87 -3.18
CA CYS A 72 -4.23 -9.35 -2.73
C CYS A 72 -5.38 -10.18 -3.27
N LEU A 73 -5.95 -11.03 -2.41
CA LEU A 73 -7.06 -11.88 -2.80
C LEU A 73 -8.32 -11.05 -3.07
N ARG A 74 -8.47 -9.96 -2.34
CA ARG A 74 -9.62 -9.08 -2.49
C ARG A 74 -9.41 -7.78 -1.72
N VAL A 75 -9.94 -6.69 -2.28
CA VAL A 75 -9.81 -5.38 -1.66
C VAL A 75 -11.13 -4.61 -1.71
N ALA A 76 -11.35 -3.74 -0.73
CA ALA A 76 -12.57 -2.94 -0.68
C ALA A 76 -12.28 -1.52 -0.19
N GLU A 77 -13.29 -0.67 -0.24
CA GLU A 77 -13.14 0.72 0.19
C GLU A 77 -14.03 1.00 1.40
N ALA A 78 -13.39 1.27 2.55
CA ALA A 78 -14.12 1.57 3.77
C ALA A 78 -14.35 3.07 3.93
N GLY A 79 -15.20 3.44 4.88
CA GLY A 79 -15.50 4.84 5.11
C GLY A 79 -14.82 5.37 6.35
N GLY A 80 -13.70 4.77 6.72
CA GLY A 80 -12.99 5.21 7.90
C GLY A 80 -13.77 4.98 9.18
N GLU A 81 -14.29 3.76 9.34
CA GLU A 81 -15.07 3.41 10.53
C GLU A 81 -14.16 2.89 11.63
N ALA A 82 -13.05 2.29 11.24
CA ALA A 82 -12.10 1.74 12.20
C ALA A 82 -11.58 2.82 13.14
N SER A 83 -10.75 2.42 14.09
CA SER A 83 -10.18 3.36 15.06
C SER A 83 -9.60 4.59 14.35
N SER A 84 -9.14 4.39 13.13
CA SER A 84 -8.57 5.49 12.35
C SER A 84 -9.33 6.79 12.59
N PRO A 85 -8.62 7.92 12.48
CA PRO A 85 -9.21 9.25 12.68
C PRO A 85 -10.19 9.62 11.56
N ARG A 86 -11.15 10.48 11.89
CA ARG A 86 -12.15 10.91 10.91
C ARG A 86 -11.49 11.75 9.82
N ASP A 87 -12.29 12.14 8.82
CA ASP A 87 -11.79 12.94 7.71
C ASP A 87 -10.86 12.12 6.81
N THR A 88 -11.07 10.81 6.81
CA THR A 88 -10.25 9.91 5.99
C THR A 88 -11.08 8.75 5.45
N SER A 89 -10.45 7.91 4.63
CA SER A 89 -11.13 6.77 4.04
C SER A 89 -10.22 5.54 4.04
N ALA A 90 -10.54 4.59 4.89
CA ALA A 90 -9.75 3.36 4.99
C ALA A 90 -10.15 2.36 3.90
N PHE A 91 -9.25 1.44 3.59
CA PHE A 91 -9.49 0.44 2.57
C PHE A 91 -9.17 -0.96 3.07
N PHE A 92 -9.82 -1.97 2.49
CA PHE A 92 -9.60 -3.35 2.90
C PHE A 92 -8.52 -3.99 2.03
N LEU A 93 -7.71 -4.85 2.66
CA LEU A 93 -6.63 -5.53 1.95
C LEU A 93 -6.48 -6.97 2.45
N GLU A 94 -6.94 -7.93 1.63
CA GLU A 94 -6.85 -9.33 1.98
C GLU A 94 -5.72 -10.02 1.23
N THR A 95 -4.89 -10.76 1.96
CA THR A 95 -3.77 -11.47 1.34
C THR A 95 -3.70 -12.91 1.83
N LYS A 96 -3.31 -13.82 0.94
CA LYS A 96 -3.19 -15.23 1.29
C LYS A 96 -2.72 -15.40 2.73
N GLU A 97 -1.82 -14.53 3.17
CA GLU A 97 -1.30 -14.59 4.52
C GLU A 97 -2.39 -14.24 5.54
N ARG A 98 -2.84 -12.99 5.52
CA ARG A 98 -3.87 -12.54 6.45
C ARG A 98 -4.55 -11.27 5.92
N LEU A 99 -5.46 -10.72 6.72
CA LEU A 99 -6.17 -9.51 6.34
C LEU A 99 -5.60 -8.29 7.03
N TYR A 100 -5.17 -7.31 6.24
CA TYR A 100 -4.59 -6.08 6.79
C TYR A 100 -5.54 -4.90 6.60
N LEU A 101 -5.86 -4.23 7.69
CA LEU A 101 -6.76 -3.08 7.64
C LEU A 101 -5.98 -1.78 7.75
N LEU A 102 -5.67 -1.18 6.61
CA LEU A 102 -4.93 0.07 6.57
C LEU A 102 -5.87 1.26 6.37
N ALA A 103 -5.36 2.46 6.64
CA ALA A 103 -6.16 3.67 6.48
C ALA A 103 -5.50 4.64 5.50
N ALA A 104 -6.32 5.30 4.69
CA ALA A 104 -5.81 6.25 3.71
C ALA A 104 -6.70 7.49 3.63
N PRO A 105 -6.11 8.62 3.23
CA PRO A 105 -6.82 9.89 3.10
C PRO A 105 -7.83 9.88 1.94
N ALA A 106 -9.08 10.20 2.25
CA ALA A 106 -10.13 10.24 1.24
C ALA A 106 -9.62 10.85 -0.06
N ALA A 107 -8.59 11.67 0.04
CA ALA A 107 -8.01 12.32 -1.13
C ALA A 107 -7.24 11.32 -1.98
N GLU A 108 -6.36 10.54 -1.35
CA GLU A 108 -5.57 9.55 -2.05
C GLU A 108 -6.37 8.27 -2.28
N ARG A 109 -7.05 7.81 -1.23
CA ARG A 109 -7.86 6.60 -1.30
C ARG A 109 -8.49 6.45 -2.69
N GLY A 110 -9.28 7.45 -3.08
CA GLY A 110 -9.93 7.40 -4.38
C GLY A 110 -9.04 6.81 -5.45
N ASP A 111 -7.84 7.34 -5.60
CA ASP A 111 -6.90 6.85 -6.59
C ASP A 111 -6.30 5.52 -6.16
N TRP A 112 -5.86 5.45 -4.92
CA TRP A 112 -5.26 4.24 -4.37
C TRP A 112 -6.05 3.01 -4.80
N VAL A 113 -7.23 2.84 -4.20
CA VAL A 113 -8.08 1.70 -4.53
C VAL A 113 -8.11 1.44 -6.02
N GLN A 114 -8.32 2.49 -6.80
CA GLN A 114 -8.38 2.37 -8.25
C GLN A 114 -7.12 1.70 -8.79
N ALA A 115 -5.97 2.34 -8.56
CA ALA A 115 -4.70 1.81 -9.02
C ALA A 115 -4.47 0.40 -8.49
N ILE A 116 -4.49 0.26 -7.17
CA ILE A 116 -4.29 -1.04 -6.54
C ILE A 116 -5.14 -2.12 -7.20
N CYS A 117 -6.44 -1.85 -7.29
CA CYS A 117 -7.37 -2.80 -7.90
C CYS A 117 -7.04 -3.01 -9.37
N LEU A 118 -6.43 -2.01 -9.99
CA LEU A 118 -6.06 -2.09 -11.40
C LEU A 118 -4.84 -2.97 -11.59
N LEU A 119 -3.93 -2.96 -10.61
CA LEU A 119 -2.73 -3.76 -10.66
C LEU A 119 -2.93 -5.10 -9.96
N ALA A 120 -3.19 -5.05 -8.66
CA ALA A 120 -3.40 -6.26 -7.88
C ALA A 120 -4.32 -7.24 -8.62
N PHE A 121 -5.34 -6.70 -9.27
CA PHE A 121 -6.28 -7.53 -10.02
C PHE A 121 -6.13 -7.31 -11.52
N SER A 122 -4.88 -7.24 -11.98
CA SER A 122 -4.59 -7.02 -13.39
C SER A 122 -4.70 -8.34 -14.16
N GLY A 123 -3.83 -9.28 -13.84
CA GLY A 123 -3.84 -10.57 -14.51
C GLY A 123 -3.72 -11.73 -13.55
N PRO A 124 -4.86 -12.14 -12.96
CA PRO A 124 -4.89 -13.25 -12.00
C PRO A 124 -4.64 -14.59 -12.67
N SER A 125 -4.22 -15.58 -11.88
CA SER A 125 -3.93 -16.91 -12.39
C SER A 125 -4.30 -17.98 -11.36
N SER A 126 -4.88 -19.07 -11.83
CA SER A 126 -5.28 -20.17 -10.95
C SER A 126 -4.53 -21.45 -11.30
N GLY A 127 -3.38 -21.65 -10.66
CA GLY A 127 -2.58 -22.83 -10.93
C GLY A 127 -3.28 -24.11 -10.49
N GLY A 1 4.75 11.19 -19.94
CA GLY A 1 5.56 10.06 -20.39
C GLY A 1 6.31 9.41 -19.24
N SER A 2 7.60 9.17 -19.45
CA SER A 2 8.44 8.55 -18.43
C SER A 2 9.36 9.57 -17.78
N SER A 3 9.78 9.28 -16.55
CA SER A 3 10.67 10.18 -15.82
C SER A 3 12.13 9.73 -15.96
N GLY A 4 12.50 9.33 -17.17
CA GLY A 4 13.86 8.88 -17.41
C GLY A 4 13.93 7.43 -17.82
N SER A 5 14.98 7.07 -18.56
CA SER A 5 15.16 5.71 -19.03
C SER A 5 16.49 5.14 -18.55
N SER A 6 17.55 5.93 -18.68
CA SER A 6 18.88 5.51 -18.27
C SER A 6 19.06 5.68 -16.76
N GLY A 7 18.82 4.61 -16.01
CA GLY A 7 18.95 4.66 -14.58
C GLY A 7 18.34 3.46 -13.88
N MET A 8 18.98 2.99 -12.82
CA MET A 8 18.50 1.84 -12.08
C MET A 8 17.37 2.24 -11.14
N GLY A 9 16.13 1.90 -11.52
CA GLY A 9 14.99 2.23 -10.70
C GLY A 9 13.71 2.35 -11.50
N ASP A 10 12.85 1.33 -11.40
CA ASP A 10 11.59 1.33 -12.12
C ASP A 10 10.85 2.66 -11.96
N GLY A 11 10.72 3.10 -10.71
CA GLY A 11 10.04 4.35 -10.44
C GLY A 11 8.61 4.14 -9.97
N ALA A 12 8.40 4.26 -8.66
CA ALA A 12 7.07 4.08 -8.09
C ALA A 12 6.03 4.87 -8.86
N VAL A 13 4.99 4.18 -9.32
CA VAL A 13 3.92 4.83 -10.09
C VAL A 13 3.22 5.90 -9.26
N LYS A 14 2.89 5.55 -8.02
CA LYS A 14 2.21 6.48 -7.11
C LYS A 14 2.75 6.34 -5.69
N GLN A 15 3.32 7.42 -5.17
CA GLN A 15 3.86 7.42 -3.82
C GLN A 15 2.91 8.10 -2.85
N GLY A 16 3.06 7.79 -1.56
CA GLY A 16 2.21 8.40 -0.55
C GLY A 16 2.46 7.82 0.83
N PHE A 17 1.54 8.10 1.75
CA PHE A 17 1.67 7.60 3.13
C PHE A 17 0.47 6.75 3.51
N LEU A 18 0.75 5.54 3.98
CA LEU A 18 -0.32 4.62 4.38
C LEU A 18 -0.17 4.23 5.85
N TYR A 19 -1.29 4.21 6.57
CA TYR A 19 -1.28 3.86 7.98
C TYR A 19 -1.64 2.39 8.19
N LEU A 20 -0.81 1.69 8.95
CA LEU A 20 -1.03 0.27 9.22
C LEU A 20 -1.26 0.03 10.71
N GLN A 21 -2.42 -0.56 11.02
CA GLN A 21 -2.76 -0.85 12.42
C GLN A 21 -2.16 -2.18 12.86
N GLN A 22 -1.36 -2.14 13.92
CA GLN A 22 -0.73 -3.33 14.45
C GLN A 22 -1.58 -3.98 15.52
N GLN A 23 -2.05 -5.20 15.25
CA GLN A 23 -2.88 -5.92 16.20
C GLN A 23 -2.06 -6.89 17.04
N GLN A 24 -2.61 -7.32 18.17
CA GLN A 24 -1.91 -8.24 19.06
C GLN A 24 -0.47 -7.80 19.28
N THR A 25 -0.29 -6.51 19.56
CA THR A 25 1.05 -5.96 19.79
C THR A 25 0.98 -4.63 20.54
N PHE A 26 1.92 -4.41 21.43
CA PHE A 26 1.97 -3.19 22.22
C PHE A 26 1.71 -1.97 21.34
N GLY A 27 0.69 -1.19 21.70
CA GLY A 27 0.36 0.00 20.93
C GLY A 27 -1.05 -0.06 20.37
N LYS A 28 -1.29 -1.01 19.48
CA LYS A 28 -2.60 -1.17 18.87
C LYS A 28 -3.12 0.17 18.33
N LYS A 29 -2.29 0.85 17.56
CA LYS A 29 -2.67 2.14 16.99
C LYS A 29 -2.09 2.30 15.59
N TRP A 30 -2.48 3.37 14.91
CA TRP A 30 -2.00 3.64 13.56
C TRP A 30 -0.53 4.03 13.57
N ARG A 31 0.24 3.42 12.67
CA ARG A 31 1.67 3.70 12.57
C ARG A 31 2.03 4.21 11.18
N ARG A 32 2.82 5.28 11.13
CA ARG A 32 3.24 5.86 9.86
C ARG A 32 4.25 4.96 9.16
N PHE A 33 4.05 4.76 7.86
CA PHE A 33 4.93 3.91 7.07
C PHE A 33 4.96 4.37 5.61
N GLY A 34 6.16 4.59 5.09
CA GLY A 34 6.30 5.03 3.71
C GLY A 34 5.72 4.03 2.73
N ALA A 35 4.66 4.43 2.03
CA ALA A 35 4.01 3.57 1.06
C ALA A 35 4.51 3.86 -0.35
N SER A 36 4.95 2.82 -1.05
CA SER A 36 5.46 2.98 -2.40
C SER A 36 4.78 1.98 -3.35
N LEU A 37 3.95 2.50 -4.25
CA LEU A 37 3.25 1.66 -5.21
C LEU A 37 4.03 1.53 -6.51
N TYR A 38 4.40 0.29 -6.86
CA TYR A 38 5.16 0.04 -8.07
C TYR A 38 4.37 -0.86 -9.02
N GLY A 39 4.21 -0.41 -10.26
CA GLY A 39 3.48 -1.19 -11.25
C GLY A 39 3.38 -0.48 -12.58
N GLY A 40 2.97 -1.21 -13.61
CA GLY A 40 2.84 -0.63 -14.93
C GLY A 40 2.62 -1.68 -16.01
N SER A 41 2.54 -1.23 -17.26
CA SER A 41 2.33 -2.14 -18.38
C SER A 41 3.67 -2.65 -18.92
N ASP A 42 4.69 -1.81 -18.84
CA ASP A 42 6.02 -2.18 -19.32
C ASP A 42 6.49 -3.47 -18.67
N CYS A 43 6.79 -3.41 -17.38
CA CYS A 43 7.25 -4.57 -16.64
C CYS A 43 6.16 -5.10 -15.71
N ALA A 44 6.12 -6.42 -15.54
CA ALA A 44 5.13 -7.05 -14.68
C ALA A 44 5.59 -7.07 -13.23
N LEU A 45 6.53 -6.19 -12.90
CA LEU A 45 7.06 -6.11 -11.54
C LEU A 45 6.17 -5.23 -10.66
N ALA A 46 5.03 -5.77 -10.25
CA ALA A 46 4.10 -5.03 -9.40
C ALA A 46 4.11 -5.58 -7.98
N ARG A 47 4.29 -4.70 -7.01
CA ARG A 47 4.32 -5.08 -5.61
C ARG A 47 4.24 -3.86 -4.70
N LEU A 48 3.70 -4.06 -3.50
CA LEU A 48 3.56 -2.97 -2.54
C LEU A 48 4.68 -3.02 -1.49
N GLU A 49 5.43 -1.94 -1.39
CA GLU A 49 6.53 -1.86 -0.44
C GLU A 49 6.17 -0.94 0.73
N LEU A 50 6.76 -1.21 1.89
CA LEU A 50 6.50 -0.40 3.08
C LEU A 50 7.81 0.04 3.73
N GLN A 51 7.80 1.24 4.31
CA GLN A 51 8.98 1.78 4.97
C GLN A 51 8.70 2.07 6.44
N GLU A 52 9.76 2.21 7.23
CA GLU A 52 9.62 2.49 8.66
C GLU A 52 9.34 3.98 8.88
N GLY A 53 10.08 4.83 8.19
CA GLY A 53 9.89 6.26 8.33
C GLY A 53 11.13 7.05 7.94
N PRO A 54 12.11 7.12 8.85
CA PRO A 54 13.36 7.85 8.61
C PRO A 54 14.24 7.16 7.57
N GLU A 55 14.32 5.84 7.63
CA GLU A 55 15.12 5.07 6.69
C GLU A 55 16.47 5.75 6.43
N LYS A 56 16.93 6.53 7.42
CA LYS A 56 18.19 7.24 7.30
C LYS A 56 19.21 6.40 6.54
N PRO A 57 20.07 7.07 5.75
CA PRO A 57 21.11 6.41 4.96
C PRO A 57 22.22 5.84 5.82
N ARG A 58 22.55 6.54 6.90
CA ARG A 58 23.59 6.11 7.82
C ARG A 58 23.46 4.62 8.12
N ARG A 59 22.36 4.25 8.78
CA ARG A 59 22.11 2.87 9.14
C ARG A 59 20.97 2.29 8.30
N CYS A 60 21.25 1.15 7.65
CA CYS A 60 20.25 0.50 6.81
C CYS A 60 19.90 -0.88 7.36
N GLU A 61 18.61 -1.15 7.49
CA GLU A 61 18.14 -2.43 8.01
C GLU A 61 17.09 -3.05 7.08
N ALA A 62 16.83 -4.34 7.25
CA ALA A 62 15.85 -5.04 6.43
C ALA A 62 14.53 -5.19 7.18
N ALA A 63 14.11 -4.12 7.85
CA ALA A 63 12.85 -4.14 8.60
C ALA A 63 11.70 -3.65 7.73
N ARG A 64 11.80 -3.87 6.42
CA ARG A 64 10.77 -3.46 5.49
C ARG A 64 10.00 -4.67 4.97
N LYS A 65 8.68 -4.51 4.84
CA LYS A 65 7.82 -5.58 4.35
C LYS A 65 7.30 -5.26 2.96
N VAL A 66 7.15 -6.30 2.13
CA VAL A 66 6.65 -6.13 0.77
C VAL A 66 5.50 -7.09 0.49
N ILE A 67 4.32 -6.53 0.21
CA ILE A 67 3.15 -7.34 -0.09
C ILE A 67 2.75 -7.23 -1.55
N ARG A 68 3.21 -8.17 -2.36
CA ARG A 68 2.90 -8.18 -3.79
C ARG A 68 1.40 -8.07 -4.02
N LEU A 69 1.02 -7.21 -4.96
CA LEU A 69 -0.40 -7.01 -5.28
C LEU A 69 -1.02 -8.29 -5.83
N SER A 70 -0.18 -9.27 -6.13
CA SER A 70 -0.64 -10.55 -6.66
C SER A 70 -1.24 -11.41 -5.55
N ASP A 71 -0.72 -11.26 -4.34
CA ASP A 71 -1.19 -12.02 -3.20
C ASP A 71 -2.56 -11.50 -2.73
N CYS A 72 -2.77 -10.20 -2.91
CA CYS A 72 -4.03 -9.58 -2.51
C CYS A 72 -5.22 -10.35 -3.06
N LEU A 73 -5.78 -11.23 -2.23
CA LEU A 73 -6.93 -12.04 -2.64
C LEU A 73 -8.10 -11.16 -3.06
N ARG A 74 -8.35 -10.11 -2.27
CA ARG A 74 -9.44 -9.19 -2.55
C ARG A 74 -9.29 -7.90 -1.76
N VAL A 75 -9.88 -6.82 -2.26
CA VAL A 75 -9.80 -5.52 -1.60
C VAL A 75 -11.13 -4.78 -1.69
N ALA A 76 -11.28 -3.75 -0.87
CA ALA A 76 -12.50 -2.96 -0.86
C ALA A 76 -12.28 -1.62 -0.16
N GLU A 77 -13.31 -0.78 -0.15
CA GLU A 77 -13.23 0.53 0.47
C GLU A 77 -14.01 0.56 1.80
N ALA A 78 -13.30 0.85 2.88
CA ALA A 78 -13.92 0.92 4.20
C ALA A 78 -14.36 2.33 4.54
N GLY A 79 -15.06 2.97 3.61
CA GLY A 79 -15.53 4.32 3.84
C GLY A 79 -16.68 4.39 4.82
N GLY A 80 -17.17 3.23 5.23
CA GLY A 80 -18.27 3.18 6.17
C GLY A 80 -17.87 3.61 7.57
N GLU A 81 -17.18 2.73 8.29
CA GLU A 81 -16.74 3.03 9.64
C GLU A 81 -15.42 2.34 9.95
N ALA A 82 -14.53 3.04 10.64
CA ALA A 82 -13.23 2.49 11.00
C ALA A 82 -12.48 3.42 11.94
N SER A 83 -11.55 2.87 12.69
CA SER A 83 -10.76 3.65 13.65
C SER A 83 -10.37 5.00 13.04
N SER A 84 -10.18 5.02 11.73
CA SER A 84 -9.81 6.25 11.03
C SER A 84 -10.87 7.33 11.22
N PRO A 85 -10.42 8.59 11.28
CA PRO A 85 -11.31 9.74 11.46
C PRO A 85 -12.18 10.00 10.23
N ARG A 86 -13.31 10.67 10.44
CA ARG A 86 -14.23 10.97 9.35
C ARG A 86 -13.53 11.77 8.26
N ASP A 87 -12.39 12.36 8.59
CA ASP A 87 -11.61 13.15 7.65
C ASP A 87 -10.70 12.26 6.82
N THR A 88 -10.96 10.96 6.84
CA THR A 88 -10.15 10.00 6.10
C THR A 88 -10.99 8.81 5.65
N SER A 89 -10.42 7.98 4.79
CA SER A 89 -11.11 6.80 4.28
C SER A 89 -10.16 5.62 4.16
N ALA A 90 -10.27 4.66 5.08
CA ALA A 90 -9.42 3.49 5.06
C ALA A 90 -9.91 2.46 4.05
N PHE A 91 -9.02 1.57 3.62
CA PHE A 91 -9.36 0.54 2.65
C PHE A 91 -9.01 -0.85 3.18
N PHE A 92 -9.60 -1.87 2.57
CA PHE A 92 -9.36 -3.24 2.98
C PHE A 92 -8.22 -3.86 2.17
N LEU A 93 -7.68 -4.96 2.66
CA LEU A 93 -6.58 -5.65 1.99
C LEU A 93 -6.42 -7.07 2.52
N GLU A 94 -6.83 -8.05 1.71
CA GLU A 94 -6.73 -9.45 2.10
C GLU A 94 -5.70 -10.19 1.24
N THR A 95 -4.71 -10.77 1.88
CA THR A 95 -3.66 -11.50 1.17
C THR A 95 -3.46 -12.88 1.76
N LYS A 96 -2.88 -13.78 0.96
CA LYS A 96 -2.63 -15.15 1.41
C LYS A 96 -2.13 -15.18 2.85
N GLU A 97 -1.24 -14.25 3.18
CA GLU A 97 -0.70 -14.16 4.53
C GLU A 97 -1.81 -13.91 5.56
N ARG A 98 -2.38 -12.71 5.51
CA ARG A 98 -3.45 -12.35 6.43
C ARG A 98 -4.17 -11.09 5.95
N LEU A 99 -5.23 -10.72 6.66
CA LEU A 99 -6.00 -9.53 6.30
C LEU A 99 -5.43 -8.28 6.95
N TYR A 100 -4.95 -7.36 6.12
CA TYR A 100 -4.38 -6.11 6.61
C TYR A 100 -5.37 -4.95 6.47
N LEU A 101 -5.51 -4.17 7.53
CA LEU A 101 -6.40 -3.03 7.52
C LEU A 101 -5.63 -1.71 7.65
N LEU A 102 -5.38 -1.07 6.51
CA LEU A 102 -4.66 0.19 6.49
C LEU A 102 -5.60 1.36 6.25
N ALA A 103 -5.14 2.56 6.59
CA ALA A 103 -5.95 3.76 6.40
C ALA A 103 -5.34 4.67 5.33
N ALA A 104 -6.20 5.43 4.66
CA ALA A 104 -5.75 6.35 3.62
C ALA A 104 -6.66 7.56 3.52
N PRO A 105 -6.11 8.68 3.04
CA PRO A 105 -6.86 9.94 2.88
C PRO A 105 -7.90 9.85 1.77
N ALA A 106 -9.17 10.03 2.15
CA ALA A 106 -10.26 9.97 1.18
C ALA A 106 -9.91 10.73 -0.09
N ALA A 107 -8.96 11.67 0.03
CA ALA A 107 -8.54 12.46 -1.12
C ALA A 107 -7.78 11.61 -2.13
N GLU A 108 -6.92 10.74 -1.63
CA GLU A 108 -6.13 9.86 -2.49
C GLU A 108 -6.80 8.50 -2.65
N ARG A 109 -7.66 8.15 -1.70
CA ARG A 109 -8.37 6.88 -1.73
C ARG A 109 -8.88 6.58 -3.13
N GLY A 110 -9.59 7.54 -3.71
CA GLY A 110 -10.13 7.36 -5.05
C GLY A 110 -9.16 6.66 -5.98
N ASP A 111 -7.92 7.14 -6.00
CA ASP A 111 -6.89 6.56 -6.86
C ASP A 111 -6.33 5.28 -6.24
N TRP A 112 -5.81 5.40 -5.02
CA TRP A 112 -5.24 4.25 -4.32
C TRP A 112 -6.02 2.98 -4.65
N VAL A 113 -7.24 2.90 -4.16
CA VAL A 113 -8.09 1.74 -4.39
C VAL A 113 -8.15 1.39 -5.88
N GLN A 114 -8.20 2.42 -6.72
CA GLN A 114 -8.27 2.23 -8.16
C GLN A 114 -7.01 1.53 -8.66
N ALA A 115 -5.87 2.23 -8.58
CA ALA A 115 -4.61 1.67 -9.03
C ALA A 115 -4.39 0.26 -8.48
N ILE A 116 -4.49 0.13 -7.16
CA ILE A 116 -4.31 -1.17 -6.52
C ILE A 116 -5.26 -2.21 -7.09
N CYS A 117 -6.54 -1.84 -7.20
CA CYS A 117 -7.55 -2.74 -7.74
C CYS A 117 -7.37 -2.92 -9.24
N LEU A 118 -6.66 -1.99 -9.87
CA LEU A 118 -6.41 -2.04 -11.31
C LEU A 118 -5.25 -2.97 -11.62
N LEU A 119 -4.33 -3.11 -10.67
CA LEU A 119 -3.16 -3.97 -10.85
C LEU A 119 -3.35 -5.30 -10.13
N ALA A 120 -3.63 -5.23 -8.83
CA ALA A 120 -3.84 -6.43 -8.03
C ALA A 120 -4.79 -7.40 -8.73
N PHE A 121 -5.65 -6.86 -9.58
CA PHE A 121 -6.62 -7.67 -10.31
C PHE A 121 -6.58 -7.36 -11.80
N SER A 122 -5.37 -7.12 -12.32
CA SER A 122 -5.19 -6.82 -13.72
C SER A 122 -5.48 -8.03 -14.60
N GLY A 123 -6.77 -8.30 -14.83
CA GLY A 123 -7.15 -9.44 -15.64
C GLY A 123 -7.23 -10.72 -14.83
N PRO A 124 -8.09 -11.65 -15.27
CA PRO A 124 -8.28 -12.94 -14.59
C PRO A 124 -7.08 -13.85 -14.76
N SER A 125 -7.26 -15.13 -14.44
CA SER A 125 -6.18 -16.10 -14.56
C SER A 125 -6.55 -17.21 -15.54
N SER A 126 -7.64 -17.91 -15.25
CA SER A 126 -8.10 -18.99 -16.11
C SER A 126 -9.50 -18.71 -16.66
N GLY A 127 -9.95 -19.54 -17.59
CA GLY A 127 -11.26 -19.35 -18.17
C GLY A 127 -11.21 -18.61 -19.49
N GLY A 1 7.91 4.24 -25.19
CA GLY A 1 8.17 5.36 -26.08
C GLY A 1 8.46 6.64 -25.31
N SER A 2 8.04 7.77 -25.89
CA SER A 2 8.25 9.06 -25.26
C SER A 2 6.99 9.53 -24.52
N SER A 3 6.34 8.59 -23.84
CA SER A 3 5.12 8.90 -23.10
C SER A 3 5.34 10.09 -22.17
N GLY A 4 4.62 11.18 -22.46
CA GLY A 4 4.75 12.39 -21.64
C GLY A 4 4.10 12.23 -20.28
N SER A 5 3.42 13.28 -19.82
CA SER A 5 2.76 13.26 -18.52
C SER A 5 3.71 12.79 -17.43
N SER A 6 4.94 13.28 -17.48
CA SER A 6 5.96 12.91 -16.50
C SER A 6 6.18 14.04 -15.49
N GLY A 7 6.02 13.71 -14.21
CA GLY A 7 6.21 14.70 -13.17
C GLY A 7 5.91 14.16 -11.79
N MET A 8 6.40 14.84 -10.76
CA MET A 8 6.18 14.42 -9.38
C MET A 8 6.27 12.90 -9.26
N GLY A 9 7.01 12.28 -10.17
CA GLY A 9 7.16 10.83 -10.15
C GLY A 9 8.44 10.37 -10.82
N ASP A 10 9.32 9.75 -10.04
CA ASP A 10 10.59 9.26 -10.57
C ASP A 10 10.55 7.75 -10.75
N GLY A 11 10.00 7.06 -9.77
CA GLY A 11 9.90 5.61 -9.86
C GLY A 11 8.47 5.11 -9.75
N ALA A 12 8.13 4.51 -8.61
CA ALA A 12 6.80 3.99 -8.39
C ALA A 12 5.74 4.89 -9.02
N VAL A 13 4.69 4.28 -9.54
CA VAL A 13 3.61 5.02 -10.18
C VAL A 13 3.05 6.09 -9.24
N LYS A 14 2.84 5.71 -7.99
CA LYS A 14 2.31 6.63 -6.98
C LYS A 14 3.06 6.50 -5.67
N GLN A 15 3.25 7.61 -4.97
CA GLN A 15 3.94 7.61 -3.69
C GLN A 15 3.11 8.30 -2.61
N GLY A 16 2.99 7.66 -1.46
CA GLY A 16 2.22 8.23 -0.37
C GLY A 16 2.47 7.52 0.94
N PHE A 17 1.87 8.04 2.02
CA PHE A 17 2.04 7.45 3.34
C PHE A 17 0.82 6.63 3.72
N LEU A 18 1.06 5.36 4.07
CA LEU A 18 -0.03 4.47 4.45
C LEU A 18 0.07 4.09 5.94
N TYR A 19 -1.08 3.93 6.58
CA TYR A 19 -1.11 3.58 8.00
C TYR A 19 -1.57 2.13 8.18
N LEU A 20 -0.90 1.42 9.08
CA LEU A 20 -1.23 0.03 9.36
C LEU A 20 -1.62 -0.16 10.82
N GLN A 21 -2.91 -0.25 11.08
CA GLN A 21 -3.41 -0.44 12.45
C GLN A 21 -3.10 -1.83 12.95
N GLN A 22 -2.29 -1.92 14.00
CA GLN A 22 -1.91 -3.19 14.58
C GLN A 22 -2.66 -3.45 15.88
N GLN A 23 -3.88 -3.97 15.76
CA GLN A 23 -4.70 -4.26 16.93
C GLN A 23 -4.76 -5.75 17.20
N GLN A 24 -3.61 -6.42 17.11
CA GLN A 24 -3.53 -7.85 17.34
C GLN A 24 -2.80 -8.15 18.64
N THR A 25 -1.69 -7.45 18.88
CA THR A 25 -0.91 -7.65 20.08
C THR A 25 -1.43 -6.80 21.23
N PHE A 26 -1.22 -5.49 21.14
CA PHE A 26 -1.68 -4.58 22.18
C PHE A 26 -1.53 -3.12 21.72
N GLY A 27 -2.33 -2.23 22.31
CA GLY A 27 -2.28 -0.83 21.95
C GLY A 27 -2.49 -0.60 20.47
N LYS A 28 -3.66 -0.09 20.12
CA LYS A 28 -4.00 0.18 18.72
C LYS A 28 -3.70 1.63 18.36
N LYS A 29 -2.64 1.84 17.60
CA LYS A 29 -2.24 3.18 17.19
C LYS A 29 -1.77 3.18 15.73
N TRP A 30 -2.36 4.04 14.92
CA TRP A 30 -1.99 4.14 13.51
C TRP A 30 -0.53 4.53 13.36
N ARG A 31 0.22 3.74 12.60
CA ARG A 31 1.63 4.01 12.38
C ARG A 31 1.90 4.36 10.91
N ARG A 32 2.62 5.45 10.69
CA ARG A 32 2.94 5.88 9.34
C ARG A 32 4.07 5.04 8.75
N PHE A 33 3.91 4.66 7.49
CA PHE A 33 4.91 3.86 6.80
C PHE A 33 5.01 4.24 5.33
N GLY A 34 6.21 4.58 4.89
CA GLY A 34 6.42 4.97 3.50
C GLY A 34 5.99 3.89 2.53
N ALA A 35 4.88 4.13 1.84
CA ALA A 35 4.36 3.17 0.87
C ALA A 35 4.78 3.54 -0.55
N SER A 36 4.90 2.53 -1.40
CA SER A 36 5.30 2.74 -2.79
C SER A 36 4.55 1.80 -3.72
N LEU A 37 3.84 2.37 -4.69
CA LEU A 37 3.08 1.57 -5.65
C LEU A 37 3.90 1.30 -6.90
N TYR A 38 4.34 0.05 -7.04
CA TYR A 38 5.15 -0.34 -8.19
C TYR A 38 4.35 -1.26 -9.13
N GLY A 39 4.66 -1.19 -10.42
CA GLY A 39 3.97 -2.01 -11.39
C GLY A 39 3.88 -1.36 -12.75
N GLY A 40 3.20 -2.01 -13.69
CA GLY A 40 3.04 -1.46 -15.02
C GLY A 40 1.97 -2.17 -15.83
N SER A 41 2.26 -2.44 -17.09
CA SER A 41 1.31 -3.11 -17.97
C SER A 41 1.93 -4.35 -18.60
N ASP A 42 3.24 -4.28 -18.84
CA ASP A 42 3.96 -5.40 -19.44
C ASP A 42 4.30 -6.46 -18.41
N CYS A 43 3.29 -6.88 -17.65
CA CYS A 43 3.47 -7.90 -16.62
C CYS A 43 4.75 -7.64 -15.84
N ALA A 44 4.90 -6.43 -15.32
CA ALA A 44 6.09 -6.07 -14.56
C ALA A 44 5.93 -6.44 -13.09
N LEU A 45 6.96 -6.16 -12.30
CA LEU A 45 6.94 -6.48 -10.86
C LEU A 45 6.06 -5.49 -10.11
N ALA A 46 4.81 -5.85 -9.89
CA ALA A 46 3.87 -5.01 -9.17
C ALA A 46 3.72 -5.45 -7.71
N ARG A 47 3.96 -4.53 -6.79
CA ARG A 47 3.85 -4.83 -5.37
C ARG A 47 3.90 -3.55 -4.53
N LEU A 48 3.45 -3.63 -3.29
CA LEU A 48 3.45 -2.49 -2.39
C LEU A 48 4.59 -2.57 -1.39
N GLU A 49 5.54 -1.65 -1.51
CA GLU A 49 6.69 -1.61 -0.61
C GLU A 49 6.41 -0.76 0.62
N LEU A 50 6.74 -1.27 1.79
CA LEU A 50 6.52 -0.57 3.04
C LEU A 50 7.79 -0.52 3.89
N GLN A 51 7.95 0.53 4.67
CA GLN A 51 9.12 0.69 5.52
C GLN A 51 8.73 1.28 6.87
N GLU A 52 9.27 0.70 7.94
CA GLU A 52 8.98 1.16 9.29
C GLU A 52 10.00 2.21 9.74
N GLY A 53 11.28 1.86 9.60
CA GLY A 53 12.33 2.78 9.99
C GLY A 53 12.01 3.54 11.27
N PRO A 54 11.89 2.80 12.38
CA PRO A 54 11.58 3.40 13.69
C PRO A 54 12.72 4.24 14.24
N GLU A 55 13.81 4.29 13.49
CA GLU A 55 14.99 5.06 13.91
C GLU A 55 15.62 5.77 12.72
N LYS A 56 16.56 6.67 13.00
CA LYS A 56 17.26 7.41 11.94
C LYS A 56 17.55 6.52 10.75
N PRO A 57 17.50 7.10 9.54
CA PRO A 57 17.76 6.37 8.30
C PRO A 57 19.22 5.99 8.15
N ARG A 58 20.05 6.43 9.09
CA ARG A 58 21.47 6.12 9.07
C ARG A 58 21.71 4.67 8.67
N ARG A 59 21.03 3.75 9.35
CA ARG A 59 21.17 2.33 9.06
C ARG A 59 21.02 2.06 7.57
N CYS A 60 21.69 1.01 7.10
CA CYS A 60 21.64 0.64 5.69
C CYS A 60 21.33 -0.84 5.52
N GLU A 61 20.69 -1.19 4.41
CA GLU A 61 20.33 -2.58 4.13
C GLU A 61 19.42 -3.13 5.22
N ALA A 62 18.53 -2.28 5.73
CA ALA A 62 17.60 -2.68 6.77
C ALA A 62 16.41 -3.43 6.18
N ALA A 63 16.11 -4.60 6.75
CA ALA A 63 15.00 -5.42 6.28
C ALA A 63 13.81 -4.55 5.91
N ARG A 64 13.08 -4.97 4.88
CA ARG A 64 11.90 -4.23 4.42
C ARG A 64 10.68 -5.13 4.37
N LYS A 65 9.50 -4.52 4.37
CA LYS A 65 8.24 -5.26 4.33
C LYS A 65 7.45 -4.91 3.08
N VAL A 66 7.37 -5.85 2.15
CA VAL A 66 6.64 -5.64 0.90
C VAL A 66 5.45 -6.59 0.80
N ILE A 67 4.39 -6.12 0.16
CA ILE A 67 3.18 -6.93 -0.01
C ILE A 67 2.78 -7.01 -1.48
N ARG A 68 3.19 -8.08 -2.14
CA ARG A 68 2.87 -8.29 -3.54
C ARG A 68 1.37 -8.13 -3.79
N LEU A 69 1.02 -7.31 -4.78
CA LEU A 69 -0.38 -7.07 -5.11
C LEU A 69 -1.01 -8.31 -5.74
N SER A 70 -0.28 -8.94 -6.66
CA SER A 70 -0.78 -10.14 -7.33
C SER A 70 -1.32 -11.15 -6.32
N ASP A 71 -0.83 -11.06 -5.09
CA ASP A 71 -1.26 -11.97 -4.03
C ASP A 71 -2.59 -11.50 -3.43
N CYS A 72 -2.82 -10.19 -3.44
CA CYS A 72 -4.05 -9.62 -2.89
C CYS A 72 -5.26 -10.43 -3.36
N LEU A 73 -5.80 -11.24 -2.44
CA LEU A 73 -6.97 -12.05 -2.76
C LEU A 73 -8.18 -11.18 -3.09
N ARG A 74 -8.35 -10.10 -2.33
CA ARG A 74 -9.46 -9.20 -2.56
C ARG A 74 -9.29 -7.91 -1.74
N VAL A 75 -9.85 -6.82 -2.24
CA VAL A 75 -9.76 -5.53 -1.55
C VAL A 75 -11.11 -4.82 -1.54
N ALA A 76 -11.19 -3.75 -0.75
CA ALA A 76 -12.43 -2.98 -0.64
C ALA A 76 -12.17 -1.61 -0.04
N GLU A 77 -13.21 -0.81 0.08
CA GLU A 77 -13.10 0.53 0.64
C GLU A 77 -13.93 0.66 1.92
N ALA A 78 -13.35 1.31 2.93
CA ALA A 78 -14.04 1.51 4.20
C ALA A 78 -13.88 2.93 4.70
N GLY A 79 -14.61 3.27 5.76
CA GLY A 79 -14.53 4.62 6.31
C GLY A 79 -15.44 4.79 7.51
N GLY A 80 -15.05 5.71 8.41
CA GLY A 80 -15.83 5.95 9.60
C GLY A 80 -15.80 4.78 10.57
N GLU A 81 -16.51 3.71 10.22
CA GLU A 81 -16.56 2.53 11.07
C GLU A 81 -15.19 2.24 11.68
N ALA A 82 -14.14 2.57 10.94
CA ALA A 82 -12.78 2.35 11.43
C ALA A 82 -12.32 3.49 12.32
N SER A 83 -11.43 3.18 13.26
CA SER A 83 -10.91 4.20 14.18
C SER A 83 -10.46 5.45 13.42
N SER A 84 -9.91 5.24 12.23
CA SER A 84 -9.44 6.35 11.40
C SER A 84 -10.36 7.56 11.54
N PRO A 85 -9.77 8.76 11.42
CA PRO A 85 -10.52 10.02 11.53
C PRO A 85 -11.45 10.25 10.34
N ARG A 86 -12.45 11.10 10.53
CA ARG A 86 -13.40 11.40 9.48
C ARG A 86 -12.72 12.10 8.30
N ASP A 87 -11.57 12.70 8.57
CA ASP A 87 -10.81 13.40 7.55
C ASP A 87 -10.05 12.42 6.67
N THR A 88 -10.30 11.13 6.88
CA THR A 88 -9.64 10.09 6.10
C THR A 88 -10.53 8.86 5.95
N SER A 89 -10.14 7.96 5.07
CA SER A 89 -10.90 6.74 4.83
C SER A 89 -9.97 5.52 4.78
N ALA A 90 -10.40 4.44 5.43
CA ALA A 90 -9.62 3.22 5.46
C ALA A 90 -10.13 2.22 4.43
N PHE A 91 -9.20 1.48 3.83
CA PHE A 91 -9.56 0.48 2.82
C PHE A 91 -9.18 -0.93 3.27
N PHE A 92 -9.81 -1.93 2.67
CA PHE A 92 -9.54 -3.31 3.01
C PHE A 92 -8.45 -3.90 2.12
N LEU A 93 -7.76 -4.91 2.63
CA LEU A 93 -6.69 -5.57 1.88
C LEU A 93 -6.49 -7.00 2.35
N GLU A 94 -6.93 -7.95 1.53
CA GLU A 94 -6.80 -9.37 1.86
C GLU A 94 -5.71 -10.02 1.02
N THR A 95 -4.84 -10.77 1.68
CA THR A 95 -3.75 -11.45 1.00
C THR A 95 -3.65 -12.91 1.43
N LYS A 96 -3.21 -13.77 0.53
CA LYS A 96 -3.06 -15.19 0.81
C LYS A 96 -2.57 -15.41 2.24
N GLU A 97 -1.73 -14.49 2.71
CA GLU A 97 -1.19 -14.59 4.06
C GLU A 97 -2.28 -14.35 5.10
N ARG A 98 -2.86 -13.15 5.08
CA ARG A 98 -3.92 -12.79 6.03
C ARG A 98 -4.57 -11.47 5.64
N LEU A 99 -5.51 -11.02 6.46
CA LEU A 99 -6.22 -9.77 6.20
C LEU A 99 -5.52 -8.59 6.88
N TYR A 100 -5.37 -7.50 6.15
CA TYR A 100 -4.73 -6.31 6.69
C TYR A 100 -5.63 -5.10 6.58
N LEU A 101 -5.71 -4.31 7.64
CA LEU A 101 -6.55 -3.11 7.66
C LEU A 101 -5.69 -1.86 7.76
N LEU A 102 -5.53 -1.17 6.64
CA LEU A 102 -4.73 0.05 6.60
C LEU A 102 -5.62 1.27 6.36
N ALA A 103 -5.10 2.44 6.69
CA ALA A 103 -5.84 3.68 6.51
C ALA A 103 -5.20 4.56 5.44
N ALA A 104 -6.03 5.30 4.71
CA ALA A 104 -5.54 6.19 3.66
C ALA A 104 -6.36 7.47 3.59
N PRO A 105 -5.74 8.54 3.10
CA PRO A 105 -6.39 9.85 2.97
C PRO A 105 -7.46 9.86 1.88
N ALA A 106 -8.72 10.05 2.29
CA ALA A 106 -9.82 10.08 1.36
C ALA A 106 -9.44 10.75 0.05
N ALA A 107 -8.49 11.68 0.13
CA ALA A 107 -8.01 12.39 -1.05
C ALA A 107 -7.38 11.44 -2.05
N GLU A 108 -6.50 10.57 -1.57
CA GLU A 108 -5.82 9.61 -2.43
C GLU A 108 -6.64 8.32 -2.54
N ARG A 109 -7.41 8.02 -1.51
CA ARG A 109 -8.24 6.82 -1.50
C ARG A 109 -8.78 6.51 -2.88
N GLY A 110 -9.67 7.37 -3.38
CA GLY A 110 -10.25 7.16 -4.69
C GLY A 110 -9.24 6.61 -5.68
N ASP A 111 -8.00 7.09 -5.60
CA ASP A 111 -6.94 6.65 -6.49
C ASP A 111 -6.34 5.33 -6.02
N TRP A 112 -5.79 5.33 -4.81
CA TRP A 112 -5.19 4.13 -4.24
C TRP A 112 -6.01 2.89 -4.59
N VAL A 113 -7.19 2.79 -3.97
CA VAL A 113 -8.07 1.64 -4.22
C VAL A 113 -8.16 1.33 -5.71
N GLN A 114 -8.37 2.37 -6.52
CA GLN A 114 -8.48 2.20 -7.96
C GLN A 114 -7.22 1.54 -8.53
N ALA A 115 -6.10 2.27 -8.48
CA ALA A 115 -4.84 1.76 -8.99
C ALA A 115 -4.60 0.33 -8.53
N ILE A 116 -4.57 0.13 -7.22
CA ILE A 116 -4.34 -1.19 -6.65
C ILE A 116 -5.27 -2.23 -7.29
N CYS A 117 -6.52 -1.84 -7.51
CA CYS A 117 -7.51 -2.72 -8.11
C CYS A 117 -7.13 -3.07 -9.55
N LEU A 118 -6.49 -2.11 -10.22
CA LEU A 118 -6.07 -2.32 -11.61
C LEU A 118 -4.87 -3.26 -11.69
N LEU A 119 -3.91 -3.05 -10.80
CA LEU A 119 -2.71 -3.88 -10.77
C LEU A 119 -3.00 -5.23 -10.11
N ALA A 120 -3.33 -5.19 -8.82
CA ALA A 120 -3.63 -6.40 -8.07
C ALA A 120 -4.50 -7.35 -8.89
N PHE A 121 -5.50 -6.79 -9.56
CA PHE A 121 -6.40 -7.59 -10.39
C PHE A 121 -6.20 -7.30 -11.86
N SER A 122 -4.93 -7.18 -12.27
CA SER A 122 -4.59 -6.88 -13.66
C SER A 122 -4.87 -8.09 -14.54
N GLY A 123 -6.01 -8.08 -15.23
CA GLY A 123 -6.37 -9.17 -16.10
C GLY A 123 -6.25 -8.80 -17.56
N PRO A 124 -5.86 -9.79 -18.39
CA PRO A 124 -5.71 -9.60 -19.84
C PRO A 124 -7.04 -9.39 -20.55
N SER A 125 -8.12 -9.39 -19.77
CA SER A 125 -9.46 -9.21 -20.32
C SER A 125 -9.43 -8.25 -21.51
N SER A 126 -10.04 -8.67 -22.62
CA SER A 126 -10.08 -7.86 -23.82
C SER A 126 -11.17 -6.80 -23.72
N GLY A 127 -10.84 -5.58 -24.14
CA GLY A 127 -11.81 -4.49 -24.08
C GLY A 127 -12.02 -3.85 -25.44
N GLY A 1 37.66 -2.60 -2.71
CA GLY A 1 36.74 -3.21 -3.65
C GLY A 1 35.38 -2.53 -3.66
N SER A 2 34.92 -2.15 -4.84
CA SER A 2 33.63 -1.48 -4.96
C SER A 2 32.68 -2.30 -5.85
N SER A 3 31.43 -2.42 -5.40
CA SER A 3 30.43 -3.17 -6.14
C SER A 3 29.07 -2.46 -6.11
N GLY A 4 28.39 -2.43 -7.25
CA GLY A 4 27.10 -1.78 -7.33
C GLY A 4 27.08 -0.64 -8.34
N SER A 5 27.03 -0.99 -9.62
CA SER A 5 27.01 0.01 -10.68
C SER A 5 26.02 1.12 -10.36
N SER A 6 24.78 0.74 -10.09
CA SER A 6 23.74 1.71 -9.77
C SER A 6 23.53 1.81 -8.26
N GLY A 7 22.69 2.76 -7.84
CA GLY A 7 22.43 2.95 -6.43
C GLY A 7 20.95 2.92 -6.11
N MET A 8 20.52 3.80 -5.20
CA MET A 8 19.12 3.87 -4.80
C MET A 8 18.37 4.86 -5.69
N GLY A 9 17.54 4.32 -6.59
CA GLY A 9 16.77 5.18 -7.48
C GLY A 9 15.32 5.30 -7.05
N ASP A 10 14.45 5.63 -8.01
CA ASP A 10 13.04 5.78 -7.72
C ASP A 10 12.21 5.62 -9.00
N GLY A 11 11.08 4.92 -8.87
CA GLY A 11 10.22 4.71 -10.03
C GLY A 11 8.90 4.07 -9.65
N ALA A 12 8.14 4.73 -8.78
CA ALA A 12 6.86 4.22 -8.34
C ALA A 12 5.70 5.00 -8.97
N VAL A 13 4.85 4.31 -9.72
CA VAL A 13 3.71 4.94 -10.37
C VAL A 13 2.99 5.90 -9.42
N LYS A 14 2.72 5.42 -8.21
CA LYS A 14 2.04 6.23 -7.20
C LYS A 14 2.81 6.21 -5.88
N GLN A 15 2.92 7.38 -5.25
CA GLN A 15 3.62 7.50 -3.99
C GLN A 15 2.73 8.11 -2.92
N GLY A 16 3.01 7.78 -1.66
CA GLY A 16 2.21 8.31 -0.56
C GLY A 16 2.50 7.61 0.75
N PHE A 17 1.87 8.07 1.82
CA PHE A 17 2.06 7.49 3.15
C PHE A 17 0.82 6.71 3.58
N LEU A 18 1.02 5.43 3.88
CA LEU A 18 -0.09 4.57 4.31
C LEU A 18 0.01 4.28 5.80
N TYR A 19 -1.11 3.87 6.39
CA TYR A 19 -1.14 3.55 7.81
C TYR A 19 -1.56 2.09 8.04
N LEU A 20 -0.87 1.44 8.96
CA LEU A 20 -1.17 0.04 9.27
C LEU A 20 -1.50 -0.13 10.76
N GLN A 21 -2.73 -0.57 11.03
CA GLN A 21 -3.18 -0.77 12.40
C GLN A 21 -2.70 -2.11 12.93
N GLN A 22 -2.01 -2.08 14.07
CA GLN A 22 -1.49 -3.29 14.69
C GLN A 22 -2.11 -3.52 16.05
N GLN A 23 -2.95 -4.54 16.16
CA GLN A 23 -3.61 -4.86 17.43
C GLN A 23 -2.80 -5.87 18.23
N GLN A 24 -2.33 -6.92 17.56
CA GLN A 24 -1.54 -7.95 18.21
C GLN A 24 -0.62 -7.35 19.27
N THR A 25 0.24 -6.42 18.85
CA THR A 25 1.17 -5.76 19.75
C THR A 25 0.43 -4.98 20.83
N PHE A 26 0.97 -4.99 22.04
CA PHE A 26 0.36 -4.28 23.16
C PHE A 26 -0.23 -2.94 22.70
N GLY A 27 -1.55 -2.83 22.76
CA GLY A 27 -2.21 -1.61 22.35
C GLY A 27 -2.35 -1.51 20.84
N LYS A 28 -3.49 -0.99 20.39
CA LYS A 28 -3.75 -0.84 18.96
C LYS A 28 -3.76 0.64 18.56
N LYS A 29 -2.71 1.08 17.89
CA LYS A 29 -2.61 2.46 17.44
C LYS A 29 -2.18 2.54 15.98
N TRP A 30 -2.57 3.60 15.31
CA TRP A 30 -2.23 3.80 13.91
C TRP A 30 -0.77 4.22 13.75
N ARG A 31 -0.11 3.68 12.73
CA ARG A 31 1.29 3.99 12.48
C ARG A 31 1.49 4.52 11.06
N ARG A 32 2.58 5.25 10.86
CA ARG A 32 2.87 5.82 9.54
C ARG A 32 4.05 5.09 8.90
N PHE A 33 3.95 4.83 7.60
CA PHE A 33 5.01 4.15 6.85
C PHE A 33 5.06 4.64 5.42
N GLY A 34 6.22 4.46 4.79
CA GLY A 34 6.38 4.89 3.41
C GLY A 34 5.92 3.84 2.42
N ALA A 35 4.79 4.10 1.77
CA ALA A 35 4.24 3.17 0.80
C ALA A 35 4.61 3.58 -0.63
N SER A 36 4.93 2.59 -1.46
CA SER A 36 5.30 2.86 -2.84
C SER A 36 4.68 1.83 -3.78
N LEU A 37 3.92 2.33 -4.76
CA LEU A 37 3.26 1.46 -5.73
C LEU A 37 4.13 1.24 -6.95
N TYR A 38 4.58 0.00 -7.15
CA TYR A 38 5.42 -0.33 -8.29
C TYR A 38 4.72 -1.32 -9.22
N GLY A 39 4.87 -1.09 -10.52
CA GLY A 39 4.24 -1.97 -11.50
C GLY A 39 3.43 -1.20 -12.52
N GLY A 40 3.11 -1.85 -13.64
CA GLY A 40 2.34 -1.20 -14.68
C GLY A 40 3.08 -1.16 -16.00
N SER A 41 3.71 -2.26 -16.37
CA SER A 41 4.47 -2.34 -17.61
C SER A 41 4.45 -3.76 -18.18
N ASP A 42 4.81 -3.89 -19.44
CA ASP A 42 4.85 -5.20 -20.10
C ASP A 42 5.74 -6.17 -19.34
N CYS A 43 5.17 -7.27 -18.88
CA CYS A 43 5.92 -8.28 -18.14
C CYS A 43 6.59 -7.67 -16.92
N ALA A 44 5.84 -6.84 -16.19
CA ALA A 44 6.37 -6.19 -15.00
C ALA A 44 5.48 -6.47 -13.79
N LEU A 45 6.02 -7.20 -12.83
CA LEU A 45 5.28 -7.53 -11.62
C LEU A 45 5.09 -6.31 -10.73
N ALA A 46 3.91 -6.21 -10.13
CA ALA A 46 3.59 -5.07 -9.25
C ALA A 46 3.51 -5.52 -7.80
N ARG A 47 4.05 -4.69 -6.91
CA ARG A 47 4.04 -5.00 -5.47
C ARG A 47 4.06 -3.71 -4.65
N LEU A 48 3.57 -3.80 -3.41
CA LEU A 48 3.52 -2.66 -2.52
C LEU A 48 4.70 -2.68 -1.55
N GLU A 49 5.58 -1.68 -1.66
CA GLU A 49 6.74 -1.58 -0.78
C GLU A 49 6.43 -0.73 0.44
N LEU A 50 7.02 -1.11 1.58
CA LEU A 50 6.81 -0.38 2.82
C LEU A 50 8.14 -0.05 3.48
N GLN A 51 8.16 1.06 4.23
CA GLN A 51 9.37 1.48 4.92
C GLN A 51 9.04 2.03 6.31
N GLU A 52 9.76 1.54 7.32
CA GLU A 52 9.55 1.98 8.69
C GLU A 52 10.36 3.23 8.99
N GLY A 53 9.83 4.08 9.88
CA GLY A 53 10.51 5.31 10.24
C GLY A 53 11.71 5.06 11.14
N PRO A 54 11.43 4.70 12.40
CA PRO A 54 12.48 4.42 13.39
C PRO A 54 13.25 3.14 13.08
N GLU A 55 14.57 3.20 13.21
CA GLU A 55 15.42 2.04 12.94
C GLU A 55 15.73 1.30 14.24
N LYS A 56 15.45 -0.01 14.24
CA LYS A 56 15.71 -0.83 15.41
C LYS A 56 17.14 -0.64 15.92
N PRO A 57 17.31 -0.66 17.25
CA PRO A 57 18.63 -0.48 17.87
C PRO A 57 19.54 -1.68 17.65
N ARG A 58 20.81 -1.42 17.39
CA ARG A 58 21.79 -2.47 17.16
C ARG A 58 21.25 -3.49 16.15
N ARG A 59 20.77 -2.99 15.01
CA ARG A 59 20.22 -3.85 13.97
C ARG A 59 21.02 -3.71 12.68
N CYS A 60 21.45 -4.84 12.14
CA CYS A 60 22.23 -4.83 10.89
C CYS A 60 21.56 -5.69 9.83
N GLU A 61 20.24 -5.61 9.77
CA GLU A 61 19.46 -6.39 8.80
C GLU A 61 18.68 -5.47 7.87
N ALA A 62 18.45 -5.93 6.64
CA ALA A 62 17.72 -5.15 5.65
C ALA A 62 16.23 -5.09 5.99
N ALA A 63 15.84 -4.08 6.74
CA ALA A 63 14.44 -3.91 7.14
C ALA A 63 13.59 -3.48 5.96
N ARG A 64 13.15 -4.45 5.15
CA ARG A 64 12.32 -4.17 3.99
C ARG A 64 11.06 -5.02 4.00
N LYS A 65 9.90 -4.37 3.95
CA LYS A 65 8.63 -5.07 3.95
C LYS A 65 7.80 -4.70 2.71
N VAL A 66 7.52 -5.70 1.88
CA VAL A 66 6.75 -5.49 0.66
C VAL A 66 5.67 -6.56 0.51
N ILE A 67 4.47 -6.12 0.15
CA ILE A 67 3.34 -7.03 -0.04
C ILE A 67 2.91 -7.09 -1.49
N ARG A 68 3.32 -8.14 -2.19
CA ARG A 68 2.97 -8.31 -3.60
C ARG A 68 1.47 -8.10 -3.81
N LEU A 69 1.12 -7.31 -4.82
CA LEU A 69 -0.28 -7.04 -5.13
C LEU A 69 -0.97 -8.29 -5.69
N SER A 70 -0.18 -9.16 -6.30
CA SER A 70 -0.71 -10.39 -6.89
C SER A 70 -1.26 -11.31 -5.80
N ASP A 71 -0.80 -11.11 -4.57
CA ASP A 71 -1.24 -11.91 -3.44
C ASP A 71 -2.62 -11.47 -2.96
N CYS A 72 -2.86 -10.16 -2.98
CA CYS A 72 -4.13 -9.60 -2.54
C CYS A 72 -5.30 -10.38 -3.13
N LEU A 73 -6.03 -11.08 -2.27
CA LEU A 73 -7.17 -11.87 -2.71
C LEU A 73 -8.33 -10.97 -3.12
N ARG A 74 -8.53 -9.89 -2.38
CA ARG A 74 -9.60 -8.95 -2.66
C ARG A 74 -9.45 -7.68 -1.82
N VAL A 75 -9.93 -6.56 -2.35
CA VAL A 75 -9.85 -5.28 -1.65
C VAL A 75 -11.20 -4.58 -1.64
N ALA A 76 -11.43 -3.76 -0.63
CA ALA A 76 -12.68 -3.02 -0.50
C ALA A 76 -12.43 -1.60 0.00
N GLU A 77 -13.49 -0.80 0.05
CA GLU A 77 -13.39 0.58 0.51
C GLU A 77 -14.07 0.76 1.86
N ALA A 78 -13.33 1.25 2.84
CA ALA A 78 -13.86 1.47 4.18
C ALA A 78 -13.46 2.84 4.71
N GLY A 79 -14.23 3.86 4.32
CA GLY A 79 -13.94 5.21 4.77
C GLY A 79 -15.01 5.74 5.71
N GLY A 80 -14.58 6.16 6.90
CA GLY A 80 -15.52 6.69 7.89
C GLY A 80 -15.46 5.93 9.20
N GLU A 81 -16.54 5.22 9.51
CA GLU A 81 -16.60 4.46 10.75
C GLU A 81 -15.25 3.86 11.11
N ALA A 82 -14.57 3.32 10.10
CA ALA A 82 -13.26 2.72 10.31
C ALA A 82 -12.46 3.48 11.35
N SER A 83 -11.67 2.76 12.14
CA SER A 83 -10.85 3.38 13.18
C SER A 83 -10.23 4.67 12.68
N SER A 84 -9.90 4.71 11.40
CA SER A 84 -9.29 5.89 10.80
C SER A 84 -9.87 7.17 11.39
N PRO A 85 -9.06 8.23 11.39
CA PRO A 85 -9.47 9.54 11.93
C PRO A 85 -10.52 10.22 11.06
N ARG A 86 -10.71 11.51 11.28
CA ARG A 86 -11.69 12.27 10.51
C ARG A 86 -11.06 12.84 9.24
N ASP A 87 -11.89 13.03 8.21
CA ASP A 87 -11.41 13.57 6.94
C ASP A 87 -10.49 12.58 6.24
N THR A 88 -10.75 11.29 6.45
CA THR A 88 -9.94 10.24 5.85
C THR A 88 -10.83 9.10 5.32
N SER A 89 -10.19 8.11 4.70
CA SER A 89 -10.92 6.98 4.15
C SER A 89 -10.03 5.74 4.09
N ALA A 90 -10.30 4.78 4.97
CA ALA A 90 -9.52 3.55 5.01
C ALA A 90 -10.01 2.55 3.97
N PHE A 91 -9.20 1.52 3.72
CA PHE A 91 -9.55 0.51 2.75
C PHE A 91 -9.27 -0.90 3.30
N PHE A 92 -9.88 -1.90 2.68
CA PHE A 92 -9.70 -3.29 3.10
C PHE A 92 -8.66 -3.99 2.24
N LEU A 93 -7.78 -4.77 2.89
CA LEU A 93 -6.74 -5.49 2.19
C LEU A 93 -6.61 -6.92 2.72
N GLU A 94 -7.05 -7.88 1.93
CA GLU A 94 -6.97 -9.28 2.33
C GLU A 94 -5.93 -10.03 1.49
N THR A 95 -5.00 -10.67 2.18
CA THR A 95 -3.94 -11.43 1.51
C THR A 95 -3.83 -12.84 2.08
N LYS A 96 -3.34 -13.77 1.26
CA LYS A 96 -3.18 -15.15 1.69
C LYS A 96 -2.74 -15.23 3.14
N GLU A 97 -1.72 -14.46 3.50
CA GLU A 97 -1.21 -14.44 4.86
C GLU A 97 -2.33 -14.17 5.86
N ARG A 98 -2.93 -12.99 5.77
CA ARG A 98 -4.01 -12.60 6.66
C ARG A 98 -4.71 -11.33 6.16
N LEU A 99 -5.69 -10.87 6.91
CA LEU A 99 -6.43 -9.67 6.55
C LEU A 99 -5.82 -8.43 7.20
N TYR A 100 -5.34 -7.51 6.37
CA TYR A 100 -4.74 -6.28 6.86
C TYR A 100 -5.67 -5.09 6.69
N LEU A 101 -5.79 -4.27 7.73
CA LEU A 101 -6.65 -3.09 7.69
C LEU A 101 -5.83 -1.82 7.76
N LEU A 102 -5.57 -1.22 6.60
CA LEU A 102 -4.80 0.02 6.53
C LEU A 102 -5.70 1.22 6.27
N ALA A 103 -5.23 2.40 6.61
CA ALA A 103 -6.00 3.62 6.40
C ALA A 103 -5.35 4.50 5.33
N ALA A 104 -6.16 5.33 4.68
CA ALA A 104 -5.68 6.22 3.65
C ALA A 104 -6.51 7.50 3.58
N PRO A 105 -5.86 8.60 3.17
CA PRO A 105 -6.52 9.91 3.05
C PRO A 105 -7.53 9.95 1.90
N ALA A 106 -8.78 10.20 2.23
CA ALA A 106 -9.84 10.27 1.23
C ALA A 106 -9.31 10.85 -0.08
N ALA A 107 -8.37 11.78 0.03
CA ALA A 107 -7.78 12.41 -1.14
C ALA A 107 -7.13 11.38 -2.06
N GLU A 108 -6.29 10.53 -1.48
CA GLU A 108 -5.60 9.49 -2.25
C GLU A 108 -6.46 8.24 -2.35
N ARG A 109 -7.10 7.87 -1.24
CA ARG A 109 -7.95 6.68 -1.20
C ARG A 109 -8.66 6.48 -2.54
N GLY A 110 -9.40 7.49 -2.97
CA GLY A 110 -10.12 7.40 -4.23
C GLY A 110 -9.31 6.71 -5.31
N ASP A 111 -8.07 7.13 -5.47
CA ASP A 111 -7.18 6.54 -6.48
C ASP A 111 -6.55 5.24 -5.96
N TRP A 112 -5.94 5.32 -4.78
CA TRP A 112 -5.30 4.16 -4.18
C TRP A 112 -6.07 2.88 -4.51
N VAL A 113 -7.24 2.73 -3.91
CA VAL A 113 -8.08 1.56 -4.13
C VAL A 113 -8.16 1.22 -5.62
N GLN A 114 -8.35 2.25 -6.45
CA GLN A 114 -8.44 2.05 -7.88
C GLN A 114 -7.14 1.48 -8.45
N ALA A 115 -6.08 2.29 -8.41
CA ALA A 115 -4.78 1.86 -8.90
C ALA A 115 -4.45 0.45 -8.43
N ILE A 116 -4.42 0.26 -7.12
CA ILE A 116 -4.11 -1.05 -6.54
C ILE A 116 -4.93 -2.14 -7.20
N CYS A 117 -6.18 -1.83 -7.53
CA CYS A 117 -7.07 -2.79 -8.18
C CYS A 117 -6.67 -3.02 -9.62
N LEU A 118 -6.28 -1.95 -10.30
CA LEU A 118 -5.87 -2.03 -11.70
C LEU A 118 -4.67 -2.96 -11.86
N LEU A 119 -3.76 -2.93 -10.89
CA LEU A 119 -2.58 -3.78 -10.93
C LEU A 119 -2.84 -5.12 -10.25
N ALA A 120 -3.22 -5.07 -8.98
CA ALA A 120 -3.51 -6.29 -8.23
C ALA A 120 -4.28 -7.29 -9.08
N PHE A 121 -5.44 -6.88 -9.57
CA PHE A 121 -6.27 -7.74 -10.40
C PHE A 121 -6.15 -7.37 -11.88
N SER A 122 -4.94 -7.01 -12.28
CA SER A 122 -4.69 -6.62 -13.67
C SER A 122 -5.25 -7.66 -14.63
N GLY A 123 -4.82 -8.91 -14.46
CA GLY A 123 -5.28 -9.97 -15.33
C GLY A 123 -4.44 -11.23 -15.20
N PRO A 124 -4.78 -12.07 -14.21
CA PRO A 124 -4.05 -13.33 -13.96
C PRO A 124 -4.30 -14.37 -15.05
N SER A 125 -3.65 -15.51 -14.92
CA SER A 125 -3.80 -16.59 -15.90
C SER A 125 -5.02 -17.44 -15.58
N SER A 126 -5.77 -17.81 -16.62
CA SER A 126 -6.96 -18.62 -16.45
C SER A 126 -6.60 -20.03 -16.00
N GLY A 127 -7.40 -20.58 -15.10
CA GLY A 127 -7.15 -21.92 -14.59
C GLY A 127 -8.41 -22.59 -14.09
N GLY A 1 24.53 15.62 -26.10
CA GLY A 1 23.44 15.30 -25.18
C GLY A 1 23.37 16.27 -24.02
N SER A 2 22.14 16.62 -23.63
CA SER A 2 21.94 17.54 -22.53
C SER A 2 22.38 16.93 -21.21
N SER A 3 22.68 17.78 -20.23
CA SER A 3 23.12 17.33 -18.92
C SER A 3 22.15 17.77 -17.82
N GLY A 4 22.37 17.28 -16.61
CA GLY A 4 21.52 17.64 -15.50
C GLY A 4 21.66 16.69 -14.33
N SER A 5 20.62 16.62 -13.51
CA SER A 5 20.63 15.75 -12.33
C SER A 5 19.22 15.26 -12.00
N SER A 6 19.12 14.02 -11.52
CA SER A 6 17.85 13.44 -11.17
C SER A 6 17.53 13.65 -9.69
N GLY A 7 16.63 14.59 -9.41
CA GLY A 7 16.25 14.88 -8.04
C GLY A 7 15.23 13.90 -7.50
N MET A 8 14.27 13.53 -8.33
CA MET A 8 13.23 12.58 -7.93
C MET A 8 13.42 11.24 -8.62
N GLY A 9 13.79 10.22 -7.85
CA GLY A 9 14.00 8.90 -8.40
C GLY A 9 12.90 8.51 -9.39
N ASP A 10 13.19 7.54 -10.24
CA ASP A 10 12.23 7.08 -11.23
C ASP A 10 12.00 5.57 -11.10
N GLY A 11 10.86 5.21 -10.52
CA GLY A 11 10.52 3.81 -10.34
C GLY A 11 9.08 3.59 -9.96
N ALA A 12 8.68 4.14 -8.82
CA ALA A 12 7.31 4.01 -8.35
C ALA A 12 6.37 4.96 -9.09
N VAL A 13 5.29 4.41 -9.63
CA VAL A 13 4.31 5.22 -10.37
C VAL A 13 3.66 6.25 -9.46
N LYS A 14 3.16 5.79 -8.32
CA LYS A 14 2.51 6.67 -7.36
C LYS A 14 3.09 6.48 -5.96
N GLN A 15 3.54 7.58 -5.35
CA GLN A 15 4.12 7.52 -4.02
C GLN A 15 3.19 8.18 -3.00
N GLY A 16 3.10 7.59 -1.82
CA GLY A 16 2.24 8.12 -0.77
C GLY A 16 2.59 7.59 0.59
N PHE A 17 1.64 7.67 1.52
CA PHE A 17 1.84 7.18 2.88
C PHE A 17 0.62 6.43 3.39
N LEU A 18 0.80 5.14 3.67
CA LEU A 18 -0.29 4.31 4.15
C LEU A 18 -0.12 4.00 5.65
N TYR A 19 -1.23 4.00 6.38
CA TYR A 19 -1.20 3.71 7.80
C TYR A 19 -1.64 2.28 8.08
N LEU A 20 -0.94 1.63 9.01
CA LEU A 20 -1.26 0.25 9.38
C LEU A 20 -1.48 0.12 10.88
N GLN A 21 -2.57 -0.54 11.25
CA GLN A 21 -2.90 -0.74 12.66
C GLN A 21 -2.09 -1.90 13.25
N GLN A 22 -1.55 -1.69 14.44
CA GLN A 22 -0.77 -2.72 15.11
C GLN A 22 -1.14 -2.81 16.58
N GLN A 23 -1.10 -4.02 17.13
CA GLN A 23 -1.44 -4.24 18.54
C GLN A 23 -0.65 -3.28 19.43
N GLN A 24 -1.16 -3.09 20.65
CA GLN A 24 -0.50 -2.20 21.60
C GLN A 24 -0.83 -2.60 23.03
N THR A 25 0.02 -2.19 23.97
CA THR A 25 -0.17 -2.51 25.38
C THR A 25 -1.49 -1.95 25.89
N PHE A 26 -1.76 -0.69 25.56
CA PHE A 26 -2.99 -0.03 25.98
C PHE A 26 -4.19 -0.53 25.17
N GLY A 27 -3.98 -0.65 23.86
CA GLY A 27 -5.06 -1.11 22.99
C GLY A 27 -4.64 -1.16 21.54
N LYS A 28 -5.14 -0.22 20.75
CA LYS A 28 -4.81 -0.15 19.33
C LYS A 28 -4.32 1.24 18.95
N LYS A 29 -3.19 1.28 18.22
CA LYS A 29 -2.61 2.54 17.79
C LYS A 29 -2.12 2.45 16.36
N TRP A 30 -2.43 3.48 15.57
CA TRP A 30 -2.01 3.52 14.16
C TRP A 30 -0.56 3.96 14.04
N ARG A 31 0.05 3.64 12.91
CA ARG A 31 1.44 3.99 12.66
C ARG A 31 1.63 4.47 11.22
N ARG A 32 2.68 5.26 11.00
CA ARG A 32 2.97 5.78 9.67
C ARG A 32 4.08 4.98 9.01
N PHE A 33 4.02 4.89 7.68
CA PHE A 33 5.03 4.15 6.92
C PHE A 33 5.13 4.68 5.50
N GLY A 34 6.29 4.48 4.88
CA GLY A 34 6.50 4.94 3.51
C GLY A 34 6.03 3.93 2.49
N ALA A 35 4.92 4.23 1.82
CA ALA A 35 4.37 3.34 0.81
C ALA A 35 4.74 3.82 -0.59
N SER A 36 5.02 2.87 -1.48
CA SER A 36 5.39 3.19 -2.85
C SER A 36 4.74 2.22 -3.83
N LEU A 37 4.02 2.78 -4.81
CA LEU A 37 3.35 1.96 -5.82
C LEU A 37 4.25 1.75 -7.03
N TYR A 38 4.51 0.48 -7.34
CA TYR A 38 5.36 0.14 -8.48
C TYR A 38 4.56 -0.61 -9.54
N GLY A 39 5.01 -0.53 -10.80
CA GLY A 39 4.34 -1.21 -11.88
C GLY A 39 3.72 -0.25 -12.88
N GLY A 40 2.44 -0.47 -13.20
CA GLY A 40 1.76 0.40 -14.13
C GLY A 40 2.17 0.12 -15.57
N SER A 41 2.32 1.18 -16.36
CA SER A 41 2.69 1.04 -17.76
C SER A 41 3.85 0.07 -17.91
N ASP A 42 4.99 0.40 -17.30
CA ASP A 42 6.17 -0.45 -17.37
C ASP A 42 5.80 -1.91 -17.12
N CYS A 43 6.06 -2.76 -18.11
CA CYS A 43 5.75 -4.18 -18.00
C CYS A 43 6.57 -4.82 -16.86
N ALA A 44 5.99 -4.83 -15.67
CA ALA A 44 6.67 -5.42 -14.51
C ALA A 44 5.65 -5.90 -13.47
N LEU A 45 6.15 -6.61 -12.46
CA LEU A 45 5.29 -7.12 -11.41
C LEU A 45 4.99 -6.04 -10.36
N ALA A 46 3.71 -5.75 -10.18
CA ALA A 46 3.29 -4.74 -9.21
C ALA A 46 3.47 -5.25 -7.78
N ARG A 47 3.82 -4.34 -6.88
CA ARG A 47 4.02 -4.69 -5.47
C ARG A 47 4.06 -3.46 -4.60
N LEU A 48 3.60 -3.59 -3.37
CA LEU A 48 3.59 -2.47 -2.42
C LEU A 48 4.75 -2.58 -1.43
N GLU A 49 5.63 -1.59 -1.46
CA GLU A 49 6.79 -1.57 -0.56
C GLU A 49 6.51 -0.70 0.66
N LEU A 50 6.86 -1.21 1.83
CA LEU A 50 6.65 -0.49 3.08
C LEU A 50 7.97 -0.26 3.81
N GLN A 51 8.16 0.95 4.34
CA GLN A 51 9.37 1.29 5.06
C GLN A 51 9.05 2.00 6.38
N GLU A 52 9.97 1.94 7.32
CA GLU A 52 9.79 2.58 8.62
C GLU A 52 10.51 3.92 8.68
N GLY A 53 10.00 4.83 9.51
CA GLY A 53 10.61 6.14 9.63
C GLY A 53 11.12 6.40 11.03
N PRO A 54 12.17 5.68 11.44
CA PRO A 54 12.77 5.82 12.76
C PRO A 54 13.51 7.14 12.94
N GLU A 55 14.28 7.25 14.00
CA GLU A 55 15.05 8.46 14.27
C GLU A 55 16.10 8.70 13.19
N LYS A 56 16.96 7.72 13.00
CA LYS A 56 18.02 7.82 12.00
C LYS A 56 18.05 6.58 11.10
N PRO A 57 18.26 6.80 9.79
CA PRO A 57 18.31 5.71 8.82
C PRO A 57 19.56 4.84 8.97
N ARG A 58 19.42 3.72 9.67
CA ARG A 58 20.54 2.82 9.90
C ARG A 58 20.64 1.80 8.78
N ARG A 59 21.73 1.05 8.77
CA ARG A 59 21.95 0.03 7.74
C ARG A 59 22.34 -1.30 8.37
N CYS A 60 23.07 -1.24 9.48
CA CYS A 60 23.49 -2.45 10.18
C CYS A 60 22.30 -3.25 10.68
N GLU A 61 21.25 -2.54 11.10
CA GLU A 61 20.04 -3.20 11.60
C GLU A 61 18.80 -2.54 11.00
N ALA A 62 18.18 -3.23 10.05
CA ALA A 62 16.98 -2.72 9.40
C ALA A 62 16.08 -3.87 8.93
N ALA A 63 14.98 -3.52 8.28
CA ALA A 63 14.04 -4.53 7.79
C ALA A 63 13.03 -3.90 6.83
N ARG A 64 12.74 -4.60 5.73
CA ARG A 64 11.80 -4.11 4.74
C ARG A 64 10.56 -5.01 4.68
N LYS A 65 9.41 -4.41 4.42
CA LYS A 65 8.15 -5.15 4.33
C LYS A 65 7.43 -4.85 3.03
N VAL A 66 7.20 -5.89 2.23
CA VAL A 66 6.52 -5.74 0.96
C VAL A 66 5.30 -6.67 0.87
N ILE A 67 4.24 -6.18 0.25
CA ILE A 67 3.02 -6.95 0.09
C ILE A 67 2.59 -7.02 -1.37
N ARG A 68 2.91 -8.13 -2.01
CA ARG A 68 2.56 -8.33 -3.41
C ARG A 68 1.09 -7.99 -3.66
N LEU A 69 0.82 -7.35 -4.78
CA LEU A 69 -0.55 -6.97 -5.14
C LEU A 69 -1.26 -8.10 -5.87
N SER A 70 -0.49 -8.99 -6.47
CA SER A 70 -1.04 -10.12 -7.21
C SER A 70 -1.47 -11.23 -6.24
N ASP A 71 -1.17 -11.04 -4.97
CA ASP A 71 -1.53 -12.03 -3.94
C ASP A 71 -2.78 -11.60 -3.20
N CYS A 72 -3.08 -10.31 -3.24
CA CYS A 72 -4.26 -9.77 -2.55
C CYS A 72 -5.52 -10.51 -2.99
N LEU A 73 -5.99 -11.42 -2.14
CA LEU A 73 -7.19 -12.19 -2.43
C LEU A 73 -8.32 -11.29 -2.90
N ARG A 74 -8.54 -10.20 -2.18
CA ARG A 74 -9.60 -9.26 -2.53
C ARG A 74 -9.48 -7.98 -1.71
N VAL A 75 -9.99 -6.88 -2.25
CA VAL A 75 -9.94 -5.59 -1.56
C VAL A 75 -11.31 -4.90 -1.60
N ALA A 76 -11.44 -3.84 -0.80
CA ALA A 76 -12.68 -3.09 -0.74
C ALA A 76 -12.46 -1.70 -0.14
N GLU A 77 -13.51 -0.88 -0.18
CA GLU A 77 -13.42 0.47 0.36
C GLU A 77 -14.07 0.55 1.74
N ALA A 78 -13.42 1.23 2.66
CA ALA A 78 -13.94 1.38 4.02
C ALA A 78 -14.36 2.83 4.28
N GLY A 79 -15.17 3.02 5.32
CA GLY A 79 -15.64 4.35 5.67
C GLY A 79 -14.84 4.96 6.81
N GLY A 80 -15.26 6.15 7.24
CA GLY A 80 -14.57 6.82 8.33
C GLY A 80 -14.82 6.16 9.67
N GLU A 81 -16.02 5.61 9.83
CA GLU A 81 -16.39 4.95 11.08
C GLU A 81 -15.20 4.19 11.67
N ALA A 82 -14.54 3.41 10.83
CA ALA A 82 -13.38 2.63 11.26
C ALA A 82 -12.49 3.44 12.21
N SER A 83 -11.73 2.75 13.04
CA SER A 83 -10.84 3.40 14.00
C SER A 83 -10.12 4.58 13.35
N SER A 84 -9.98 4.52 12.04
CA SER A 84 -9.30 5.57 11.29
C SER A 84 -9.74 6.95 11.77
N PRO A 85 -8.86 7.94 11.61
CA PRO A 85 -9.15 9.32 12.02
C PRO A 85 -10.20 9.98 11.13
N ARG A 86 -10.36 11.29 11.30
CA ARG A 86 -11.34 12.05 10.52
C ARG A 86 -10.73 12.54 9.22
N ASP A 87 -11.57 12.97 8.29
CA ASP A 87 -11.11 13.47 7.00
C ASP A 87 -10.23 12.43 6.30
N THR A 88 -10.51 11.16 6.55
CA THR A 88 -9.75 10.08 5.95
C THR A 88 -10.65 8.94 5.51
N SER A 89 -10.10 8.01 4.74
CA SER A 89 -10.87 6.87 4.25
C SER A 89 -10.01 5.60 4.23
N ALA A 90 -10.33 4.67 5.11
CA ALA A 90 -9.60 3.41 5.20
C ALA A 90 -10.10 2.42 4.15
N PHE A 91 -9.24 1.49 3.77
CA PHE A 91 -9.58 0.47 2.78
C PHE A 91 -9.32 -0.92 3.32
N PHE A 92 -9.78 -1.93 2.60
CA PHE A 92 -9.60 -3.33 2.99
C PHE A 92 -8.53 -3.99 2.15
N LEU A 93 -7.85 -4.99 2.73
CA LEU A 93 -6.79 -5.71 2.03
C LEU A 93 -6.67 -7.14 2.55
N GLU A 94 -7.14 -8.09 1.76
CA GLU A 94 -7.09 -9.49 2.15
C GLU A 94 -5.99 -10.22 1.37
N THR A 95 -5.14 -10.94 2.10
CA THR A 95 -4.04 -11.68 1.49
C THR A 95 -3.99 -13.11 2.02
N LYS A 96 -3.70 -14.05 1.11
CA LYS A 96 -3.61 -15.46 1.49
C LYS A 96 -3.06 -15.62 2.91
N GLU A 97 -2.10 -14.76 3.26
CA GLU A 97 -1.49 -14.80 4.58
C GLU A 97 -2.49 -14.41 5.66
N ARG A 98 -3.08 -13.22 5.51
CA ARG A 98 -4.05 -12.72 6.48
C ARG A 98 -4.69 -11.43 5.99
N LEU A 99 -5.68 -10.95 6.73
CA LEU A 99 -6.37 -9.71 6.37
C LEU A 99 -5.73 -8.51 7.06
N TYR A 100 -5.32 -7.53 6.26
CA TYR A 100 -4.69 -6.33 6.79
C TYR A 100 -5.60 -5.12 6.64
N LEU A 101 -5.78 -4.38 7.72
CA LEU A 101 -6.62 -3.19 7.70
C LEU A 101 -5.79 -1.91 7.81
N LEU A 102 -5.59 -1.25 6.68
CA LEU A 102 -4.81 -0.01 6.66
C LEU A 102 -5.71 1.19 6.40
N ALA A 103 -5.19 2.38 6.70
CA ALA A 103 -5.95 3.61 6.50
C ALA A 103 -5.27 4.51 5.46
N ALA A 104 -6.09 5.20 4.67
CA ALA A 104 -5.58 6.09 3.64
C ALA A 104 -6.39 7.38 3.57
N PRO A 105 -5.74 8.47 3.12
CA PRO A 105 -6.38 9.77 3.00
C PRO A 105 -7.42 9.81 1.88
N ALA A 106 -8.68 10.05 2.25
CA ALA A 106 -9.76 10.12 1.27
C ALA A 106 -9.27 10.72 -0.04
N ALA A 107 -8.32 11.65 0.05
CA ALA A 107 -7.77 12.30 -1.14
C ALA A 107 -7.15 11.28 -2.08
N GLU A 108 -6.26 10.45 -1.54
CA GLU A 108 -5.59 9.42 -2.35
C GLU A 108 -6.47 8.19 -2.50
N ARG A 109 -7.27 7.91 -1.47
CA ARG A 109 -8.15 6.75 -1.48
C ARG A 109 -8.72 6.53 -2.88
N GLY A 110 -9.50 7.49 -3.37
CA GLY A 110 -10.09 7.37 -4.69
C GLY A 110 -9.15 6.75 -5.70
N ASP A 111 -7.88 7.14 -5.63
CA ASP A 111 -6.87 6.62 -6.54
C ASP A 111 -6.36 5.26 -6.07
N TRP A 112 -5.77 5.24 -4.87
CA TRP A 112 -5.24 4.01 -4.30
C TRP A 112 -6.10 2.81 -4.69
N VAL A 113 -7.27 2.70 -4.06
CA VAL A 113 -8.19 1.60 -4.34
C VAL A 113 -8.25 1.31 -5.83
N GLN A 114 -8.37 2.36 -6.64
CA GLN A 114 -8.44 2.21 -8.09
C GLN A 114 -7.18 1.53 -8.63
N ALA A 115 -6.05 2.21 -8.54
CA ALA A 115 -4.78 1.68 -9.01
C ALA A 115 -4.56 0.26 -8.48
N ILE A 116 -4.57 0.12 -7.16
CA ILE A 116 -4.36 -1.17 -6.54
C ILE A 116 -5.29 -2.23 -7.14
N CYS A 117 -6.54 -1.87 -7.34
CA CYS A 117 -7.52 -2.78 -7.92
C CYS A 117 -7.19 -3.08 -9.38
N LEU A 118 -6.56 -2.12 -10.05
CA LEU A 118 -6.19 -2.27 -11.45
C LEU A 118 -5.02 -3.22 -11.60
N LEU A 119 -3.99 -3.04 -10.78
CA LEU A 119 -2.81 -3.89 -10.83
C LEU A 119 -3.07 -5.22 -10.12
N ALA A 120 -3.37 -5.14 -8.83
CA ALA A 120 -3.64 -6.33 -8.03
C ALA A 120 -4.50 -7.33 -8.82
N PHE A 121 -5.48 -6.81 -9.54
CA PHE A 121 -6.37 -7.65 -10.34
C PHE A 121 -6.18 -7.39 -11.83
N SER A 122 -4.93 -7.28 -12.25
CA SER A 122 -4.61 -7.02 -13.65
C SER A 122 -5.34 -8.00 -14.57
N GLY A 123 -6.37 -7.49 -15.25
CA GLY A 123 -7.14 -8.33 -16.15
C GLY A 123 -8.43 -7.67 -16.59
N PRO A 124 -9.10 -8.26 -17.59
CA PRO A 124 -10.36 -7.75 -18.12
C PRO A 124 -11.51 -7.91 -17.14
N SER A 125 -12.44 -6.97 -17.16
CA SER A 125 -13.60 -7.00 -16.26
C SER A 125 -14.90 -7.02 -17.05
N SER A 126 -15.88 -7.76 -16.54
CA SER A 126 -17.17 -7.86 -17.20
C SER A 126 -18.08 -6.70 -16.82
N GLY A 127 -18.35 -5.82 -17.79
CA GLY A 127 -19.20 -4.68 -17.53
C GLY A 127 -18.84 -3.96 -16.25
N GLY A 1 -0.18 3.20 -28.61
CA GLY A 1 -0.85 3.47 -27.35
C GLY A 1 0.00 4.32 -26.42
N SER A 2 1.21 3.85 -26.14
CA SER A 2 2.11 4.59 -25.25
C SER A 2 3.52 4.65 -25.84
N SER A 3 4.00 5.87 -26.10
CA SER A 3 5.32 6.06 -26.67
C SER A 3 6.32 6.49 -25.59
N GLY A 4 5.91 7.45 -24.78
CA GLY A 4 6.78 7.94 -23.71
C GLY A 4 6.48 7.28 -22.38
N SER A 5 7.51 6.76 -21.74
CA SER A 5 7.35 6.10 -20.44
C SER A 5 6.64 7.01 -19.45
N SER A 6 6.13 6.43 -18.37
CA SER A 6 5.41 7.19 -17.35
C SER A 6 6.21 8.43 -16.96
N GLY A 7 5.50 9.43 -16.41
CA GLY A 7 6.15 10.66 -16.01
C GLY A 7 6.87 10.52 -14.68
N MET A 8 7.64 11.54 -14.30
CA MET A 8 8.38 11.52 -13.05
C MET A 8 9.25 10.29 -12.95
N GLY A 9 9.90 9.93 -14.06
CA GLY A 9 10.76 8.77 -14.07
C GLY A 9 9.98 7.46 -14.09
N ASP A 10 10.53 6.45 -14.76
CA ASP A 10 9.89 5.16 -14.85
C ASP A 10 10.12 4.34 -13.59
N GLY A 11 9.29 4.60 -12.57
CA GLY A 11 9.43 3.88 -11.31
C GLY A 11 8.11 3.77 -10.57
N ALA A 12 8.07 4.33 -9.36
CA ALA A 12 6.86 4.29 -8.54
C ALA A 12 5.75 5.12 -9.17
N VAL A 13 4.86 4.46 -9.91
CA VAL A 13 3.76 5.14 -10.56
C VAL A 13 3.06 6.10 -9.60
N LYS A 14 2.84 5.65 -8.38
CA LYS A 14 2.20 6.47 -7.36
C LYS A 14 2.85 6.29 -6.00
N GLN A 15 2.99 7.38 -5.26
CA GLN A 15 3.61 7.33 -3.95
C GLN A 15 2.72 8.01 -2.90
N GLY A 16 2.83 7.56 -1.65
CA GLY A 16 2.03 8.14 -0.58
C GLY A 16 2.24 7.44 0.74
N PHE A 17 1.89 8.12 1.83
CA PHE A 17 2.05 7.55 3.16
C PHE A 17 0.81 6.77 3.57
N LEU A 18 1.03 5.56 4.09
CA LEU A 18 -0.07 4.70 4.52
C LEU A 18 0.04 4.37 6.01
N TYR A 19 -1.11 4.22 6.66
CA TYR A 19 -1.14 3.92 8.08
C TYR A 19 -1.58 2.47 8.32
N LEU A 20 -0.79 1.75 9.11
CA LEU A 20 -1.11 0.35 9.41
C LEU A 20 -1.37 0.17 10.90
N GLN A 21 -2.53 -0.41 11.22
CA GLN A 21 -2.91 -0.65 12.62
C GLN A 21 -2.29 -1.95 13.13
N GLN A 22 -1.35 -1.83 14.04
CA GLN A 22 -0.68 -2.99 14.61
C GLN A 22 0.12 -2.61 15.85
N GLN A 23 -0.07 -3.36 16.94
CA GLN A 23 0.64 -3.09 18.18
C GLN A 23 0.97 -4.39 18.91
N GLN A 24 2.25 -4.64 19.11
CA GLN A 24 2.70 -5.85 19.79
C GLN A 24 1.71 -6.26 20.88
N THR A 25 1.43 -5.34 21.80
CA THR A 25 0.50 -5.61 22.89
C THR A 25 -0.91 -5.18 22.53
N PHE A 26 -1.90 -5.83 23.13
CA PHE A 26 -3.30 -5.52 22.86
C PHE A 26 -3.50 -4.02 22.70
N GLY A 27 -3.97 -3.62 21.52
CA GLY A 27 -4.20 -2.21 21.26
C GLY A 27 -3.50 -1.74 20.00
N LYS A 28 -3.81 -2.38 18.88
CA LYS A 28 -3.20 -2.02 17.60
C LYS A 28 -3.45 -0.55 17.28
N LYS A 29 -2.37 0.19 17.06
CA LYS A 29 -2.48 1.61 16.75
C LYS A 29 -1.92 1.89 15.35
N TRP A 30 -2.39 2.98 14.74
CA TRP A 30 -1.94 3.36 13.41
C TRP A 30 -0.47 3.72 13.41
N ARG A 31 0.18 3.57 12.25
CA ARG A 31 1.59 3.88 12.11
C ARG A 31 1.93 4.28 10.68
N ARG A 32 2.55 5.45 10.53
CA ARG A 32 2.93 5.94 9.21
C ARG A 32 4.11 5.15 8.65
N PHE A 33 4.00 4.74 7.39
CA PHE A 33 5.06 3.98 6.74
C PHE A 33 5.14 4.32 5.25
N GLY A 34 6.28 4.85 4.84
CA GLY A 34 6.46 5.21 3.44
C GLY A 34 6.04 4.12 2.49
N ALA A 35 4.83 4.26 1.93
CA ALA A 35 4.31 3.26 1.01
C ALA A 35 4.48 3.72 -0.45
N SER A 36 5.06 2.86 -1.26
CA SER A 36 5.29 3.17 -2.67
C SER A 36 4.54 2.19 -3.57
N LEU A 37 3.83 2.74 -4.56
CA LEU A 37 3.08 1.92 -5.49
C LEU A 37 3.90 1.60 -6.74
N TYR A 38 4.29 0.33 -6.88
CA TYR A 38 5.08 -0.10 -8.01
C TYR A 38 4.28 -1.03 -8.91
N GLY A 39 4.33 -0.77 -10.22
CA GLY A 39 3.61 -1.59 -11.17
C GLY A 39 3.81 -1.14 -12.61
N GLY A 40 2.95 -1.62 -13.50
CA GLY A 40 3.05 -1.26 -14.90
C GLY A 40 3.96 -2.19 -15.67
N SER A 41 4.01 -2.01 -16.99
CA SER A 41 4.83 -2.85 -17.85
C SER A 41 6.14 -2.14 -18.21
N ASP A 42 6.86 -1.68 -17.19
CA ASP A 42 8.13 -0.98 -17.40
C ASP A 42 9.30 -1.87 -17.02
N CYS A 43 9.18 -3.16 -17.29
CA CYS A 43 10.24 -4.12 -16.97
C CYS A 43 10.30 -4.37 -15.46
N ALA A 44 9.13 -4.54 -14.85
CA ALA A 44 9.06 -4.79 -13.41
C ALA A 44 7.68 -5.33 -13.03
N LEU A 45 7.61 -6.00 -11.88
CA LEU A 45 6.36 -6.57 -11.40
C LEU A 45 5.73 -5.66 -10.34
N ALA A 46 4.42 -5.82 -10.13
CA ALA A 46 3.70 -5.03 -9.16
C ALA A 46 3.97 -5.52 -7.74
N ARG A 47 4.17 -4.58 -6.82
CA ARG A 47 4.43 -4.92 -5.42
C ARG A 47 4.42 -3.67 -4.55
N LEU A 48 3.83 -3.78 -3.36
CA LEU A 48 3.76 -2.67 -2.43
C LEU A 48 4.84 -2.77 -1.36
N GLU A 49 5.82 -1.86 -1.43
CA GLU A 49 6.92 -1.85 -0.48
C GLU A 49 6.61 -0.92 0.69
N LEU A 50 7.26 -1.16 1.82
CA LEU A 50 7.06 -0.35 3.02
C LEU A 50 8.39 0.03 3.66
N GLN A 51 8.41 1.15 4.37
CA GLN A 51 9.62 1.61 5.04
C GLN A 51 9.34 1.94 6.50
N GLU A 52 10.11 1.32 7.39
CA GLU A 52 9.95 1.56 8.82
C GLU A 52 10.32 2.99 9.19
N GLY A 53 9.48 3.62 10.02
CA GLY A 53 9.74 4.98 10.44
C GLY A 53 10.58 5.06 11.69
N PRO A 54 9.95 4.75 12.85
CA PRO A 54 10.63 4.79 14.15
C PRO A 54 11.65 3.67 14.29
N GLU A 55 12.56 3.83 15.25
CA GLU A 55 13.59 2.84 15.49
C GLU A 55 13.45 2.23 16.89
N LYS A 56 13.30 0.92 16.94
CA LYS A 56 13.15 0.21 18.21
C LYS A 56 14.44 -0.52 18.58
N PRO A 57 14.75 -0.55 19.89
CA PRO A 57 15.95 -1.22 20.40
C PRO A 57 15.86 -2.74 20.29
N ARG A 58 16.83 -3.42 20.89
CA ARG A 58 16.86 -4.88 20.85
C ARG A 58 16.55 -5.40 19.45
N ARG A 59 17.22 -4.81 18.46
CA ARG A 59 17.01 -5.21 17.07
C ARG A 59 18.34 -5.27 16.32
N CYS A 60 18.71 -6.46 15.88
CA CYS A 60 19.97 -6.65 15.15
C CYS A 60 20.00 -5.77 13.91
N GLU A 61 18.96 -5.86 13.09
CA GLU A 61 18.88 -5.06 11.87
C GLU A 61 17.43 -4.92 11.41
N ALA A 62 17.16 -3.85 10.67
CA ALA A 62 15.82 -3.59 10.17
C ALA A 62 15.59 -4.28 8.84
N ALA A 63 14.36 -4.75 8.62
CA ALA A 63 14.02 -5.43 7.38
C ALA A 63 12.97 -4.64 6.59
N ARG A 64 12.51 -5.22 5.50
CA ARG A 64 11.50 -4.57 4.65
C ARG A 64 10.22 -5.40 4.60
N LYS A 65 9.09 -4.71 4.40
CA LYS A 65 7.80 -5.38 4.33
C LYS A 65 7.12 -5.09 2.99
N VAL A 66 7.06 -6.10 2.14
CA VAL A 66 6.43 -5.95 0.83
C VAL A 66 5.26 -6.91 0.67
N ILE A 67 4.14 -6.40 0.16
CA ILE A 67 2.95 -7.21 -0.04
C ILE A 67 2.56 -7.26 -1.51
N ARG A 68 3.00 -8.31 -2.20
CA ARG A 68 2.70 -8.48 -3.62
C ARG A 68 1.22 -8.27 -3.88
N LEU A 69 0.91 -7.36 -4.81
CA LEU A 69 -0.47 -7.06 -5.16
C LEU A 69 -1.14 -8.27 -5.81
N SER A 70 -0.36 -9.07 -6.51
CA SER A 70 -0.88 -10.26 -7.18
C SER A 70 -1.31 -11.31 -6.16
N ASP A 71 -0.93 -11.10 -4.91
CA ASP A 71 -1.28 -12.03 -3.83
C ASP A 71 -2.56 -11.59 -3.14
N CYS A 72 -2.86 -10.29 -3.21
CA CYS A 72 -4.06 -9.76 -2.59
C CYS A 72 -5.31 -10.51 -3.05
N LEU A 73 -5.81 -11.39 -2.19
CA LEU A 73 -6.98 -12.18 -2.51
C LEU A 73 -8.11 -11.30 -3.02
N ARG A 74 -8.41 -10.24 -2.28
CA ARG A 74 -9.47 -9.30 -2.66
C ARG A 74 -9.43 -8.06 -1.78
N VAL A 75 -9.74 -6.91 -2.37
CA VAL A 75 -9.75 -5.65 -1.64
C VAL A 75 -11.14 -4.99 -1.68
N ALA A 76 -11.31 -3.95 -0.90
CA ALA A 76 -12.58 -3.22 -0.85
C ALA A 76 -12.40 -1.82 -0.28
N GLU A 77 -13.47 -1.06 -0.25
CA GLU A 77 -13.43 0.30 0.27
C GLU A 77 -14.14 0.40 1.62
N ALA A 78 -13.43 0.93 2.61
CA ALA A 78 -13.98 1.07 3.95
C ALA A 78 -14.32 2.53 4.25
N GLY A 79 -14.80 2.77 5.46
CA GLY A 79 -15.16 4.13 5.86
C GLY A 79 -16.44 4.17 6.68
N GLY A 80 -16.33 3.79 7.95
CA GLY A 80 -17.49 3.80 8.82
C GLY A 80 -17.22 3.11 10.15
N GLU A 81 -16.52 1.98 10.09
CA GLU A 81 -16.20 1.23 11.29
C GLU A 81 -14.70 0.94 11.38
N ALA A 82 -13.92 1.98 11.64
CA ALA A 82 -12.47 1.85 11.74
C ALA A 82 -11.88 2.96 12.62
N SER A 83 -10.67 2.71 13.12
CA SER A 83 -10.00 3.69 13.98
C SER A 83 -9.82 5.02 13.26
N SER A 84 -9.58 4.95 11.95
CA SER A 84 -9.39 6.15 11.15
C SER A 84 -10.47 7.19 11.45
N PRO A 85 -10.09 8.47 11.38
CA PRO A 85 -11.00 9.59 11.64
C PRO A 85 -12.06 9.73 10.56
N ARG A 86 -12.93 10.73 10.71
CA ARG A 86 -13.98 10.98 9.74
C ARG A 86 -13.43 11.70 8.51
N ASP A 87 -12.33 12.41 8.69
CA ASP A 87 -11.70 13.15 7.60
C ASP A 87 -10.75 12.25 6.81
N THR A 88 -11.03 10.94 6.83
CA THR A 88 -10.19 9.98 6.12
C THR A 88 -11.05 8.86 5.53
N SER A 89 -10.38 7.90 4.88
CA SER A 89 -11.08 6.78 4.27
C SER A 89 -10.18 5.53 4.24
N ALA A 90 -10.48 4.58 5.11
CA ALA A 90 -9.70 3.35 5.19
C ALA A 90 -10.16 2.35 4.13
N PHE A 91 -9.23 1.51 3.68
CA PHE A 91 -9.55 0.51 2.66
C PHE A 91 -9.30 -0.90 3.20
N PHE A 92 -9.82 -1.90 2.49
CA PHE A 92 -9.65 -3.30 2.90
C PHE A 92 -8.57 -3.97 2.06
N LEU A 93 -7.83 -4.89 2.67
CA LEU A 93 -6.78 -5.61 1.99
C LEU A 93 -6.64 -7.03 2.53
N GLU A 94 -7.09 -8.01 1.73
CA GLU A 94 -7.01 -9.40 2.13
C GLU A 94 -5.90 -10.13 1.37
N THR A 95 -4.95 -10.68 2.13
CA THR A 95 -3.83 -11.40 1.53
C THR A 95 -3.75 -12.82 2.06
N LYS A 96 -3.37 -13.76 1.20
CA LYS A 96 -3.25 -15.16 1.58
C LYS A 96 -2.75 -15.29 3.02
N GLU A 97 -1.80 -14.44 3.39
CA GLU A 97 -1.24 -14.47 4.74
C GLU A 97 -2.31 -14.13 5.77
N ARG A 98 -2.93 -12.96 5.61
CA ARG A 98 -3.97 -12.52 6.54
C ARG A 98 -4.63 -11.24 6.03
N LEU A 99 -5.68 -10.80 6.73
CA LEU A 99 -6.40 -9.58 6.35
C LEU A 99 -5.79 -8.36 7.03
N TYR A 100 -5.34 -7.41 6.23
CA TYR A 100 -4.73 -6.19 6.76
C TYR A 100 -5.65 -4.99 6.54
N LEU A 101 -5.90 -4.24 7.59
CA LEU A 101 -6.75 -3.06 7.52
C LEU A 101 -5.94 -1.78 7.65
N LEU A 102 -5.63 -1.16 6.51
CA LEU A 102 -4.86 0.08 6.49
C LEU A 102 -5.76 1.28 6.27
N ALA A 103 -5.27 2.45 6.65
CA ALA A 103 -6.03 3.69 6.49
C ALA A 103 -5.41 4.59 5.44
N ALA A 104 -6.23 5.31 4.70
CA ALA A 104 -5.76 6.22 3.66
C ALA A 104 -6.61 7.48 3.60
N PRO A 105 -5.98 8.60 3.22
CA PRO A 105 -6.65 9.89 3.11
C PRO A 105 -7.65 9.94 1.95
N ALA A 106 -8.90 10.22 2.27
CA ALA A 106 -9.95 10.30 1.25
C ALA A 106 -9.41 10.90 -0.04
N ALA A 107 -8.41 11.77 0.09
CA ALA A 107 -7.82 12.42 -1.07
C ALA A 107 -7.15 11.40 -1.99
N GLU A 108 -6.30 10.55 -1.41
CA GLU A 108 -5.61 9.53 -2.18
C GLU A 108 -6.48 8.28 -2.34
N ARG A 109 -7.15 7.90 -1.27
CA ARG A 109 -8.01 6.72 -1.28
C ARG A 109 -8.67 6.56 -2.65
N GLY A 110 -9.28 7.64 -3.13
CA GLY A 110 -9.95 7.59 -4.42
C GLY A 110 -9.14 6.86 -5.48
N ASP A 111 -7.85 7.18 -5.56
CA ASP A 111 -6.96 6.56 -6.52
C ASP A 111 -6.37 5.27 -5.97
N TRP A 112 -5.83 5.35 -4.76
CA TRP A 112 -5.24 4.18 -4.11
C TRP A 112 -5.99 2.91 -4.48
N VAL A 113 -7.22 2.79 -3.98
CA VAL A 113 -8.05 1.62 -4.25
C VAL A 113 -8.11 1.33 -5.74
N GLN A 114 -8.29 2.37 -6.54
CA GLN A 114 -8.37 2.23 -7.99
C GLN A 114 -7.11 1.57 -8.53
N ALA A 115 -5.98 2.26 -8.42
CA ALA A 115 -4.71 1.74 -8.90
C ALA A 115 -4.48 0.31 -8.41
N ILE A 116 -4.46 0.14 -7.10
CA ILE A 116 -4.25 -1.17 -6.50
C ILE A 116 -5.13 -2.23 -7.16
N CYS A 117 -6.36 -1.83 -7.49
CA CYS A 117 -7.31 -2.75 -8.13
C CYS A 117 -6.89 -3.03 -9.57
N LEU A 118 -6.30 -2.03 -10.22
CA LEU A 118 -5.87 -2.17 -11.61
C LEU A 118 -4.66 -3.09 -11.71
N LEU A 119 -3.84 -3.12 -10.65
CA LEU A 119 -2.66 -3.96 -10.62
C LEU A 119 -2.96 -5.29 -9.94
N ALA A 120 -3.36 -5.22 -8.67
CA ALA A 120 -3.69 -6.41 -7.90
C ALA A 120 -4.60 -7.34 -8.68
N PHE A 121 -5.47 -6.76 -9.51
CA PHE A 121 -6.40 -7.53 -10.31
C PHE A 121 -6.21 -7.23 -11.80
N SER A 122 -4.98 -6.92 -12.18
CA SER A 122 -4.68 -6.59 -13.57
C SER A 122 -5.19 -7.69 -14.51
N GLY A 123 -6.32 -7.42 -15.16
CA GLY A 123 -6.90 -8.38 -16.07
C GLY A 123 -8.22 -7.91 -16.66
N PRO A 124 -8.47 -8.30 -17.92
CA PRO A 124 -9.70 -7.91 -18.62
C PRO A 124 -10.93 -8.61 -18.06
N SER A 125 -10.71 -9.55 -17.14
CA SER A 125 -11.80 -10.29 -16.52
C SER A 125 -12.18 -9.68 -15.18
N SER A 126 -12.30 -8.35 -15.15
CA SER A 126 -12.65 -7.64 -13.93
C SER A 126 -13.76 -6.62 -14.19
N GLY A 127 -14.94 -6.88 -13.63
CA GLY A 127 -16.06 -5.97 -13.81
C GLY A 127 -17.39 -6.65 -13.57
N GLY A 1 31.16 2.08 -20.46
CA GLY A 1 31.24 3.33 -19.74
C GLY A 1 30.38 3.35 -18.51
N SER A 2 29.25 4.06 -18.58
CA SER A 2 28.34 4.17 -17.45
C SER A 2 27.73 2.81 -17.12
N SER A 3 27.24 2.66 -15.89
CA SER A 3 26.64 1.42 -15.45
C SER A 3 25.17 1.34 -15.88
N GLY A 4 24.39 2.33 -15.46
CA GLY A 4 22.98 2.36 -15.82
C GLY A 4 22.12 2.95 -14.71
N SER A 5 22.27 4.24 -14.47
CA SER A 5 21.51 4.91 -13.43
C SER A 5 21.89 4.40 -12.05
N SER A 6 23.18 4.20 -11.83
CA SER A 6 23.69 3.71 -10.55
C SER A 6 22.89 2.49 -10.09
N GLY A 7 22.64 1.57 -11.02
CA GLY A 7 21.88 0.37 -10.69
C GLY A 7 20.40 0.63 -10.61
N MET A 8 19.88 0.74 -9.39
CA MET A 8 18.46 0.98 -9.18
C MET A 8 18.25 2.06 -8.12
N GLY A 9 17.95 3.27 -8.57
CA GLY A 9 17.73 4.38 -7.65
C GLY A 9 16.31 4.43 -7.14
N ASP A 10 15.43 5.09 -7.90
CA ASP A 10 14.04 5.22 -7.52
C ASP A 10 13.14 5.33 -8.74
N GLY A 11 12.21 4.39 -8.88
CA GLY A 11 11.30 4.41 -10.02
C GLY A 11 9.93 3.87 -9.67
N ALA A 12 9.09 4.73 -9.10
CA ALA A 12 7.74 4.33 -8.72
C ALA A 12 6.69 5.17 -9.46
N VAL A 13 5.62 4.51 -9.88
CA VAL A 13 4.54 5.19 -10.60
C VAL A 13 3.81 6.17 -9.69
N LYS A 14 3.45 5.71 -8.50
CA LYS A 14 2.74 6.53 -7.53
C LYS A 14 3.32 6.37 -6.14
N GLN A 15 3.23 7.42 -5.33
CA GLN A 15 3.76 7.38 -3.97
C GLN A 15 2.78 8.05 -3.00
N GLY A 16 2.86 7.66 -1.73
CA GLY A 16 1.99 8.23 -0.72
C GLY A 16 2.24 7.65 0.66
N PHE A 17 1.56 8.20 1.66
CA PHE A 17 1.71 7.73 3.04
C PHE A 17 0.51 6.88 3.46
N LEU A 18 0.78 5.63 3.82
CA LEU A 18 -0.27 4.71 4.24
C LEU A 18 -0.16 4.39 5.73
N TYR A 19 -1.15 3.68 6.25
CA TYR A 19 -1.15 3.31 7.66
C TYR A 19 -1.60 1.87 7.85
N LEU A 20 -1.00 1.18 8.81
CA LEU A 20 -1.33 -0.21 9.09
C LEU A 20 -1.70 -0.40 10.56
N GLN A 21 -2.99 -0.61 10.81
CA GLN A 21 -3.48 -0.81 12.17
C GLN A 21 -2.94 -2.10 12.76
N GLN A 22 -2.16 -1.98 13.84
CA GLN A 22 -1.58 -3.14 14.49
C GLN A 22 -2.34 -3.47 15.77
N GLN A 23 -3.24 -4.45 15.70
CA GLN A 23 -4.03 -4.86 16.85
C GLN A 23 -3.23 -5.77 17.75
N GLN A 24 -2.24 -6.45 17.18
CA GLN A 24 -1.38 -7.36 17.95
C GLN A 24 -0.02 -6.74 18.22
N THR A 25 0.07 -5.97 19.29
CA THR A 25 1.32 -5.30 19.66
C THR A 25 1.19 -4.59 21.00
N PHE A 26 2.25 -3.92 21.42
CA PHE A 26 2.26 -3.19 22.69
C PHE A 26 0.92 -2.50 22.92
N GLY A 27 0.48 -1.73 21.92
CA GLY A 27 -0.79 -1.03 22.03
C GLY A 27 -1.39 -0.69 20.69
N LYS A 28 -2.71 -0.77 20.60
CA LYS A 28 -3.41 -0.47 19.35
C LYS A 28 -3.28 1.00 19.00
N LYS A 29 -2.30 1.32 18.15
CA LYS A 29 -2.07 2.70 17.73
C LYS A 29 -1.74 2.76 16.24
N TRP A 30 -2.29 3.75 15.56
CA TRP A 30 -2.05 3.93 14.13
C TRP A 30 -0.58 4.19 13.85
N ARG A 31 -0.08 3.64 12.74
CA ARG A 31 1.31 3.80 12.36
C ARG A 31 1.45 4.06 10.87
N ARG A 32 2.36 4.95 10.49
CA ARG A 32 2.58 5.28 9.09
C ARG A 32 3.96 4.82 8.64
N PHE A 33 4.10 4.59 7.33
CA PHE A 33 5.36 4.15 6.77
C PHE A 33 5.46 4.54 5.29
N GLY A 34 6.68 4.87 4.87
CA GLY A 34 6.90 5.27 3.48
C GLY A 34 6.53 4.17 2.51
N ALA A 35 5.36 4.30 1.89
CA ALA A 35 4.89 3.31 0.93
C ALA A 35 5.09 3.80 -0.50
N SER A 36 5.46 2.89 -1.40
CA SER A 36 5.69 3.23 -2.80
C SER A 36 4.99 2.24 -3.72
N LEU A 37 4.21 2.75 -4.65
CA LEU A 37 3.48 1.91 -5.60
C LEU A 37 4.30 1.70 -6.87
N TYR A 38 4.78 0.47 -7.05
CA TYR A 38 5.57 0.13 -8.23
C TYR A 38 4.74 -0.66 -9.23
N GLY A 39 5.07 -0.49 -10.52
CA GLY A 39 4.34 -1.19 -11.56
C GLY A 39 3.74 -0.25 -12.59
N GLY A 40 2.42 -0.28 -12.72
CA GLY A 40 1.75 0.59 -13.67
C GLY A 40 2.56 0.79 -14.93
N SER A 41 2.85 -0.29 -15.65
CA SER A 41 3.63 -0.23 -16.87
C SER A 41 3.39 -1.46 -17.73
N ASP A 42 3.87 -1.40 -18.98
CA ASP A 42 3.70 -2.52 -19.90
C ASP A 42 4.79 -3.57 -19.67
N CYS A 43 4.36 -4.76 -19.23
CA CYS A 43 5.30 -5.84 -18.98
C CYS A 43 6.19 -5.53 -17.78
N ALA A 44 5.59 -4.96 -16.74
CA ALA A 44 6.32 -4.61 -15.53
C ALA A 44 5.66 -5.20 -14.29
N LEU A 45 6.47 -5.48 -13.28
CA LEU A 45 5.96 -6.06 -12.03
C LEU A 45 5.44 -4.97 -11.10
N ALA A 46 4.52 -5.35 -10.22
CA ALA A 46 3.94 -4.40 -9.26
C ALA A 46 3.97 -4.97 -7.85
N ARG A 47 4.41 -4.16 -6.90
CA ARG A 47 4.48 -4.58 -5.50
C ARG A 47 4.53 -3.37 -4.57
N LEU A 48 3.92 -3.50 -3.40
CA LEU A 48 3.89 -2.43 -2.42
C LEU A 48 4.94 -2.65 -1.33
N GLU A 49 5.98 -1.82 -1.35
CA GLU A 49 7.05 -1.93 -0.36
C GLU A 49 6.79 -1.00 0.82
N LEU A 50 7.11 -1.48 2.02
CA LEU A 50 6.92 -0.69 3.23
C LEU A 50 8.21 -0.61 4.04
N GLN A 51 8.38 0.49 4.78
CA GLN A 51 9.56 0.69 5.60
C GLN A 51 9.20 0.73 7.08
N GLU A 52 10.18 0.46 7.93
CA GLU A 52 9.96 0.47 9.37
C GLU A 52 11.02 1.33 10.07
N GLY A 53 10.58 2.07 11.09
CA GLY A 53 11.49 2.93 11.83
C GLY A 53 12.20 3.93 10.93
N PRO A 54 11.44 4.94 10.46
CA PRO A 54 11.97 5.98 9.59
C PRO A 54 12.93 6.91 10.32
N GLU A 55 12.76 7.02 11.63
CA GLU A 55 13.61 7.89 12.45
C GLU A 55 14.39 7.07 13.47
N LYS A 56 15.35 6.29 12.99
CA LYS A 56 16.17 5.46 13.86
C LYS A 56 17.63 5.49 13.43
N PRO A 57 18.55 5.53 14.41
CA PRO A 57 19.98 5.56 14.16
C PRO A 57 20.51 4.24 13.58
N ARG A 58 19.95 3.14 14.06
CA ARG A 58 20.36 1.81 13.60
C ARG A 58 19.99 1.62 12.12
N ARG A 59 20.97 1.18 11.33
CA ARG A 59 20.76 0.96 9.91
C ARG A 59 21.00 -0.50 9.55
N CYS A 60 20.60 -1.41 10.43
CA CYS A 60 20.78 -2.84 10.21
C CYS A 60 19.44 -3.56 10.21
N GLU A 61 19.43 -4.80 9.72
CA GLU A 61 18.22 -5.60 9.66
C GLU A 61 17.07 -4.80 9.03
N ALA A 62 17.38 -4.08 7.96
CA ALA A 62 16.39 -3.29 7.26
C ALA A 62 15.03 -3.99 7.23
N ALA A 63 14.08 -3.48 8.00
CA ALA A 63 12.75 -4.06 8.06
C ALA A 63 12.01 -3.88 6.74
N ARG A 64 12.20 -4.80 5.82
CA ARG A 64 11.56 -4.74 4.51
C ARG A 64 10.25 -5.52 4.52
N LYS A 65 9.14 -4.81 4.35
CA LYS A 65 7.83 -5.44 4.34
C LYS A 65 7.07 -5.10 3.06
N VAL A 66 7.08 -6.02 2.10
CA VAL A 66 6.40 -5.82 0.84
C VAL A 66 5.23 -6.79 0.69
N ILE A 67 4.12 -6.29 0.13
CA ILE A 67 2.93 -7.09 -0.06
C ILE A 67 2.55 -7.15 -1.54
N ARG A 68 3.00 -8.19 -2.22
CA ARG A 68 2.71 -8.36 -3.64
C ARG A 68 1.22 -8.14 -3.92
N LEU A 69 0.94 -7.15 -4.77
CA LEU A 69 -0.44 -6.83 -5.13
C LEU A 69 -1.15 -8.04 -5.73
N SER A 70 -0.42 -8.79 -6.55
CA SER A 70 -0.99 -9.97 -7.20
C SER A 70 -1.52 -10.95 -6.16
N ASP A 71 -1.03 -10.84 -4.94
CA ASP A 71 -1.46 -11.72 -3.85
C ASP A 71 -2.83 -11.28 -3.31
N CYS A 72 -3.06 -9.97 -3.31
CA CYS A 72 -4.32 -9.43 -2.81
C CYS A 72 -5.50 -10.25 -3.32
N LEU A 73 -6.09 -11.04 -2.42
CA LEU A 73 -7.24 -11.88 -2.77
C LEU A 73 -8.46 -11.02 -3.09
N ARG A 74 -8.69 -10.00 -2.28
CA ARG A 74 -9.83 -9.12 -2.48
C ARG A 74 -9.68 -7.85 -1.63
N VAL A 75 -10.17 -6.73 -2.16
CA VAL A 75 -10.10 -5.46 -1.47
C VAL A 75 -11.38 -4.66 -1.62
N ALA A 76 -11.65 -3.78 -0.66
CA ALA A 76 -12.85 -2.96 -0.70
C ALA A 76 -12.64 -1.65 0.05
N GLU A 77 -13.64 -0.78 0.00
CA GLU A 77 -13.56 0.53 0.66
C GLU A 77 -14.39 0.53 1.95
N ALA A 78 -13.73 0.74 3.07
CA ALA A 78 -14.39 0.78 4.36
C ALA A 78 -14.88 2.19 4.70
N GLY A 79 -13.94 3.12 4.83
CA GLY A 79 -14.29 4.49 5.15
C GLY A 79 -13.91 4.88 6.56
N GLY A 80 -14.84 5.50 7.27
CA GLY A 80 -14.58 5.92 8.63
C GLY A 80 -15.16 4.96 9.65
N GLU A 81 -14.95 3.67 9.44
CA GLU A 81 -15.46 2.64 10.34
C GLU A 81 -14.32 2.02 11.15
N ALA A 82 -13.40 2.86 11.60
CA ALA A 82 -12.27 2.39 12.39
C ALA A 82 -11.63 3.54 13.16
N SER A 83 -10.60 3.22 13.95
CA SER A 83 -9.90 4.22 14.75
C SER A 83 -9.68 5.50 13.94
N SER A 84 -9.47 5.34 12.63
CA SER A 84 -9.24 6.47 11.76
C SER A 84 -10.37 7.49 11.88
N PRO A 85 -10.04 8.77 11.67
CA PRO A 85 -11.02 9.87 11.74
C PRO A 85 -12.01 9.83 10.59
N ARG A 86 -12.85 10.87 10.50
CA ARG A 86 -13.84 10.96 9.45
C ARG A 86 -13.24 11.53 8.17
N ASP A 87 -12.34 12.49 8.32
CA ASP A 87 -11.69 13.12 7.17
C ASP A 87 -10.87 12.10 6.38
N THR A 88 -10.72 10.90 6.95
CA THR A 88 -9.96 9.84 6.30
C THR A 88 -10.87 8.70 5.87
N SER A 89 -10.34 7.78 5.07
CA SER A 89 -11.10 6.64 4.59
C SER A 89 -10.24 5.39 4.54
N ALA A 90 -10.49 4.46 5.44
CA ALA A 90 -9.74 3.21 5.50
C ALA A 90 -10.24 2.22 4.46
N PHE A 91 -9.35 1.35 3.99
CA PHE A 91 -9.71 0.35 2.99
C PHE A 91 -9.36 -1.04 3.47
N PHE A 92 -9.91 -2.05 2.81
CA PHE A 92 -9.66 -3.44 3.18
C PHE A 92 -8.55 -4.04 2.32
N LEU A 93 -7.91 -5.10 2.82
CA LEU A 93 -6.84 -5.76 2.10
C LEU A 93 -6.62 -7.17 2.63
N GLU A 94 -7.05 -8.16 1.85
CA GLU A 94 -6.90 -9.56 2.24
C GLU A 94 -5.88 -10.26 1.34
N THR A 95 -4.95 -10.97 1.98
CA THR A 95 -3.91 -11.69 1.25
C THR A 95 -3.78 -13.12 1.75
N LYS A 96 -3.10 -13.95 0.97
CA LYS A 96 -2.90 -15.35 1.33
C LYS A 96 -2.44 -15.48 2.77
N GLU A 97 -1.69 -14.48 3.24
CA GLU A 97 -1.19 -14.47 4.61
C GLU A 97 -2.31 -14.20 5.61
N ARG A 98 -2.82 -12.97 5.62
CA ARG A 98 -3.88 -12.59 6.53
C ARG A 98 -4.54 -11.29 6.07
N LEU A 99 -5.48 -10.80 6.88
CA LEU A 99 -6.18 -9.57 6.56
C LEU A 99 -5.47 -8.36 7.17
N TYR A 100 -5.20 -7.36 6.34
CA TYR A 100 -4.53 -6.15 6.80
C TYR A 100 -5.42 -4.92 6.62
N LEU A 101 -5.82 -4.33 7.75
CA LEU A 101 -6.69 -3.15 7.72
C LEU A 101 -5.85 -1.87 7.76
N LEU A 102 -5.57 -1.30 6.60
CA LEU A 102 -4.79 -0.08 6.52
C LEU A 102 -5.69 1.14 6.33
N ALA A 103 -5.20 2.31 6.70
CA ALA A 103 -5.96 3.55 6.57
C ALA A 103 -5.34 4.46 5.52
N ALA A 104 -6.19 5.12 4.73
CA ALA A 104 -5.72 6.03 3.69
C ALA A 104 -6.58 7.30 3.65
N PRO A 105 -5.97 8.40 3.20
CA PRO A 105 -6.66 9.69 3.10
C PRO A 105 -7.71 9.71 2.00
N ALA A 106 -8.96 9.93 2.40
CA ALA A 106 -10.07 9.98 1.45
C ALA A 106 -9.66 10.66 0.14
N ALA A 107 -8.67 11.55 0.24
CA ALA A 107 -8.19 12.28 -0.92
C ALA A 107 -7.47 11.34 -1.89
N GLU A 108 -6.61 10.48 -1.35
CA GLU A 108 -5.86 9.53 -2.17
C GLU A 108 -6.66 8.25 -2.40
N ARG A 109 -7.35 7.81 -1.36
CA ARG A 109 -8.16 6.59 -1.44
C ARG A 109 -8.78 6.45 -2.82
N GLY A 110 -9.62 7.41 -3.19
CA GLY A 110 -10.26 7.37 -4.50
C GLY A 110 -9.35 6.81 -5.57
N ASP A 111 -8.11 7.27 -5.60
CA ASP A 111 -7.14 6.82 -6.58
C ASP A 111 -6.52 5.49 -6.16
N TRP A 112 -6.03 5.42 -4.94
CA TRP A 112 -5.41 4.22 -4.41
C TRP A 112 -6.21 2.98 -4.83
N VAL A 113 -7.36 2.78 -4.19
CA VAL A 113 -8.21 1.64 -4.49
C VAL A 113 -8.29 1.39 -5.99
N GLN A 114 -8.33 2.48 -6.75
CA GLN A 114 -8.41 2.38 -8.21
C GLN A 114 -7.17 1.71 -8.78
N ALA A 115 -6.01 2.34 -8.57
CA ALA A 115 -4.75 1.81 -9.06
C ALA A 115 -4.48 0.42 -8.48
N ILE A 116 -4.51 0.32 -7.16
CA ILE A 116 -4.27 -0.95 -6.48
C ILE A 116 -5.12 -2.07 -7.08
N CYS A 117 -6.42 -1.85 -7.13
CA CYS A 117 -7.34 -2.84 -7.68
C CYS A 117 -7.02 -3.13 -9.15
N LEU A 118 -6.62 -2.09 -9.88
CA LEU A 118 -6.28 -2.24 -11.29
C LEU A 118 -5.14 -3.23 -11.47
N LEU A 119 -4.15 -3.16 -10.59
CA LEU A 119 -3.00 -4.06 -10.66
C LEU A 119 -3.29 -5.36 -9.90
N ALA A 120 -3.50 -5.24 -8.59
CA ALA A 120 -3.78 -6.39 -7.76
C ALA A 120 -4.71 -7.37 -8.46
N PHE A 121 -5.62 -6.84 -9.29
CA PHE A 121 -6.56 -7.67 -10.03
C PHE A 121 -6.22 -7.67 -11.52
N SER A 122 -4.94 -7.81 -11.83
CA SER A 122 -4.48 -7.83 -13.21
C SER A 122 -3.27 -8.74 -13.37
N GLY A 123 -3.09 -9.28 -14.58
CA GLY A 123 -1.96 -10.15 -14.84
C GLY A 123 -1.35 -9.92 -16.20
N PRO A 124 -0.64 -10.93 -16.73
CA PRO A 124 0.00 -10.85 -18.04
C PRO A 124 -1.00 -10.83 -19.18
N SER A 125 -0.67 -10.08 -20.24
CA SER A 125 -1.55 -9.97 -21.40
C SER A 125 -1.25 -11.07 -22.41
N SER A 126 0.02 -11.22 -22.75
CA SER A 126 0.45 -12.23 -23.71
C SER A 126 0.31 -13.63 -23.13
N GLY A 127 -0.29 -14.54 -23.89
CA GLY A 127 -0.47 -15.90 -23.43
C GLY A 127 0.80 -16.73 -23.52
N GLY A 1 -4.40 15.91 -8.52
CA GLY A 1 -3.94 15.15 -9.66
C GLY A 1 -2.54 15.55 -10.09
N SER A 2 -2.45 16.51 -11.00
CA SER A 2 -1.16 16.99 -11.49
C SER A 2 -0.23 15.80 -11.81
N SER A 3 -0.80 14.77 -12.43
CA SER A 3 -0.04 13.58 -12.79
C SER A 3 -0.78 12.75 -13.84
N GLY A 4 -0.03 12.26 -14.82
CA GLY A 4 -0.62 11.47 -15.88
C GLY A 4 0.42 10.82 -16.77
N SER A 5 1.11 9.82 -16.24
CA SER A 5 2.14 9.12 -16.99
C SER A 5 2.38 7.72 -16.42
N SER A 6 3.29 6.98 -17.04
CA SER A 6 3.60 5.63 -16.60
C SER A 6 5.11 5.39 -16.63
N GLY A 7 5.65 4.90 -15.51
CA GLY A 7 7.07 4.63 -15.44
C GLY A 7 7.43 3.25 -15.93
N MET A 8 8.52 3.16 -16.68
CA MET A 8 8.98 1.88 -17.22
C MET A 8 10.12 1.32 -16.39
N GLY A 9 10.35 1.91 -15.23
CA GLY A 9 11.41 1.45 -14.35
C GLY A 9 11.54 2.30 -13.10
N ASP A 10 11.86 3.57 -13.27
CA ASP A 10 12.01 4.48 -12.14
C ASP A 10 10.93 5.56 -12.16
N GLY A 11 9.77 5.24 -11.60
CA GLY A 11 8.68 6.19 -11.57
C GLY A 11 7.42 5.61 -10.94
N ALA A 12 7.51 5.23 -9.67
CA ALA A 12 6.38 4.65 -8.96
C ALA A 12 5.06 5.27 -9.42
N VAL A 13 4.16 4.44 -9.94
CA VAL A 13 2.87 4.91 -10.42
C VAL A 13 2.25 5.91 -9.45
N LYS A 14 2.36 5.61 -8.15
CA LYS A 14 1.80 6.48 -7.12
C LYS A 14 2.65 6.41 -5.85
N GLN A 15 2.97 7.57 -5.30
CA GLN A 15 3.77 7.64 -4.08
C GLN A 15 3.00 8.32 -2.96
N GLY A 16 3.04 7.72 -1.77
CA GLY A 16 2.34 8.29 -0.64
C GLY A 16 2.64 7.56 0.66
N PHE A 17 1.94 7.93 1.72
CA PHE A 17 2.14 7.31 3.02
C PHE A 17 0.90 6.53 3.46
N LEU A 18 1.07 5.26 3.77
CA LEU A 18 -0.03 4.41 4.19
C LEU A 18 0.10 4.05 5.68
N TYR A 19 -1.05 3.89 6.34
CA TYR A 19 -1.06 3.55 7.76
C TYR A 19 -1.56 2.12 7.96
N LEU A 20 -0.82 1.35 8.76
CA LEU A 20 -1.18 -0.03 9.04
C LEU A 20 -1.50 -0.22 10.52
N GLN A 21 -2.78 -0.41 10.82
CA GLN A 21 -3.22 -0.61 12.20
C GLN A 21 -2.76 -1.96 12.73
N GLN A 22 -1.99 -1.94 13.80
CA GLN A 22 -1.49 -3.18 14.40
C GLN A 22 -1.48 -3.08 15.92
N GLN A 23 -1.41 -4.22 16.59
CA GLN A 23 -1.40 -4.26 18.04
C GLN A 23 0.03 -4.35 18.57
N GLN A 24 0.53 -3.24 19.11
CA GLN A 24 1.88 -3.20 19.65
C GLN A 24 1.85 -2.95 21.16
N THR A 25 1.30 -1.81 21.56
CA THR A 25 1.21 -1.47 22.98
C THR A 25 -0.14 -0.89 23.32
N PHE A 26 -0.69 -1.29 24.46
CA PHE A 26 -1.99 -0.79 24.90
C PHE A 26 -3.01 -0.85 23.77
N GLY A 27 -3.09 -2.01 23.11
CA GLY A 27 -4.03 -2.17 22.01
C GLY A 27 -3.40 -1.85 20.67
N LYS A 28 -4.23 -1.49 19.70
CA LYS A 28 -3.76 -1.17 18.36
C LYS A 28 -3.88 0.33 18.09
N LYS A 29 -2.96 0.86 17.30
CA LYS A 29 -2.96 2.29 16.97
C LYS A 29 -2.54 2.51 15.51
N TRP A 30 -2.65 3.74 15.05
CA TRP A 30 -2.28 4.09 13.68
C TRP A 30 -0.82 4.49 13.60
N ARG A 31 -0.11 3.93 12.62
CA ARG A 31 1.31 4.23 12.43
C ARG A 31 1.61 4.55 10.98
N ARG A 32 2.57 5.43 10.74
CA ARG A 32 2.95 5.81 9.39
C ARG A 32 4.04 4.91 8.85
N PHE A 33 3.96 4.58 7.56
CA PHE A 33 4.93 3.70 6.93
C PHE A 33 5.09 4.06 5.45
N GLY A 34 6.24 4.63 5.11
CA GLY A 34 6.49 5.01 3.73
C GLY A 34 6.07 3.93 2.74
N ALA A 35 5.10 4.24 1.90
CA ALA A 35 4.61 3.29 0.91
C ALA A 35 4.86 3.79 -0.50
N SER A 36 5.24 2.88 -1.39
CA SER A 36 5.53 3.23 -2.78
C SER A 36 4.89 2.23 -3.73
N LEU A 37 4.12 2.73 -4.70
CA LEU A 37 3.45 1.88 -5.67
C LEU A 37 4.32 1.69 -6.92
N TYR A 38 4.66 0.45 -7.23
CA TYR A 38 5.48 0.14 -8.38
C TYR A 38 4.73 -0.77 -9.36
N GLY A 39 5.11 -0.70 -10.63
CA GLY A 39 4.47 -1.53 -11.64
C GLY A 39 3.86 -0.70 -12.76
N GLY A 40 2.92 -1.30 -13.48
CA GLY A 40 2.28 -0.60 -14.58
C GLY A 40 2.31 -1.39 -15.87
N SER A 41 2.05 -0.72 -16.98
CA SER A 41 2.05 -1.37 -18.29
C SER A 41 3.40 -2.04 -18.56
N ASP A 42 3.47 -2.75 -19.68
CA ASP A 42 4.70 -3.44 -20.06
C ASP A 42 5.06 -4.51 -19.03
N CYS A 43 4.07 -5.29 -18.61
CA CYS A 43 4.28 -6.34 -17.63
C CYS A 43 5.35 -5.93 -16.61
N ALA A 44 5.16 -4.75 -16.01
CA ALA A 44 6.10 -4.25 -15.02
C ALA A 44 5.77 -4.77 -13.62
N LEU A 45 6.59 -5.69 -13.14
CA LEU A 45 6.38 -6.27 -11.82
C LEU A 45 5.84 -5.24 -10.84
N ALA A 46 4.65 -5.50 -10.31
CA ALA A 46 4.02 -4.59 -9.36
C ALA A 46 4.04 -5.17 -7.95
N ARG A 47 4.32 -4.32 -6.98
CA ARG A 47 4.38 -4.74 -5.58
C ARG A 47 4.35 -3.53 -4.64
N LEU A 48 3.78 -3.73 -3.46
CA LEU A 48 3.68 -2.66 -2.47
C LEU A 48 4.78 -2.78 -1.42
N GLU A 49 5.59 -1.74 -1.30
CA GLU A 49 6.69 -1.73 -0.34
C GLU A 49 6.33 -0.90 0.89
N LEU A 50 7.04 -1.15 1.99
CA LEU A 50 6.78 -0.42 3.22
C LEU A 50 8.09 -0.15 3.97
N GLN A 51 8.08 0.85 4.85
CA GLN A 51 9.26 1.21 5.62
C GLN A 51 8.95 1.25 7.11
N GLU A 52 9.97 1.12 7.94
CA GLU A 52 9.80 1.14 9.38
C GLU A 52 10.71 2.18 10.02
N GLY A 53 10.10 3.20 10.62
CA GLY A 53 10.86 4.26 11.26
C GLY A 53 11.26 5.35 10.29
N PRO A 54 10.29 6.19 9.92
CA PRO A 54 10.52 7.30 8.99
C PRO A 54 11.37 8.40 9.60
N GLU A 55 11.62 8.30 10.91
CA GLU A 55 12.42 9.29 11.62
C GLU A 55 13.72 8.67 12.13
N LYS A 56 14.36 7.87 11.29
CA LYS A 56 15.61 7.22 11.66
C LYS A 56 16.77 7.73 10.82
N PRO A 57 17.90 7.99 11.48
CA PRO A 57 19.10 8.50 10.80
C PRO A 57 19.75 7.45 9.90
N ARG A 58 19.94 6.25 10.44
CA ARG A 58 20.55 5.16 9.69
C ARG A 58 19.59 3.97 9.59
N ARG A 59 19.43 3.45 8.38
CA ARG A 59 18.54 2.31 8.15
C ARG A 59 18.68 1.28 9.27
N CYS A 60 17.69 0.41 9.39
CA CYS A 60 17.70 -0.63 10.42
C CYS A 60 18.43 -1.88 9.93
N GLU A 61 18.68 -2.81 10.84
CA GLU A 61 19.37 -4.04 10.50
C GLU A 61 18.38 -5.15 10.18
N ALA A 62 17.31 -4.80 9.48
CA ALA A 62 16.29 -5.76 9.10
C ALA A 62 15.68 -5.42 7.75
N ALA A 63 15.21 -6.45 7.05
CA ALA A 63 14.60 -6.25 5.73
C ALA A 63 13.27 -5.51 5.84
N ARG A 64 12.85 -4.89 4.75
CA ARG A 64 11.60 -4.14 4.73
C ARG A 64 10.43 -5.06 4.40
N LYS A 65 9.22 -4.62 4.77
CA LYS A 65 8.02 -5.40 4.50
C LYS A 65 7.37 -4.99 3.18
N VAL A 66 7.21 -5.96 2.28
CA VAL A 66 6.61 -5.70 0.98
C VAL A 66 5.47 -6.67 0.70
N ILE A 67 4.29 -6.12 0.39
CA ILE A 67 3.12 -6.93 0.09
C ILE A 67 2.77 -6.88 -1.39
N ARG A 68 3.21 -7.89 -2.13
CA ARG A 68 2.95 -7.95 -3.56
C ARG A 68 1.45 -7.93 -3.84
N LEU A 69 1.04 -7.10 -4.80
CA LEU A 69 -0.37 -6.98 -5.15
C LEU A 69 -0.98 -8.34 -5.45
N SER A 70 -0.15 -9.26 -5.95
CA SER A 70 -0.60 -10.60 -6.28
C SER A 70 -1.18 -11.29 -5.04
N ASP A 71 -0.59 -11.02 -3.89
CA ASP A 71 -1.03 -11.62 -2.63
C ASP A 71 -2.40 -11.07 -2.23
N CYS A 72 -2.68 -9.84 -2.66
CA CYS A 72 -3.95 -9.19 -2.34
C CYS A 72 -5.11 -9.97 -2.94
N LEU A 73 -5.62 -10.96 -2.21
CA LEU A 73 -6.73 -11.77 -2.67
C LEU A 73 -7.92 -10.89 -3.07
N ARG A 74 -8.35 -10.05 -2.14
CA ARG A 74 -9.48 -9.15 -2.39
C ARG A 74 -9.31 -7.85 -1.62
N VAL A 75 -9.84 -6.76 -2.18
CA VAL A 75 -9.76 -5.45 -1.55
C VAL A 75 -11.09 -4.72 -1.62
N ALA A 76 -11.20 -3.61 -0.89
CA ALA A 76 -12.42 -2.82 -0.88
C ALA A 76 -12.19 -1.48 -0.19
N GLU A 77 -13.23 -0.64 -0.16
CA GLU A 77 -13.14 0.66 0.47
C GLU A 77 -14.04 0.73 1.70
N ALA A 78 -13.45 1.13 2.82
CA ALA A 78 -14.20 1.24 4.08
C ALA A 78 -14.70 2.67 4.29
N GLY A 79 -13.77 3.58 4.61
CA GLY A 79 -14.15 4.96 4.84
C GLY A 79 -15.26 5.11 5.86
N GLY A 80 -14.89 5.47 7.09
CA GLY A 80 -15.87 5.63 8.14
C GLY A 80 -15.76 4.57 9.21
N GLU A 81 -16.42 3.44 8.99
CA GLU A 81 -16.38 2.34 9.96
C GLU A 81 -15.02 2.25 10.63
N ALA A 82 -13.97 2.10 9.82
CA ALA A 82 -12.61 2.00 10.34
C ALA A 82 -12.38 3.03 11.45
N SER A 83 -11.32 2.80 12.24
CA SER A 83 -10.99 3.69 13.33
C SER A 83 -10.52 5.05 12.81
N SER A 84 -10.10 5.07 11.54
CA SER A 84 -9.61 6.30 10.92
C SER A 84 -10.62 7.44 11.12
N PRO A 85 -10.11 8.68 11.11
CA PRO A 85 -10.94 9.87 11.28
C PRO A 85 -11.85 10.13 10.09
N ARG A 86 -12.75 11.09 10.23
CA ARG A 86 -13.67 11.43 9.15
C ARG A 86 -12.94 12.12 8.01
N ASP A 87 -11.80 12.72 8.32
CA ASP A 87 -10.99 13.41 7.32
C ASP A 87 -10.13 12.43 6.52
N THR A 88 -10.47 11.15 6.64
CA THR A 88 -9.72 10.11 5.94
C THR A 88 -10.64 8.96 5.52
N SER A 89 -10.07 7.98 4.82
CA SER A 89 -10.84 6.83 4.36
C SER A 89 -9.98 5.58 4.33
N ALA A 90 -10.32 4.61 5.17
CA ALA A 90 -9.58 3.36 5.25
C ALA A 90 -10.09 2.36 4.21
N PHE A 91 -9.21 1.45 3.79
CA PHE A 91 -9.57 0.44 2.80
C PHE A 91 -9.27 -0.96 3.32
N PHE A 92 -9.84 -1.97 2.67
CA PHE A 92 -9.63 -3.36 3.07
C PHE A 92 -8.50 -3.98 2.27
N LEU A 93 -7.89 -5.03 2.83
CA LEU A 93 -6.79 -5.72 2.18
C LEU A 93 -6.69 -7.17 2.66
N GLU A 94 -7.10 -8.10 1.81
CA GLU A 94 -7.03 -9.52 2.15
C GLU A 94 -5.92 -10.23 1.40
N THR A 95 -5.11 -10.98 2.13
CA THR A 95 -3.99 -11.70 1.54
C THR A 95 -3.95 -13.15 2.02
N LYS A 96 -3.12 -13.96 1.37
CA LYS A 96 -3.00 -15.37 1.73
C LYS A 96 -2.69 -15.52 3.21
N GLU A 97 -1.85 -14.63 3.74
CA GLU A 97 -1.48 -14.67 5.15
C GLU A 97 -2.68 -14.37 6.03
N ARG A 98 -3.24 -13.18 5.89
CA ARG A 98 -4.39 -12.77 6.68
C ARG A 98 -5.00 -11.48 6.14
N LEU A 99 -6.01 -10.97 6.83
CA LEU A 99 -6.68 -9.74 6.41
C LEU A 99 -6.13 -8.54 7.17
N TYR A 100 -5.56 -7.59 6.43
CA TYR A 100 -5.00 -6.39 7.03
C TYR A 100 -5.90 -5.19 6.81
N LEU A 101 -5.94 -4.29 7.80
CA LEU A 101 -6.78 -3.10 7.71
C LEU A 101 -5.93 -1.83 7.79
N LEU A 102 -5.63 -1.26 6.65
CA LEU A 102 -4.82 -0.04 6.59
C LEU A 102 -5.71 1.19 6.39
N ALA A 103 -5.13 2.37 6.63
CA ALA A 103 -5.87 3.62 6.47
C ALA A 103 -5.25 4.49 5.40
N ALA A 104 -6.09 5.19 4.64
CA ALA A 104 -5.62 6.07 3.58
C ALA A 104 -6.42 7.37 3.54
N PRO A 105 -5.75 8.46 3.14
CA PRO A 105 -6.38 9.78 3.05
C PRO A 105 -7.40 9.86 1.91
N ALA A 106 -8.63 10.23 2.25
CA ALA A 106 -9.69 10.35 1.26
C ALA A 106 -9.17 10.95 -0.04
N ALA A 107 -8.11 11.73 0.06
CA ALA A 107 -7.51 12.36 -1.10
C ALA A 107 -6.87 11.32 -2.02
N GLU A 108 -6.07 10.43 -1.44
CA GLU A 108 -5.41 9.38 -2.21
C GLU A 108 -6.28 8.13 -2.28
N ARG A 109 -6.80 7.71 -1.14
CA ARG A 109 -7.64 6.52 -1.08
C ARG A 109 -8.48 6.38 -2.34
N GLY A 110 -9.10 7.47 -2.76
CA GLY A 110 -9.92 7.45 -3.95
C GLY A 110 -9.22 6.80 -5.12
N ASP A 111 -7.97 7.18 -5.35
CA ASP A 111 -7.18 6.63 -6.44
C ASP A 111 -6.53 5.31 -6.04
N TRP A 112 -5.94 5.29 -4.85
CA TRP A 112 -5.27 4.10 -4.34
C TRP A 112 -5.99 2.84 -4.80
N VAL A 113 -7.13 2.55 -4.19
CA VAL A 113 -7.92 1.38 -4.55
C VAL A 113 -7.99 1.20 -6.06
N GLN A 114 -8.18 2.31 -6.77
CA GLN A 114 -8.28 2.29 -8.23
C GLN A 114 -7.05 1.62 -8.84
N ALA A 115 -5.87 2.17 -8.55
CA ALA A 115 -4.63 1.63 -9.07
C ALA A 115 -4.36 0.24 -8.51
N ILE A 116 -4.33 0.13 -7.18
CA ILE A 116 -4.08 -1.15 -6.53
C ILE A 116 -5.02 -2.23 -7.05
N CYS A 117 -6.25 -1.84 -7.38
CA CYS A 117 -7.25 -2.77 -7.90
C CYS A 117 -7.04 -3.00 -9.39
N LEU A 118 -6.42 -2.03 -10.06
CA LEU A 118 -6.17 -2.14 -11.49
C LEU A 118 -5.01 -3.10 -11.77
N LEU A 119 -4.06 -3.15 -10.85
CA LEU A 119 -2.90 -4.03 -11.00
C LEU A 119 -3.10 -5.33 -10.22
N ALA A 120 -3.51 -5.21 -8.96
CA ALA A 120 -3.74 -6.37 -8.11
C ALA A 120 -4.74 -7.33 -8.77
N PHE A 121 -5.54 -6.80 -9.68
CA PHE A 121 -6.55 -7.61 -10.37
C PHE A 121 -6.41 -7.47 -11.88
N SER A 122 -5.16 -7.46 -12.36
CA SER A 122 -4.88 -7.34 -13.78
C SER A 122 -4.54 -8.70 -14.39
N GLY A 123 -5.29 -9.72 -14.00
CA GLY A 123 -5.05 -11.05 -14.51
C GLY A 123 -6.30 -11.91 -14.51
N PRO A 124 -7.21 -11.65 -15.46
CA PRO A 124 -8.47 -12.40 -15.57
C PRO A 124 -8.25 -13.84 -16.03
N SER A 125 -8.21 -14.76 -15.07
CA SER A 125 -8.00 -16.17 -15.38
C SER A 125 -9.04 -16.67 -16.40
N SER A 126 -8.56 -17.28 -17.48
CA SER A 126 -9.44 -17.79 -18.51
C SER A 126 -9.96 -19.18 -18.14
N GLY A 127 -11.19 -19.47 -18.57
CA GLY A 127 -11.79 -20.77 -18.27
C GLY A 127 -10.81 -21.91 -18.45
N GLY A 1 9.79 17.94 -14.77
CA GLY A 1 8.98 17.70 -13.59
C GLY A 1 9.63 18.24 -12.32
N SER A 2 9.37 17.57 -11.21
CA SER A 2 9.93 17.99 -9.93
C SER A 2 10.27 16.79 -9.06
N SER A 3 11.34 16.90 -8.29
CA SER A 3 11.78 15.81 -7.42
C SER A 3 12.61 16.35 -6.25
N GLY A 4 12.21 15.99 -5.04
CA GLY A 4 12.93 16.44 -3.86
C GLY A 4 13.24 15.32 -2.90
N SER A 5 12.81 14.10 -3.25
CA SER A 5 13.05 12.94 -2.41
C SER A 5 14.26 12.15 -2.88
N SER A 6 14.92 11.45 -1.96
CA SER A 6 16.10 10.66 -2.29
C SER A 6 15.71 9.39 -3.03
N GLY A 7 16.64 8.87 -3.83
CA GLY A 7 16.39 7.67 -4.59
C GLY A 7 16.61 7.84 -6.07
N MET A 8 17.86 7.65 -6.50
CA MET A 8 18.21 7.80 -7.91
C MET A 8 17.31 6.93 -8.79
N GLY A 9 16.80 7.52 -9.87
CA GLY A 9 15.93 6.78 -10.76
C GLY A 9 14.48 6.81 -10.33
N ASP A 10 13.57 6.70 -11.29
CA ASP A 10 12.14 6.71 -11.00
C ASP A 10 11.53 5.34 -11.24
N GLY A 11 11.17 4.66 -10.16
CA GLY A 11 10.57 3.34 -10.28
C GLY A 11 9.12 3.32 -9.85
N ALA A 12 8.85 3.84 -8.65
CA ALA A 12 7.49 3.88 -8.13
C ALA A 12 6.63 4.90 -8.88
N VAL A 13 5.60 4.41 -9.56
CA VAL A 13 4.71 5.29 -10.32
C VAL A 13 4.01 6.27 -9.41
N LYS A 14 3.39 5.76 -8.35
CA LYS A 14 2.67 6.60 -7.39
C LYS A 14 3.26 6.46 -6.00
N GLN A 15 3.61 7.58 -5.39
CA GLN A 15 4.19 7.59 -4.05
C GLN A 15 3.24 8.24 -3.05
N GLY A 16 3.07 7.60 -1.89
CA GLY A 16 2.18 8.12 -0.87
C GLY A 16 2.45 7.51 0.49
N PHE A 17 1.69 7.95 1.49
CA PHE A 17 1.86 7.45 2.85
C PHE A 17 0.62 6.64 3.28
N LEU A 18 0.86 5.43 3.77
CA LEU A 18 -0.23 4.56 4.21
C LEU A 18 -0.06 4.20 5.67
N TYR A 19 -1.18 4.05 6.37
CA TYR A 19 -1.16 3.69 7.79
C TYR A 19 -1.62 2.25 8.00
N LEU A 20 -0.85 1.50 8.77
CA LEU A 20 -1.18 0.10 9.05
C LEU A 20 -1.42 -0.11 10.54
N GLN A 21 -2.68 -0.35 10.91
CA GLN A 21 -3.04 -0.57 12.30
C GLN A 21 -2.26 -1.75 12.88
N GLN A 22 -1.41 -1.47 13.86
CA GLN A 22 -0.62 -2.51 14.50
C GLN A 22 -1.15 -2.82 15.89
N GLN A 23 -1.19 -4.11 16.22
CA GLN A 23 -1.68 -4.55 17.53
C GLN A 23 -0.69 -4.20 18.63
N GLN A 24 -0.60 -2.91 18.95
CA GLN A 24 0.31 -2.44 19.99
C GLN A 24 0.07 -3.17 21.30
N THR A 25 0.89 -2.89 22.29
CA THR A 25 0.77 -3.52 23.60
C THR A 25 -0.38 -2.93 24.40
N PHE A 26 -1.11 -3.79 25.10
CA PHE A 26 -2.25 -3.36 25.90
C PHE A 26 -2.99 -2.21 25.22
N GLY A 27 -3.13 -2.30 23.90
CA GLY A 27 -3.81 -1.26 23.15
C GLY A 27 -3.55 -1.35 21.66
N LYS A 28 -4.04 -0.37 20.92
CA LYS A 28 -3.85 -0.33 19.47
C LYS A 28 -3.74 1.10 18.98
N LYS A 29 -2.79 1.34 18.08
CA LYS A 29 -2.58 2.67 17.51
C LYS A 29 -2.16 2.58 16.05
N TRP A 30 -2.33 3.68 15.32
CA TRP A 30 -1.97 3.72 13.91
C TRP A 30 -0.49 4.01 13.74
N ARG A 31 0.04 3.69 12.56
CA ARG A 31 1.45 3.89 12.26
C ARG A 31 1.66 4.18 10.78
N ARG A 32 2.28 5.31 10.48
CA ARG A 32 2.54 5.70 9.09
C ARG A 32 3.74 4.94 8.54
N PHE A 33 3.53 4.23 7.44
CA PHE A 33 4.59 3.46 6.81
C PHE A 33 4.75 3.86 5.35
N GLY A 34 5.87 4.52 5.04
CA GLY A 34 6.12 4.95 3.68
C GLY A 34 5.63 3.94 2.65
N ALA A 35 4.66 4.35 1.83
CA ALA A 35 4.11 3.47 0.80
C ALA A 35 4.64 3.85 -0.58
N SER A 36 4.94 2.84 -1.39
CA SER A 36 5.45 3.07 -2.73
C SER A 36 4.81 2.10 -3.72
N LEU A 37 4.13 2.66 -4.73
CA LEU A 37 3.48 1.85 -5.74
C LEU A 37 4.37 1.68 -6.98
N TYR A 38 4.66 0.43 -7.33
CA TYR A 38 5.50 0.14 -8.48
C TYR A 38 4.71 -0.58 -9.57
N GLY A 39 5.13 -0.41 -10.81
CA GLY A 39 4.45 -1.05 -11.92
C GLY A 39 3.75 -0.06 -12.82
N GLY A 40 2.44 -0.25 -13.02
CA GLY A 40 1.68 0.65 -13.87
C GLY A 40 1.51 0.10 -15.27
N SER A 41 1.04 0.96 -16.18
CA SER A 41 0.82 0.55 -17.57
C SER A 41 2.01 -0.25 -18.09
N ASP A 42 3.19 0.36 -18.02
CA ASP A 42 4.41 -0.31 -18.49
C ASP A 42 4.45 -1.76 -18.03
N CYS A 43 4.37 -2.68 -18.98
CA CYS A 43 4.39 -4.11 -18.67
C CYS A 43 5.55 -4.44 -17.74
N ALA A 44 5.23 -4.67 -16.47
CA ALA A 44 6.25 -5.00 -15.47
C ALA A 44 5.60 -5.51 -14.19
N LEU A 45 6.44 -5.85 -13.21
CA LEU A 45 5.95 -6.37 -11.93
C LEU A 45 5.53 -5.22 -11.02
N ALA A 46 4.40 -5.40 -10.33
CA ALA A 46 3.89 -4.38 -9.42
C ALA A 46 3.85 -4.90 -7.98
N ARG A 47 4.27 -4.07 -7.04
CA ARG A 47 4.27 -4.45 -5.63
C ARG A 47 4.27 -3.21 -4.73
N LEU A 48 3.69 -3.35 -3.55
CA LEU A 48 3.61 -2.25 -2.60
C LEU A 48 4.66 -2.41 -1.50
N GLU A 49 5.59 -1.46 -1.43
CA GLU A 49 6.65 -1.49 -0.43
C GLU A 49 6.24 -0.70 0.81
N LEU A 50 6.82 -1.06 1.95
CA LEU A 50 6.52 -0.38 3.20
C LEU A 50 7.80 -0.11 3.99
N GLN A 51 7.95 1.13 4.45
CA GLN A 51 9.13 1.52 5.21
C GLN A 51 8.76 1.80 6.66
N GLU A 52 9.64 1.40 7.58
CA GLU A 52 9.42 1.61 9.00
C GLU A 52 8.74 2.95 9.27
N GLY A 53 9.49 4.02 9.07
CA GLY A 53 8.94 5.36 9.29
C GLY A 53 10.00 6.44 9.15
N PRO A 54 10.65 6.79 10.27
CA PRO A 54 11.69 7.82 10.31
C PRO A 54 12.96 7.37 9.59
N GLU A 55 12.97 6.14 9.11
CA GLU A 55 14.13 5.60 8.41
C GLU A 55 15.42 6.04 9.08
N LYS A 56 15.48 5.93 10.40
CA LYS A 56 16.67 6.32 11.15
C LYS A 56 17.89 5.53 10.69
N PRO A 57 19.05 6.20 10.68
CA PRO A 57 20.31 5.58 10.27
C PRO A 57 20.80 4.55 11.28
N ARG A 58 20.41 3.30 11.07
CA ARG A 58 20.80 2.21 11.95
C ARG A 58 21.15 0.96 11.16
N ARG A 59 21.94 0.07 11.76
CA ARG A 59 22.35 -1.16 11.10
C ARG A 59 21.21 -1.74 10.27
N CYS A 60 21.54 -2.29 9.11
CA CYS A 60 20.54 -2.87 8.22
C CYS A 60 20.52 -4.39 8.35
N GLU A 61 19.82 -4.87 9.39
CA GLU A 61 19.73 -6.31 9.63
C GLU A 61 18.28 -6.72 9.88
N ALA A 62 17.42 -6.48 8.89
CA ALA A 62 16.01 -6.82 8.99
C ALA A 62 15.36 -6.90 7.62
N ALA A 63 14.33 -7.73 7.51
CA ALA A 63 13.62 -7.90 6.24
C ALA A 63 12.60 -6.78 6.04
N ARG A 64 12.53 -6.26 4.82
CA ARG A 64 11.60 -5.19 4.50
C ARG A 64 10.17 -5.73 4.37
N LYS A 65 9.20 -4.85 4.61
CA LYS A 65 7.80 -5.23 4.53
C LYS A 65 7.22 -4.90 3.15
N VAL A 66 6.93 -5.94 2.37
CA VAL A 66 6.37 -5.77 1.04
C VAL A 66 5.15 -6.65 0.83
N ILE A 67 4.10 -6.07 0.27
CA ILE A 67 2.86 -6.81 0.02
C ILE A 67 2.51 -6.81 -1.46
N ARG A 68 2.93 -7.86 -2.17
CA ARG A 68 2.66 -7.98 -3.59
C ARG A 68 1.16 -7.86 -3.88
N LEU A 69 0.83 -7.02 -4.86
CA LEU A 69 -0.57 -6.82 -5.23
C LEU A 69 -1.14 -8.04 -5.92
N SER A 70 -0.26 -8.86 -6.48
CA SER A 70 -0.68 -10.08 -7.18
C SER A 70 -1.18 -11.13 -6.19
N ASP A 71 -0.72 -11.03 -4.94
CA ASP A 71 -1.12 -11.96 -3.91
C ASP A 71 -2.49 -11.58 -3.34
N CYS A 72 -2.75 -10.28 -3.28
CA CYS A 72 -4.03 -9.78 -2.76
C CYS A 72 -5.18 -10.66 -3.23
N LEU A 73 -5.91 -11.24 -2.27
CA LEU A 73 -7.05 -12.10 -2.59
C LEU A 73 -8.28 -11.27 -2.94
N ARG A 74 -8.49 -10.19 -2.20
CA ARG A 74 -9.64 -9.31 -2.44
C ARG A 74 -9.51 -8.03 -1.62
N VAL A 75 -10.01 -6.93 -2.19
CA VAL A 75 -9.95 -5.63 -1.52
C VAL A 75 -11.28 -4.90 -1.64
N ALA A 76 -11.48 -3.92 -0.77
CA ALA A 76 -12.71 -3.14 -0.77
C ALA A 76 -12.49 -1.76 -0.13
N GLU A 77 -13.50 -0.90 -0.24
CA GLU A 77 -13.41 0.44 0.32
C GLU A 77 -14.19 0.54 1.63
N ALA A 78 -13.56 1.15 2.63
CA ALA A 78 -14.19 1.31 3.95
C ALA A 78 -14.62 2.75 4.17
N GLY A 79 -15.41 2.98 5.22
CA GLY A 79 -15.88 4.31 5.53
C GLY A 79 -15.52 4.74 6.95
N GLY A 80 -16.52 5.23 7.67
CA GLY A 80 -16.28 5.67 9.04
C GLY A 80 -16.20 4.51 10.01
N GLU A 81 -16.58 3.32 9.55
CA GLU A 81 -16.55 2.13 10.39
C GLU A 81 -15.17 1.94 11.03
N ALA A 82 -14.13 2.05 10.21
CA ALA A 82 -12.77 1.91 10.70
C ALA A 82 -12.39 3.03 11.66
N SER A 83 -11.62 2.70 12.68
CA SER A 83 -11.19 3.68 13.66
C SER A 83 -10.76 4.98 12.99
N SER A 84 -10.36 4.88 11.73
CA SER A 84 -9.92 6.05 10.97
C SER A 84 -10.91 7.19 11.12
N PRO A 85 -10.39 8.44 11.11
CA PRO A 85 -11.21 9.64 11.24
C PRO A 85 -12.07 9.90 10.00
N ARG A 86 -13.08 10.76 10.15
CA ARG A 86 -13.97 11.08 9.05
C ARG A 86 -13.24 11.87 7.97
N ASP A 87 -12.11 12.47 8.34
CA ASP A 87 -11.32 13.25 7.40
C ASP A 87 -10.50 12.35 6.50
N THR A 88 -10.53 11.05 6.78
CA THR A 88 -9.79 10.07 5.99
C THR A 88 -10.70 8.96 5.49
N SER A 89 -10.11 7.96 4.83
CA SER A 89 -10.87 6.84 4.30
C SER A 89 -10.05 5.56 4.33
N ALA A 90 -10.46 4.62 5.17
CA ALA A 90 -9.77 3.34 5.29
C ALA A 90 -10.22 2.37 4.21
N PHE A 91 -9.38 1.38 3.94
CA PHE A 91 -9.69 0.38 2.91
C PHE A 91 -9.39 -1.02 3.43
N PHE A 92 -9.76 -2.03 2.64
CA PHE A 92 -9.53 -3.42 3.01
C PHE A 92 -8.42 -4.03 2.17
N LEU A 93 -7.81 -5.09 2.70
CA LEU A 93 -6.72 -5.77 1.99
C LEU A 93 -6.51 -7.18 2.55
N GLU A 94 -6.88 -8.18 1.77
CA GLU A 94 -6.73 -9.56 2.19
C GLU A 94 -5.60 -10.25 1.44
N THR A 95 -4.72 -10.91 2.17
CA THR A 95 -3.58 -11.61 1.57
C THR A 95 -3.52 -13.06 2.02
N LYS A 96 -2.98 -13.92 1.16
CA LYS A 96 -2.85 -15.33 1.47
C LYS A 96 -2.42 -15.54 2.92
N GLU A 97 -1.75 -14.54 3.49
CA GLU A 97 -1.29 -14.61 4.87
C GLU A 97 -2.41 -14.30 5.85
N ARG A 98 -2.88 -13.06 5.83
CA ARG A 98 -3.96 -12.64 6.71
C ARG A 98 -4.61 -11.35 6.21
N LEU A 99 -5.65 -10.89 6.91
CA LEU A 99 -6.35 -9.67 6.53
C LEU A 99 -5.70 -8.46 7.18
N TYR A 100 -5.38 -7.45 6.36
CA TYR A 100 -4.75 -6.24 6.85
C TYR A 100 -5.67 -5.04 6.64
N LEU A 101 -5.93 -4.30 7.71
CA LEU A 101 -6.79 -3.12 7.63
C LEU A 101 -5.96 -1.83 7.74
N LEU A 102 -5.63 -1.24 6.60
CA LEU A 102 -4.84 -0.02 6.57
C LEU A 102 -5.74 1.19 6.34
N ALA A 103 -5.24 2.37 6.70
CA ALA A 103 -6.00 3.60 6.53
C ALA A 103 -5.35 4.51 5.49
N ALA A 104 -6.17 5.15 4.67
CA ALA A 104 -5.66 6.05 3.63
C ALA A 104 -6.47 7.34 3.59
N PRO A 105 -5.80 8.45 3.23
CA PRO A 105 -6.44 9.76 3.14
C PRO A 105 -7.41 9.85 1.97
N ALA A 106 -8.66 10.21 2.27
CA ALA A 106 -9.68 10.34 1.24
C ALA A 106 -9.11 10.97 -0.03
N ALA A 107 -8.07 11.78 0.14
CA ALA A 107 -7.43 12.44 -0.99
C ALA A 107 -6.80 11.43 -1.94
N GLU A 108 -5.95 10.56 -1.39
CA GLU A 108 -5.27 9.53 -2.19
C GLU A 108 -6.13 8.28 -2.28
N ARG A 109 -6.64 7.83 -1.13
CA ARG A 109 -7.46 6.63 -1.08
C ARG A 109 -8.30 6.49 -2.36
N GLY A 110 -8.95 7.58 -2.75
CA GLY A 110 -9.77 7.55 -3.95
C GLY A 110 -9.09 6.85 -5.11
N ASP A 111 -7.84 7.22 -5.37
CA ASP A 111 -7.09 6.63 -6.46
C ASP A 111 -6.49 5.29 -6.03
N TRP A 112 -5.83 5.28 -4.88
CA TRP A 112 -5.22 4.06 -4.36
C TRP A 112 -6.04 2.84 -4.71
N VAL A 113 -7.24 2.75 -4.13
CA VAL A 113 -8.14 1.63 -4.38
C VAL A 113 -8.24 1.34 -5.87
N GLN A 114 -8.34 2.39 -6.67
CA GLN A 114 -8.45 2.25 -8.12
C GLN A 114 -7.23 1.54 -8.69
N ALA A 115 -6.05 2.09 -8.42
CA ALA A 115 -4.81 1.52 -8.91
C ALA A 115 -4.59 0.12 -8.33
N ILE A 116 -4.40 0.05 -7.02
CA ILE A 116 -4.18 -1.23 -6.35
C ILE A 116 -5.08 -2.31 -6.93
N CYS A 117 -6.32 -1.96 -7.23
CA CYS A 117 -7.27 -2.90 -7.79
C CYS A 117 -6.99 -3.15 -9.27
N LEU A 118 -6.55 -2.11 -9.96
CA LEU A 118 -6.24 -2.21 -11.39
C LEU A 118 -5.09 -3.17 -11.62
N LEU A 119 -4.15 -3.21 -10.68
CA LEU A 119 -3.00 -4.11 -10.79
C LEU A 119 -3.23 -5.40 -10.02
N ALA A 120 -3.62 -5.27 -8.76
CA ALA A 120 -3.88 -6.43 -7.91
C ALA A 120 -4.80 -7.42 -8.62
N PHE A 121 -5.66 -6.91 -9.49
CA PHE A 121 -6.59 -7.75 -10.24
C PHE A 121 -6.54 -7.44 -11.73
N SER A 122 -5.33 -7.23 -12.24
CA SER A 122 -5.14 -6.92 -13.65
C SER A 122 -5.74 -8.00 -14.53
N GLY A 123 -5.57 -9.26 -14.14
CA GLY A 123 -6.11 -10.37 -14.90
C GLY A 123 -5.10 -11.48 -15.09
N PRO A 124 -5.58 -12.73 -15.12
CA PRO A 124 -4.73 -13.91 -15.30
C PRO A 124 -4.15 -14.00 -16.71
N SER A 125 -2.83 -14.04 -16.80
CA SER A 125 -2.15 -14.12 -18.09
C SER A 125 -1.82 -15.56 -18.44
N SER A 126 -2.65 -16.17 -19.28
CA SER A 126 -2.45 -17.56 -19.68
C SER A 126 -3.36 -17.92 -20.86
N GLY A 127 -2.78 -18.62 -21.84
CA GLY A 127 -3.55 -19.01 -23.01
C GLY A 127 -3.34 -20.47 -23.36
N GLY A 1 19.92 2.98 -26.15
CA GLY A 1 19.74 3.26 -24.74
C GLY A 1 20.24 4.64 -24.36
N SER A 2 19.31 5.57 -24.18
CA SER A 2 19.66 6.94 -23.82
C SER A 2 18.98 7.35 -22.51
N SER A 3 19.73 7.23 -21.41
CA SER A 3 19.20 7.58 -20.11
C SER A 3 20.29 8.23 -19.24
N GLY A 4 19.87 8.81 -18.12
CA GLY A 4 20.82 9.46 -17.23
C GLY A 4 20.14 10.13 -16.06
N SER A 5 20.91 10.86 -15.26
CA SER A 5 20.38 11.56 -14.09
C SER A 5 19.15 12.37 -14.46
N SER A 6 18.03 12.09 -13.79
CA SER A 6 16.79 12.79 -14.06
C SER A 6 16.64 14.00 -13.13
N GLY A 7 16.87 13.77 -11.84
CA GLY A 7 16.74 14.86 -10.87
C GLY A 7 16.09 14.41 -9.59
N MET A 8 14.77 14.53 -9.53
CA MET A 8 14.01 14.13 -8.35
C MET A 8 14.07 12.62 -8.15
N GLY A 9 13.81 11.87 -9.21
CA GLY A 9 13.84 10.42 -9.13
C GLY A 9 12.70 9.78 -9.90
N ASP A 10 13.01 8.69 -10.60
CA ASP A 10 12.00 7.97 -11.38
C ASP A 10 11.93 6.51 -10.96
N GLY A 11 10.80 6.11 -10.40
CA GLY A 11 10.63 4.74 -9.96
C GLY A 11 9.17 4.38 -9.73
N ALA A 12 8.78 4.27 -8.46
CA ALA A 12 7.41 3.93 -8.11
C ALA A 12 6.42 4.83 -8.83
N VAL A 13 5.47 4.22 -9.54
CA VAL A 13 4.47 4.96 -10.28
C VAL A 13 3.79 6.00 -9.39
N LYS A 14 3.32 5.56 -8.23
CA LYS A 14 2.65 6.44 -7.28
C LYS A 14 3.30 6.36 -5.90
N GLN A 15 3.41 7.50 -5.24
CA GLN A 15 4.01 7.56 -3.90
C GLN A 15 3.08 8.25 -2.92
N GLY A 16 2.99 7.70 -1.70
CA GLY A 16 2.14 8.28 -0.68
C GLY A 16 2.38 7.69 0.68
N PHE A 17 1.58 8.10 1.66
CA PHE A 17 1.71 7.60 3.02
C PHE A 17 0.51 6.76 3.42
N LEU A 18 0.77 5.59 4.01
CA LEU A 18 -0.30 4.70 4.43
C LEU A 18 -0.18 4.39 5.92
N TYR A 19 -1.29 3.97 6.52
CA TYR A 19 -1.31 3.65 7.95
C TYR A 19 -1.75 2.20 8.16
N LEU A 20 -0.97 1.47 8.95
CA LEU A 20 -1.28 0.07 9.25
C LEU A 20 -1.47 -0.14 10.74
N GLN A 21 -2.70 -0.46 11.13
CA GLN A 21 -3.01 -0.70 12.54
C GLN A 21 -2.22 -1.89 13.08
N GLN A 22 -1.58 -1.69 14.23
CA GLN A 22 -0.78 -2.74 14.86
C GLN A 22 -1.37 -3.13 16.22
N GLN A 23 -2.13 -4.22 16.22
CA GLN A 23 -2.75 -4.70 17.46
C GLN A 23 -2.27 -6.10 17.80
N GLN A 24 -1.03 -6.41 17.42
CA GLN A 24 -0.46 -7.72 17.69
C GLN A 24 -0.55 -8.08 19.16
N THR A 25 0.12 -7.30 20.00
CA THR A 25 0.10 -7.53 21.44
C THR A 25 -0.47 -6.33 22.19
N PHE A 26 0.30 -5.25 22.23
CA PHE A 26 -0.13 -4.04 22.91
C PHE A 26 0.14 -2.80 22.06
N GLY A 27 -0.37 -1.66 22.49
CA GLY A 27 -0.18 -0.43 21.75
C GLY A 27 -1.11 -0.31 20.56
N LYS A 28 -2.34 0.12 20.82
CA LYS A 28 -3.34 0.28 19.77
C LYS A 28 -3.30 1.68 19.18
N LYS A 29 -2.30 1.92 18.32
CA LYS A 29 -2.15 3.22 17.68
C LYS A 29 -1.82 3.06 16.20
N TRP A 30 -2.17 4.06 15.41
CA TRP A 30 -1.91 4.03 13.97
C TRP A 30 -0.50 4.52 13.67
N ARG A 31 0.26 3.69 12.95
CA ARG A 31 1.63 4.02 12.59
C ARG A 31 1.76 4.24 11.09
N ARG A 32 2.60 5.20 10.70
CA ARG A 32 2.80 5.51 9.29
C ARG A 32 4.02 4.74 8.74
N PHE A 33 4.00 4.48 7.45
CA PHE A 33 5.09 3.76 6.80
C PHE A 33 5.17 4.11 5.31
N GLY A 34 6.24 4.81 4.93
CA GLY A 34 6.41 5.19 3.54
C GLY A 34 5.89 4.14 2.58
N ALA A 35 4.85 4.49 1.84
CA ALA A 35 4.24 3.57 0.87
C ALA A 35 4.63 3.95 -0.55
N SER A 36 5.07 2.96 -1.33
CA SER A 36 5.47 3.20 -2.71
C SER A 36 4.85 2.16 -3.64
N LEU A 37 4.12 2.63 -4.64
CA LEU A 37 3.46 1.75 -5.60
C LEU A 37 4.36 1.51 -6.82
N TYR A 38 4.76 0.26 -7.01
CA TYR A 38 5.61 -0.09 -8.14
C TYR A 38 4.88 -1.03 -9.10
N GLY A 39 5.25 -0.96 -10.38
CA GLY A 39 4.63 -1.81 -11.38
C GLY A 39 4.48 -1.11 -12.72
N GLY A 40 3.47 -1.49 -13.48
CA GLY A 40 3.25 -0.89 -14.79
C GLY A 40 4.54 -0.56 -15.50
N SER A 41 5.33 -1.59 -15.80
CA SER A 41 6.61 -1.40 -16.48
C SER A 41 7.03 -2.68 -17.18
N ASP A 42 8.05 -2.57 -18.04
CA ASP A 42 8.56 -3.72 -18.78
C ASP A 42 9.68 -4.40 -18.00
N CYS A 43 9.81 -5.71 -18.20
CA CYS A 43 10.84 -6.49 -17.52
C CYS A 43 10.77 -6.28 -16.01
N ALA A 44 9.56 -6.26 -15.48
CA ALA A 44 9.35 -6.07 -14.05
C ALA A 44 7.89 -6.28 -13.67
N LEU A 45 7.62 -6.43 -12.37
CA LEU A 45 6.27 -6.64 -11.88
C LEU A 45 5.91 -5.60 -10.83
N ALA A 46 4.63 -5.55 -10.46
CA ALA A 46 4.15 -4.60 -9.47
C ALA A 46 4.28 -5.18 -8.06
N ARG A 47 4.48 -4.29 -7.09
CA ARG A 47 4.62 -4.70 -5.70
C ARG A 47 4.54 -3.51 -4.76
N LEU A 48 4.01 -3.74 -3.56
CA LEU A 48 3.88 -2.67 -2.57
C LEU A 48 5.00 -2.75 -1.53
N GLU A 49 5.84 -1.72 -1.50
CA GLU A 49 6.95 -1.68 -0.55
C GLU A 49 6.62 -0.80 0.64
N LEU A 50 7.04 -1.23 1.83
CA LEU A 50 6.78 -0.47 3.05
C LEU A 50 8.09 -0.12 3.75
N GLN A 51 8.10 1.05 4.40
CA GLN A 51 9.29 1.51 5.11
C GLN A 51 9.01 1.63 6.60
N GLU A 52 9.82 0.95 7.41
CA GLU A 52 9.65 0.98 8.87
C GLU A 52 10.77 1.79 9.51
N GLY A 53 10.49 3.07 9.76
CA GLY A 53 11.48 3.94 10.38
C GLY A 53 11.09 5.40 10.31
N PRO A 54 10.17 5.81 11.21
CA PRO A 54 9.69 7.20 11.28
C PRO A 54 10.76 8.15 11.79
N GLU A 55 11.16 9.10 10.94
CA GLU A 55 12.17 10.07 11.31
C GLU A 55 13.46 9.38 11.71
N LYS A 56 13.89 8.41 10.92
CA LYS A 56 15.12 7.67 11.20
C LYS A 56 16.35 8.54 10.96
N PRO A 57 17.38 8.35 11.79
CA PRO A 57 18.63 9.11 11.69
C PRO A 57 19.43 8.73 10.45
N ARG A 58 19.12 7.58 9.87
CA ARG A 58 19.81 7.10 8.68
C ARG A 58 18.87 6.32 7.78
N ARG A 59 19.18 6.28 6.48
CA ARG A 59 18.36 5.56 5.52
C ARG A 59 18.77 4.10 5.43
N CYS A 60 19.00 3.49 6.59
CA CYS A 60 19.42 2.09 6.64
C CYS A 60 18.24 1.19 6.98
N GLU A 61 17.69 0.53 5.97
CA GLU A 61 16.55 -0.36 6.16
C GLU A 61 17.01 -1.78 6.43
N ALA A 62 16.52 -2.37 7.52
CA ALA A 62 16.88 -3.73 7.88
C ALA A 62 15.74 -4.70 7.62
N ALA A 63 14.61 -4.46 8.29
CA ALA A 63 13.43 -5.31 8.12
C ALA A 63 12.48 -4.73 7.07
N ARG A 64 12.70 -5.10 5.82
CA ARG A 64 11.87 -4.62 4.72
C ARG A 64 10.64 -5.51 4.55
N LYS A 65 9.48 -4.89 4.44
CA LYS A 65 8.23 -5.60 4.27
C LYS A 65 7.54 -5.21 2.96
N VAL A 66 7.34 -6.19 2.08
CA VAL A 66 6.70 -5.94 0.80
C VAL A 66 5.48 -6.85 0.62
N ILE A 67 4.37 -6.25 0.21
CA ILE A 67 3.14 -7.00 -0.01
C ILE A 67 2.73 -6.98 -1.48
N ARG A 68 3.13 -8.02 -2.21
CA ARG A 68 2.81 -8.13 -3.63
C ARG A 68 1.32 -8.00 -3.86
N LEU A 69 0.94 -7.18 -4.84
CA LEU A 69 -0.47 -6.96 -5.17
C LEU A 69 -1.10 -8.23 -5.73
N SER A 70 -0.32 -8.99 -6.49
CA SER A 70 -0.80 -10.23 -7.09
C SER A 70 -1.33 -11.18 -6.03
N ASP A 71 -0.89 -10.96 -4.79
CA ASP A 71 -1.33 -11.81 -3.67
C ASP A 71 -2.65 -11.31 -3.10
N CYS A 72 -2.84 -9.99 -3.09
CA CYS A 72 -4.06 -9.39 -2.57
C CYS A 72 -5.28 -10.14 -3.08
N LEU A 73 -5.73 -11.12 -2.30
CA LEU A 73 -6.89 -11.92 -2.67
C LEU A 73 -8.04 -11.02 -3.11
N ARG A 74 -8.45 -10.11 -2.24
CA ARG A 74 -9.54 -9.19 -2.53
C ARG A 74 -9.38 -7.89 -1.76
N VAL A 75 -10.05 -6.84 -2.23
CA VAL A 75 -9.99 -5.53 -1.58
C VAL A 75 -11.34 -4.84 -1.60
N ALA A 76 -11.51 -3.86 -0.71
CA ALA A 76 -12.77 -3.12 -0.63
C ALA A 76 -12.53 -1.70 -0.13
N GLU A 77 -13.56 -0.87 -0.22
CA GLU A 77 -13.45 0.52 0.22
C GLU A 77 -14.12 0.71 1.59
N ALA A 78 -13.38 1.33 2.51
CA ALA A 78 -13.89 1.56 3.85
C ALA A 78 -13.66 3.02 4.28
N GLY A 79 -14.02 3.32 5.51
CA GLY A 79 -13.85 4.67 6.02
C GLY A 79 -14.97 5.09 6.95
N GLY A 80 -14.60 5.62 8.11
CA GLY A 80 -15.60 6.06 9.07
C GLY A 80 -16.00 4.95 10.03
N GLU A 81 -16.35 3.80 9.48
CA GLU A 81 -16.76 2.65 10.30
C GLU A 81 -15.56 2.06 11.03
N ALA A 82 -14.37 2.26 10.48
CA ALA A 82 -13.15 1.75 11.09
C ALA A 82 -12.54 2.77 12.05
N SER A 83 -11.70 2.30 12.97
CA SER A 83 -11.06 3.16 13.95
C SER A 83 -10.51 4.41 13.27
N SER A 84 -10.26 4.32 11.97
CA SER A 84 -9.71 5.44 11.21
C SER A 84 -10.30 6.76 11.71
N PRO A 85 -9.49 7.82 11.64
CA PRO A 85 -9.90 9.16 12.09
C PRO A 85 -10.95 9.77 11.16
N ARG A 86 -11.14 11.09 11.28
CA ARG A 86 -12.11 11.80 10.46
C ARG A 86 -11.47 12.31 9.18
N ASP A 87 -12.30 12.74 8.23
CA ASP A 87 -11.82 13.26 6.96
C ASP A 87 -10.85 12.28 6.31
N THR A 88 -11.13 10.99 6.46
CA THR A 88 -10.28 9.95 5.89
C THR A 88 -11.12 8.79 5.36
N SER A 89 -10.46 7.86 4.66
CA SER A 89 -11.15 6.70 4.10
C SER A 89 -10.22 5.49 4.08
N ALA A 90 -10.46 4.56 4.99
CA ALA A 90 -9.65 3.34 5.08
C ALA A 90 -10.12 2.30 4.06
N PHE A 91 -9.19 1.47 3.61
CA PHE A 91 -9.49 0.43 2.63
C PHE A 91 -9.18 -0.95 3.19
N PHE A 92 -9.74 -1.98 2.56
CA PHE A 92 -9.52 -3.35 2.99
C PHE A 92 -8.41 -4.01 2.17
N LEU A 93 -7.85 -5.09 2.70
CA LEU A 93 -6.78 -5.80 2.01
C LEU A 93 -6.65 -7.22 2.56
N GLU A 94 -7.01 -8.21 1.74
CA GLU A 94 -6.94 -9.61 2.14
C GLU A 94 -5.83 -10.33 1.36
N THR A 95 -4.95 -11.01 2.10
CA THR A 95 -3.85 -11.74 1.48
C THR A 95 -3.80 -13.17 2.00
N LYS A 96 -3.30 -14.08 1.16
CA LYS A 96 -3.19 -15.48 1.53
C LYS A 96 -2.78 -15.62 2.99
N GLU A 97 -1.81 -14.81 3.42
CA GLU A 97 -1.33 -14.85 4.79
C GLU A 97 -2.46 -14.55 5.77
N ARG A 98 -2.93 -13.31 5.76
CA ARG A 98 -4.01 -12.88 6.66
C ARG A 98 -4.67 -11.61 6.14
N LEU A 99 -5.62 -11.10 6.91
CA LEU A 99 -6.34 -9.90 6.53
C LEU A 99 -5.72 -8.67 7.19
N TYR A 100 -5.38 -7.67 6.38
CA TYR A 100 -4.77 -6.44 6.88
C TYR A 100 -5.72 -5.26 6.70
N LEU A 101 -5.70 -4.35 7.66
CA LEU A 101 -6.55 -3.16 7.61
C LEU A 101 -5.72 -1.89 7.71
N LEU A 102 -5.67 -1.15 6.61
CA LEU A 102 -4.91 0.11 6.56
C LEU A 102 -5.83 1.30 6.33
N ALA A 103 -5.34 2.49 6.66
CA ALA A 103 -6.13 3.71 6.48
C ALA A 103 -5.49 4.61 5.43
N ALA A 104 -6.33 5.31 4.67
CA ALA A 104 -5.86 6.21 3.63
C ALA A 104 -6.73 7.46 3.55
N PRO A 105 -6.12 8.58 3.16
CA PRO A 105 -6.82 9.86 3.02
C PRO A 105 -7.80 9.87 1.85
N ALA A 106 -9.06 10.16 2.15
CA ALA A 106 -10.10 10.20 1.13
C ALA A 106 -9.56 10.80 -0.17
N ALA A 107 -8.55 11.66 -0.04
CA ALA A 107 -7.95 12.30 -1.21
C ALA A 107 -7.23 11.28 -2.08
N GLU A 108 -6.43 10.42 -1.45
CA GLU A 108 -5.68 9.41 -2.16
C GLU A 108 -6.52 8.14 -2.36
N ARG A 109 -7.26 7.77 -1.32
CA ARG A 109 -8.11 6.59 -1.37
C ARG A 109 -8.68 6.38 -2.78
N GLY A 110 -9.45 7.37 -3.23
CA GLY A 110 -10.05 7.28 -4.55
C GLY A 110 -9.10 6.70 -5.59
N ASP A 111 -7.86 7.16 -5.57
CA ASP A 111 -6.85 6.69 -6.51
C ASP A 111 -6.29 5.33 -6.07
N TRP A 112 -5.81 5.28 -4.83
CA TRP A 112 -5.24 4.05 -4.29
C TRP A 112 -6.06 2.84 -4.73
N VAL A 113 -7.24 2.68 -4.14
CA VAL A 113 -8.12 1.57 -4.47
C VAL A 113 -8.22 1.38 -5.98
N GLN A 114 -8.20 2.47 -6.72
CA GLN A 114 -8.28 2.43 -8.17
C GLN A 114 -7.07 1.72 -8.76
N ALA A 115 -5.89 2.31 -8.59
CA ALA A 115 -4.66 1.73 -9.11
C ALA A 115 -4.46 0.31 -8.58
N ILE A 116 -4.59 0.15 -7.27
CA ILE A 116 -4.42 -1.16 -6.64
C ILE A 116 -5.40 -2.18 -7.23
N CYS A 117 -6.68 -1.82 -7.24
CA CYS A 117 -7.72 -2.71 -7.77
C CYS A 117 -7.50 -2.95 -9.26
N LEU A 118 -6.74 -2.06 -9.90
CA LEU A 118 -6.47 -2.18 -11.33
C LEU A 118 -5.25 -3.07 -11.58
N LEU A 119 -4.32 -3.05 -10.63
CA LEU A 119 -3.10 -3.85 -10.74
C LEU A 119 -3.29 -5.23 -10.13
N ALA A 120 -3.65 -5.25 -8.84
CA ALA A 120 -3.87 -6.51 -8.13
C ALA A 120 -4.81 -7.42 -8.91
N PHE A 121 -5.79 -6.81 -9.57
CA PHE A 121 -6.77 -7.57 -10.34
C PHE A 121 -6.77 -7.11 -11.80
N SER A 122 -5.59 -6.85 -12.33
CA SER A 122 -5.45 -6.40 -13.72
C SER A 122 -6.13 -7.38 -14.67
N GLY A 123 -5.70 -8.64 -14.62
CA GLY A 123 -6.28 -9.65 -15.49
C GLY A 123 -5.43 -9.91 -16.71
N PRO A 124 -4.41 -10.76 -16.57
CA PRO A 124 -3.50 -11.10 -17.67
C PRO A 124 -4.18 -11.95 -18.74
N SER A 125 -5.17 -12.73 -18.33
CA SER A 125 -5.91 -13.59 -19.25
C SER A 125 -6.50 -12.78 -20.39
N SER A 126 -6.25 -13.22 -21.62
CA SER A 126 -6.76 -12.53 -22.80
C SER A 126 -8.20 -12.93 -23.08
N GLY A 127 -8.94 -12.04 -23.73
CA GLY A 127 -10.34 -12.32 -24.04
C GLY A 127 -11.09 -11.07 -24.49
N GLY A 1 -1.43 4.12 -34.14
CA GLY A 1 -1.52 3.10 -33.11
C GLY A 1 -1.99 3.65 -31.79
N SER A 2 -1.24 3.36 -30.73
CA SER A 2 -1.59 3.82 -29.39
C SER A 2 -0.35 4.13 -28.57
N SER A 3 -0.45 5.14 -27.71
CA SER A 3 0.68 5.53 -26.87
C SER A 3 0.18 6.21 -25.59
N GLY A 4 0.90 5.95 -24.49
CA GLY A 4 0.52 6.54 -23.22
C GLY A 4 1.67 6.56 -22.22
N SER A 5 1.48 5.90 -21.09
CA SER A 5 2.50 5.86 -20.06
C SER A 5 3.87 5.57 -20.67
N SER A 6 4.69 6.61 -20.80
CA SER A 6 6.02 6.48 -21.36
C SER A 6 7.06 6.30 -20.27
N GLY A 7 6.73 5.49 -19.27
CA GLY A 7 7.65 5.24 -18.18
C GLY A 7 8.28 6.51 -17.65
N MET A 8 7.53 7.24 -16.82
CA MET A 8 8.01 8.49 -16.25
C MET A 8 8.22 8.35 -14.74
N GLY A 9 8.85 9.36 -14.13
CA GLY A 9 9.09 9.33 -12.71
C GLY A 9 10.46 8.78 -12.37
N ASP A 10 10.75 8.70 -11.07
CA ASP A 10 12.04 8.19 -10.60
C ASP A 10 11.94 6.71 -10.23
N GLY A 11 10.87 6.37 -9.51
CA GLY A 11 10.67 4.99 -9.10
C GLY A 11 9.22 4.55 -9.20
N ALA A 12 8.60 4.29 -8.06
CA ALA A 12 7.21 3.86 -8.03
C ALA A 12 6.32 4.84 -8.79
N VAL A 13 5.46 4.30 -9.66
CA VAL A 13 4.56 5.11 -10.45
C VAL A 13 3.83 6.13 -9.57
N LYS A 14 3.24 5.65 -8.48
CA LYS A 14 2.51 6.50 -7.57
C LYS A 14 3.03 6.34 -6.14
N GLN A 15 3.47 7.45 -5.55
CA GLN A 15 3.98 7.42 -4.18
C GLN A 15 2.99 8.05 -3.20
N GLY A 16 3.13 7.72 -1.93
CA GLY A 16 2.24 8.26 -0.92
C GLY A 16 2.54 7.72 0.46
N PHE A 17 1.65 8.00 1.41
CA PHE A 17 1.82 7.55 2.78
C PHE A 17 0.57 6.84 3.29
N LEU A 18 0.71 5.57 3.65
CA LEU A 18 -0.41 4.78 4.14
C LEU A 18 -0.28 4.54 5.65
N TYR A 19 -1.35 4.02 6.25
CA TYR A 19 -1.36 3.74 7.68
C TYR A 19 -1.75 2.29 7.95
N LEU A 20 -0.89 1.57 8.66
CA LEU A 20 -1.15 0.17 8.99
C LEU A 20 -1.16 -0.04 10.51
N GLN A 21 -2.17 -0.74 11.00
CA GLN A 21 -2.29 -1.02 12.42
C GLN A 21 -1.36 -2.16 12.83
N GLN A 22 -0.67 -1.98 13.95
CA GLN A 22 0.25 -2.98 14.45
C GLN A 22 0.20 -3.06 15.98
N GLN A 23 0.33 -4.28 16.51
CA GLN A 23 0.30 -4.48 17.95
C GLN A 23 1.71 -4.59 18.52
N GLN A 24 2.11 -3.56 19.27
CA GLN A 24 3.45 -3.54 19.87
C GLN A 24 3.36 -3.57 21.39
N THR A 25 4.51 -3.60 22.04
CA THR A 25 4.57 -3.63 23.49
C THR A 25 3.89 -2.41 24.10
N PHE A 26 3.70 -1.38 23.28
CA PHE A 26 3.06 -0.15 23.73
C PHE A 26 1.56 -0.21 23.54
N GLY A 27 1.13 -0.72 22.39
CA GLY A 27 -0.28 -0.84 22.09
C GLY A 27 -0.56 -0.97 20.61
N LYS A 28 -1.84 -1.09 20.25
CA LYS A 28 -2.23 -1.23 18.86
C LYS A 28 -2.63 0.13 18.28
N LYS A 29 -1.63 0.95 17.99
CA LYS A 29 -1.87 2.27 17.42
C LYS A 29 -1.48 2.31 15.94
N TRP A 30 -1.79 3.43 15.29
CA TRP A 30 -1.47 3.60 13.87
C TRP A 30 -0.05 4.11 13.70
N ARG A 31 0.63 3.61 12.67
CA ARG A 31 2.00 4.00 12.38
C ARG A 31 2.22 4.19 10.88
N ARG A 32 2.62 5.39 10.50
CA ARG A 32 2.86 5.71 9.10
C ARG A 32 3.95 4.81 8.52
N PHE A 33 3.88 4.55 7.22
CA PHE A 33 4.87 3.72 6.55
C PHE A 33 5.01 4.11 5.08
N GLY A 34 6.25 4.32 4.64
CA GLY A 34 6.50 4.70 3.28
C GLY A 34 5.80 3.79 2.28
N ALA A 35 4.71 4.28 1.70
CA ALA A 35 3.95 3.51 0.73
C ALA A 35 4.37 3.85 -0.70
N SER A 36 4.89 2.86 -1.41
CA SER A 36 5.33 3.05 -2.79
C SER A 36 4.64 2.06 -3.73
N LEU A 37 3.93 2.59 -4.70
CA LEU A 37 3.21 1.75 -5.68
C LEU A 37 4.08 1.49 -6.89
N TYR A 38 4.57 0.26 -7.01
CA TYR A 38 5.42 -0.12 -8.14
C TYR A 38 4.66 -1.03 -9.09
N GLY A 39 4.78 -0.74 -10.39
CA GLY A 39 4.10 -1.55 -11.39
C GLY A 39 3.84 -0.78 -12.67
N GLY A 40 2.98 -1.33 -13.52
CA GLY A 40 2.66 -0.67 -14.77
C GLY A 40 1.65 -1.45 -15.59
N SER A 41 1.09 -0.80 -16.61
CA SER A 41 0.10 -1.44 -17.47
C SER A 41 0.71 -2.63 -18.20
N ASP A 42 1.85 -2.41 -18.84
CA ASP A 42 2.53 -3.47 -19.57
C ASP A 42 3.80 -3.92 -18.83
N CYS A 43 3.62 -4.75 -17.82
CA CYS A 43 4.74 -5.24 -17.03
C CYS A 43 4.29 -6.33 -16.07
N ALA A 44 5.06 -7.41 -15.99
CA ALA A 44 4.75 -8.52 -15.09
C ALA A 44 5.30 -8.29 -13.69
N LEU A 45 5.64 -7.03 -13.40
CA LEU A 45 6.19 -6.68 -12.10
C LEU A 45 5.34 -5.60 -11.43
N ALA A 46 4.92 -5.88 -10.19
CA ALA A 46 4.10 -4.95 -9.44
C ALA A 46 3.87 -5.44 -8.02
N ARG A 47 4.21 -4.61 -7.03
CA ARG A 47 4.04 -4.97 -5.63
C ARG A 47 3.98 -3.73 -4.76
N LEU A 48 3.56 -3.90 -3.51
CA LEU A 48 3.46 -2.80 -2.57
C LEU A 48 4.63 -2.80 -1.59
N GLU A 49 5.40 -1.71 -1.60
CA GLU A 49 6.56 -1.59 -0.71
C GLU A 49 6.19 -0.80 0.54
N LEU A 50 6.72 -1.25 1.68
CA LEU A 50 6.45 -0.59 2.95
C LEU A 50 7.75 -0.27 3.69
N GLN A 51 7.88 0.99 4.11
CA GLN A 51 9.08 1.42 4.82
C GLN A 51 8.83 1.47 6.32
N GLU A 52 9.89 1.28 7.11
CA GLU A 52 9.77 1.32 8.56
C GLU A 52 9.63 2.75 9.07
N GLY A 53 10.64 3.57 8.80
CA GLY A 53 10.60 4.95 9.24
C GLY A 53 11.97 5.62 9.19
N PRO A 54 12.82 5.29 10.17
CA PRO A 54 14.18 5.84 10.26
C PRO A 54 15.09 5.31 9.15
N GLU A 55 15.98 6.18 8.66
CA GLU A 55 16.90 5.80 7.60
C GLU A 55 18.18 5.22 8.18
N LYS A 56 19.07 4.73 7.31
CA LYS A 56 20.33 4.16 7.74
C LYS A 56 21.51 4.81 7.00
N PRO A 57 22.65 4.93 7.71
CA PRO A 57 23.86 5.52 7.14
C PRO A 57 24.49 4.65 6.05
N ARG A 58 24.68 3.38 6.38
CA ARG A 58 25.28 2.44 5.43
C ARG A 58 24.50 1.13 5.41
N ARG A 59 24.66 0.33 6.46
CA ARG A 59 23.98 -0.96 6.56
C ARG A 59 22.89 -0.91 7.63
N CYS A 60 22.15 -2.00 7.75
CA CYS A 60 21.07 -2.08 8.73
C CYS A 60 20.66 -3.53 8.98
N GLU A 61 20.74 -3.97 10.23
CA GLU A 61 20.39 -5.33 10.58
C GLU A 61 18.89 -5.46 10.82
N ALA A 62 18.10 -5.32 9.76
CA ALA A 62 16.66 -5.41 9.86
C ALA A 62 16.06 -6.00 8.57
N ALA A 63 14.73 -6.13 8.56
CA ALA A 63 14.04 -6.68 7.40
C ALA A 63 12.88 -5.80 6.98
N ARG A 64 12.69 -5.65 5.67
CA ARG A 64 11.62 -4.83 5.14
C ARG A 64 10.35 -5.64 4.94
N LYS A 65 9.22 -4.96 4.77
CA LYS A 65 7.95 -5.62 4.57
C LYS A 65 7.34 -5.24 3.22
N VAL A 66 7.05 -6.25 2.40
CA VAL A 66 6.47 -6.02 1.08
C VAL A 66 5.28 -6.93 0.84
N ILE A 67 4.16 -6.35 0.42
CA ILE A 67 2.95 -7.12 0.15
C ILE A 67 2.60 -7.08 -1.34
N ARG A 68 2.92 -8.16 -2.04
CA ARG A 68 2.65 -8.26 -3.47
C ARG A 68 1.15 -8.13 -3.74
N LEU A 69 0.77 -7.06 -4.43
CA LEU A 69 -0.63 -6.83 -4.75
C LEU A 69 -1.26 -8.05 -5.42
N SER A 70 -0.45 -8.77 -6.20
CA SER A 70 -0.92 -9.96 -6.89
C SER A 70 -1.54 -10.95 -5.91
N ASP A 71 -1.06 -10.93 -4.67
CA ASP A 71 -1.57 -11.83 -3.64
C ASP A 71 -2.91 -11.33 -3.12
N CYS A 72 -3.08 -10.03 -3.07
CA CYS A 72 -4.32 -9.43 -2.58
C CYS A 72 -5.54 -10.16 -3.16
N LEU A 73 -6.16 -10.99 -2.33
CA LEU A 73 -7.33 -11.75 -2.75
C LEU A 73 -8.44 -10.82 -3.24
N ARG A 74 -8.72 -9.77 -2.46
CA ARG A 74 -9.75 -8.82 -2.81
C ARG A 74 -9.62 -7.54 -1.98
N VAL A 75 -9.90 -6.40 -2.59
CA VAL A 75 -9.82 -5.12 -1.91
C VAL A 75 -11.16 -4.41 -1.89
N ALA A 76 -11.43 -3.68 -0.81
CA ALA A 76 -12.69 -2.95 -0.67
C ALA A 76 -12.46 -1.58 -0.04
N GLU A 77 -13.54 -0.82 0.09
CA GLU A 77 -13.45 0.52 0.68
C GLU A 77 -14.03 0.52 2.09
N ALA A 78 -13.22 0.95 3.06
CA ALA A 78 -13.65 1.00 4.46
C ALA A 78 -13.65 2.44 4.97
N GLY A 79 -14.83 3.03 5.05
CA GLY A 79 -14.94 4.40 5.52
C GLY A 79 -14.47 4.56 6.95
N GLY A 80 -14.83 5.67 7.59
CA GLY A 80 -14.43 5.92 8.95
C GLY A 80 -15.23 5.08 9.95
N GLU A 81 -15.02 3.77 9.92
CA GLU A 81 -15.71 2.86 10.82
C GLU A 81 -14.74 1.99 11.61
N ALA A 82 -13.61 2.59 11.98
CA ALA A 82 -12.59 1.87 12.75
C ALA A 82 -11.69 2.85 13.50
N SER A 83 -10.76 2.30 14.28
CA SER A 83 -9.84 3.11 15.06
C SER A 83 -9.40 4.34 14.27
N SER A 84 -9.29 4.18 12.96
CA SER A 84 -8.86 5.27 12.09
C SER A 84 -9.48 6.59 12.54
N PRO A 85 -8.77 7.69 12.26
CA PRO A 85 -9.22 9.04 12.64
C PRO A 85 -10.42 9.50 11.81
N ARG A 86 -10.82 10.75 12.01
CA ARG A 86 -11.96 11.30 11.28
C ARG A 86 -11.50 12.04 10.02
N ASP A 87 -12.44 12.33 9.14
CA ASP A 87 -12.14 13.04 7.90
C ASP A 87 -11.18 12.22 7.03
N THR A 88 -11.44 10.92 6.96
CA THR A 88 -10.60 10.02 6.16
C THR A 88 -11.40 8.83 5.66
N SER A 89 -10.73 7.94 4.93
CA SER A 89 -11.39 6.76 4.38
C SER A 89 -10.41 5.59 4.29
N ALA A 90 -10.65 4.56 5.10
CA ALA A 90 -9.79 3.39 5.11
C ALA A 90 -10.17 2.42 4.00
N PHE A 91 -9.31 1.43 3.75
CA PHE A 91 -9.56 0.45 2.72
C PHE A 91 -9.26 -0.96 3.23
N PHE A 92 -9.93 -1.95 2.64
CA PHE A 92 -9.75 -3.34 3.02
C PHE A 92 -8.71 -4.02 2.13
N LEU A 93 -7.88 -4.86 2.74
CA LEU A 93 -6.85 -5.58 2.00
C LEU A 93 -6.63 -6.97 2.58
N GLU A 94 -7.12 -7.99 1.88
CA GLU A 94 -6.98 -9.36 2.32
C GLU A 94 -6.03 -10.14 1.41
N THR A 95 -5.21 -11.00 2.00
CA THR A 95 -4.26 -11.80 1.24
C THR A 95 -4.39 -13.28 1.58
N LYS A 96 -3.90 -14.13 0.68
CA LYS A 96 -3.96 -15.58 0.88
C LYS A 96 -3.51 -15.94 2.29
N GLU A 97 -2.76 -15.05 2.93
CA GLU A 97 -2.26 -15.29 4.27
C GLU A 97 -3.29 -14.85 5.32
N ARG A 98 -3.42 -13.54 5.50
CA ARG A 98 -4.36 -13.00 6.46
C ARG A 98 -5.00 -11.71 5.94
N LEU A 99 -5.84 -11.10 6.77
CA LEU A 99 -6.51 -9.86 6.39
C LEU A 99 -5.79 -8.66 6.97
N TYR A 100 -5.83 -7.54 6.24
CA TYR A 100 -5.19 -6.31 6.67
C TYR A 100 -6.16 -5.14 6.65
N LEU A 101 -5.99 -4.22 7.59
CA LEU A 101 -6.86 -3.04 7.68
C LEU A 101 -6.03 -1.77 7.78
N LEU A 102 -5.86 -1.09 6.66
CA LEU A 102 -5.10 0.16 6.62
C LEU A 102 -6.02 1.37 6.49
N ALA A 103 -5.46 2.56 6.66
CA ALA A 103 -6.23 3.79 6.55
C ALA A 103 -5.61 4.74 5.53
N ALA A 104 -6.46 5.45 4.80
CA ALA A 104 -5.99 6.39 3.78
C ALA A 104 -6.90 7.61 3.71
N PRO A 105 -6.33 8.75 3.29
CA PRO A 105 -7.07 10.01 3.16
C PRO A 105 -8.08 9.97 2.03
N ALA A 106 -9.35 10.23 2.35
CA ALA A 106 -10.41 10.23 1.36
C ALA A 106 -9.90 10.75 0.02
N ALA A 107 -8.96 11.68 0.07
CA ALA A 107 -8.39 12.26 -1.14
C ALA A 107 -7.65 11.21 -1.96
N GLU A 108 -6.79 10.45 -1.31
CA GLU A 108 -6.02 9.41 -1.98
C GLU A 108 -6.84 8.13 -2.12
N ARG A 109 -7.55 7.78 -1.05
CA ARG A 109 -8.38 6.58 -1.06
C ARG A 109 -9.01 6.35 -2.43
N GLY A 110 -9.77 7.34 -2.89
CA GLY A 110 -10.42 7.23 -4.18
C GLY A 110 -9.52 6.59 -5.22
N ASP A 111 -8.27 7.03 -5.28
CA ASP A 111 -7.32 6.48 -6.24
C ASP A 111 -6.69 5.20 -5.72
N TRP A 112 -6.04 5.30 -4.56
CA TRP A 112 -5.39 4.15 -3.94
C TRP A 112 -6.18 2.87 -4.23
N VAL A 113 -7.39 2.79 -3.69
CA VAL A 113 -8.24 1.62 -3.88
C VAL A 113 -8.28 1.21 -5.36
N GLN A 114 -8.45 2.19 -6.23
CA GLN A 114 -8.50 1.93 -7.67
C GLN A 114 -7.17 1.41 -8.18
N ALA A 115 -6.16 2.27 -8.16
CA ALA A 115 -4.82 1.90 -8.62
C ALA A 115 -4.43 0.52 -8.10
N ILE A 116 -4.51 0.34 -6.79
CA ILE A 116 -4.16 -0.93 -6.17
C ILE A 116 -4.76 -2.10 -6.93
N CYS A 117 -5.96 -1.90 -7.45
CA CYS A 117 -6.65 -2.94 -8.21
C CYS A 117 -6.04 -3.08 -9.61
N LEU A 118 -5.85 -1.96 -10.28
CA LEU A 118 -5.28 -1.95 -11.62
C LEU A 118 -4.10 -2.93 -11.71
N LEU A 119 -3.34 -3.03 -10.63
CA LEU A 119 -2.19 -3.92 -10.58
C LEU A 119 -2.53 -5.21 -9.84
N ALA A 120 -3.03 -5.07 -8.62
CA ALA A 120 -3.40 -6.22 -7.82
C ALA A 120 -4.05 -7.31 -8.67
N PHE A 121 -5.07 -6.92 -9.44
CA PHE A 121 -5.77 -7.86 -10.30
C PHE A 121 -5.56 -7.50 -11.77
N SER A 122 -4.31 -7.27 -12.15
CA SER A 122 -3.97 -6.92 -13.52
C SER A 122 -4.02 -8.15 -14.42
N GLY A 123 -3.59 -9.29 -13.88
CA GLY A 123 -3.59 -10.52 -14.65
C GLY A 123 -4.47 -11.59 -14.04
N PRO A 124 -4.27 -12.84 -14.46
CA PRO A 124 -5.05 -13.98 -13.96
C PRO A 124 -4.71 -14.32 -12.51
N SER A 125 -3.83 -13.52 -11.91
CA SER A 125 -3.42 -13.74 -10.52
C SER A 125 -4.58 -14.28 -9.70
N SER A 126 -5.77 -13.70 -9.90
CA SER A 126 -6.96 -14.13 -9.17
C SER A 126 -8.22 -13.73 -9.92
N GLY A 127 -9.03 -14.72 -10.29
CA GLY A 127 -10.26 -14.45 -11.01
C GLY A 127 -11.12 -13.41 -10.31
N GLY A 1 -8.33 2.55 -19.92
CA GLY A 1 -7.60 3.67 -20.49
C GLY A 1 -8.02 3.97 -21.91
N SER A 2 -7.07 4.45 -22.70
CA SER A 2 -7.34 4.78 -24.10
C SER A 2 -6.05 4.85 -24.91
N SER A 3 -6.15 4.56 -26.20
CA SER A 3 -4.98 4.59 -27.07
C SER A 3 -4.31 5.95 -27.06
N GLY A 4 -3.00 5.97 -27.25
CA GLY A 4 -2.27 7.23 -27.26
C GLY A 4 -2.21 7.87 -25.89
N SER A 5 -1.34 7.35 -25.02
CA SER A 5 -1.19 7.88 -23.68
C SER A 5 0.26 8.18 -23.37
N SER A 6 0.64 9.44 -23.52
CA SER A 6 2.01 9.87 -23.25
C SER A 6 2.16 10.40 -21.83
N GLY A 7 2.99 9.73 -21.04
CA GLY A 7 3.21 10.13 -19.67
C GLY A 7 4.61 9.82 -19.18
N MET A 8 4.84 10.03 -17.89
CA MET A 8 6.14 9.77 -17.30
C MET A 8 6.05 8.67 -16.24
N GLY A 9 7.04 7.78 -16.23
CA GLY A 9 7.05 6.70 -15.26
C GLY A 9 8.32 5.87 -15.33
N ASP A 10 9.24 6.13 -14.41
CA ASP A 10 10.51 5.40 -14.37
C ASP A 10 10.40 4.18 -13.46
N GLY A 11 9.82 4.37 -12.28
CA GLY A 11 9.67 3.29 -11.33
C GLY A 11 8.30 3.28 -10.67
N ALA A 12 8.25 3.79 -9.44
CA ALA A 12 6.99 3.84 -8.70
C ALA A 12 6.01 4.80 -9.34
N VAL A 13 4.88 4.28 -9.79
CA VAL A 13 3.85 5.10 -10.41
C VAL A 13 3.34 6.18 -9.46
N LYS A 14 2.98 5.75 -8.25
CA LYS A 14 2.47 6.67 -7.24
C LYS A 14 3.19 6.48 -5.92
N GLN A 15 3.35 7.57 -5.16
CA GLN A 15 4.02 7.50 -3.87
C GLN A 15 3.17 8.18 -2.79
N GLY A 16 3.20 7.61 -1.59
CA GLY A 16 2.43 8.17 -0.49
C GLY A 16 2.64 7.41 0.81
N PHE A 17 2.03 7.90 1.88
CA PHE A 17 2.14 7.26 3.18
C PHE A 17 0.83 6.59 3.59
N LEU A 18 0.91 5.33 3.98
CA LEU A 18 -0.27 4.58 4.39
C LEU A 18 -0.15 4.12 5.84
N TYR A 19 -1.29 4.04 6.51
CA TYR A 19 -1.32 3.63 7.92
C TYR A 19 -1.78 2.18 8.04
N LEU A 20 -0.94 1.36 8.69
CA LEU A 20 -1.26 -0.05 8.88
C LEU A 20 -1.46 -0.37 10.36
N GLN A 21 -2.72 -0.54 10.76
CA GLN A 21 -3.05 -0.85 12.14
C GLN A 21 -2.40 -2.16 12.57
N GLN A 22 -1.60 -2.10 13.63
CA GLN A 22 -0.93 -3.30 14.15
C GLN A 22 -1.41 -3.62 15.55
N GLN A 23 -1.98 -4.82 15.71
CA GLN A 23 -2.49 -5.26 17.01
C GLN A 23 -1.34 -5.75 17.90
N GLN A 24 -0.86 -4.86 18.77
CA GLN A 24 0.23 -5.20 19.67
C GLN A 24 -0.20 -5.07 21.13
N THR A 25 0.42 -5.85 22.00
CA THR A 25 0.09 -5.81 23.43
C THR A 25 0.33 -4.43 24.01
N PHE A 26 1.40 -3.78 23.56
CA PHE A 26 1.74 -2.44 24.04
C PHE A 26 1.67 -1.42 22.91
N GLY A 27 0.98 -1.79 21.82
CA GLY A 27 0.85 -0.90 20.69
C GLY A 27 -0.59 -0.52 20.41
N LYS A 28 -1.16 -1.11 19.37
CA LYS A 28 -2.54 -0.83 19.00
C LYS A 28 -2.72 0.64 18.64
N LYS A 29 -1.83 1.15 17.79
CA LYS A 29 -1.89 2.55 17.36
C LYS A 29 -1.66 2.67 15.86
N TRP A 30 -2.05 3.80 15.30
CA TRP A 30 -1.87 4.03 13.87
C TRP A 30 -0.43 4.43 13.55
N ARG A 31 0.20 3.64 12.68
CA ARG A 31 1.59 3.92 12.30
C ARG A 31 1.72 4.05 10.78
N ARG A 32 2.37 5.11 10.34
CA ARG A 32 2.57 5.36 8.91
C ARG A 32 3.92 4.84 8.44
N PHE A 33 3.99 4.45 7.18
CA PHE A 33 5.24 3.93 6.61
C PHE A 33 5.34 4.29 5.13
N GLY A 34 6.57 4.49 4.66
CA GLY A 34 6.79 4.82 3.26
C GLY A 34 6.27 3.76 2.32
N ALA A 35 5.09 4.02 1.74
CA ALA A 35 4.49 3.07 0.81
C ALA A 35 4.72 3.49 -0.63
N SER A 36 5.33 2.60 -1.41
CA SER A 36 5.63 2.89 -2.82
C SER A 36 4.90 1.91 -3.73
N LEU A 37 4.22 2.44 -4.75
CA LEU A 37 3.49 1.61 -5.70
C LEU A 37 4.25 1.48 -7.00
N TYR A 38 4.72 0.26 -7.29
CA TYR A 38 5.47 0.00 -8.52
C TYR A 38 4.59 -0.72 -9.54
N GLY A 39 4.97 -0.60 -10.81
CA GLY A 39 4.22 -1.25 -11.87
C GLY A 39 3.56 -0.25 -12.80
N GLY A 40 2.31 -0.53 -13.17
CA GLY A 40 1.59 0.37 -14.06
C GLY A 40 1.70 -0.05 -15.51
N SER A 41 2.93 -0.26 -15.98
CA SER A 41 3.17 -0.66 -17.36
C SER A 41 2.75 -2.11 -17.58
N ASP A 42 2.32 -2.41 -18.80
CA ASP A 42 1.89 -3.76 -19.14
C ASP A 42 3.03 -4.75 -18.97
N CYS A 43 2.70 -6.05 -19.00
CA CYS A 43 3.70 -7.09 -18.84
C CYS A 43 4.76 -6.67 -17.83
N ALA A 44 4.32 -6.06 -16.73
CA ALA A 44 5.23 -5.60 -15.69
C ALA A 44 4.82 -6.14 -14.33
N LEU A 45 5.64 -5.88 -13.32
CA LEU A 45 5.35 -6.35 -11.96
C LEU A 45 4.89 -5.19 -11.08
N ALA A 46 3.95 -5.47 -10.18
CA ALA A 46 3.42 -4.46 -9.27
C ALA A 46 3.35 -4.99 -7.84
N ARG A 47 3.89 -4.21 -6.90
CA ARG A 47 3.88 -4.60 -5.50
C ARG A 47 4.01 -3.38 -4.60
N LEU A 48 3.41 -3.46 -3.41
CA LEU A 48 3.45 -2.36 -2.46
C LEU A 48 4.49 -2.61 -1.38
N GLU A 49 5.53 -1.79 -1.35
CA GLU A 49 6.60 -1.93 -0.37
C GLU A 49 6.38 -0.98 0.80
N LEU A 50 7.03 -1.27 1.93
CA LEU A 50 6.91 -0.44 3.12
C LEU A 50 8.28 -0.15 3.72
N GLN A 51 8.34 0.86 4.59
CA GLN A 51 9.59 1.23 5.24
C GLN A 51 9.34 1.80 6.63
N GLU A 52 10.02 1.25 7.62
CA GLU A 52 9.87 1.70 9.00
C GLU A 52 11.08 2.52 9.44
N GLY A 53 10.82 3.73 9.92
CA GLY A 53 11.89 4.60 10.37
C GLY A 53 11.86 5.95 9.69
N PRO A 54 11.07 6.88 10.25
CA PRO A 54 10.94 8.23 9.70
C PRO A 54 12.21 9.07 9.90
N GLU A 55 12.83 8.91 11.06
CA GLU A 55 14.05 9.64 11.38
C GLU A 55 14.97 8.80 12.26
N LYS A 56 16.10 8.39 11.70
CA LYS A 56 17.07 7.58 12.43
C LYS A 56 18.50 7.97 12.04
N PRO A 57 19.41 7.92 13.02
CA PRO A 57 20.82 8.25 12.80
C PRO A 57 21.54 7.21 11.95
N ARG A 58 21.59 7.45 10.65
CA ARG A 58 22.24 6.53 9.72
C ARG A 58 22.07 5.08 10.19
N ARG A 59 20.92 4.78 10.78
CA ARG A 59 20.63 3.45 11.27
C ARG A 59 19.28 2.96 10.76
N CYS A 60 19.27 1.76 10.18
CA CYS A 60 18.03 1.18 9.65
C CYS A 60 18.03 -0.33 9.82
N GLU A 61 16.97 -0.85 10.44
CA GLU A 61 16.86 -2.28 10.68
C GLU A 61 17.30 -3.07 9.45
N ALA A 62 17.74 -4.30 9.66
CA ALA A 62 18.19 -5.16 8.58
C ALA A 62 17.05 -6.03 8.05
N ALA A 63 15.92 -5.39 7.78
CA ALA A 63 14.75 -6.11 7.26
C ALA A 63 13.77 -5.14 6.60
N ARG A 64 13.04 -5.64 5.61
CA ARG A 64 12.07 -4.82 4.90
C ARG A 64 10.70 -5.51 4.86
N LYS A 65 9.64 -4.71 4.77
CA LYS A 65 8.29 -5.24 4.73
C LYS A 65 7.61 -4.88 3.41
N VAL A 66 7.33 -5.89 2.60
CA VAL A 66 6.68 -5.69 1.31
C VAL A 66 5.51 -6.65 1.12
N ILE A 67 4.46 -6.17 0.45
CA ILE A 67 3.28 -6.99 0.21
C ILE A 67 2.96 -7.06 -1.28
N ARG A 68 3.23 -8.21 -1.88
CA ARG A 68 2.97 -8.41 -3.31
C ARG A 68 1.49 -8.17 -3.63
N LEU A 69 1.23 -7.20 -4.50
CA LEU A 69 -0.13 -6.86 -4.90
C LEU A 69 -0.80 -8.04 -5.59
N SER A 70 0.01 -8.94 -6.14
CA SER A 70 -0.51 -10.12 -6.85
C SER A 70 -1.08 -11.13 -5.85
N ASP A 71 -0.76 -10.94 -4.58
CA ASP A 71 -1.25 -11.83 -3.53
C ASP A 71 -2.61 -11.37 -3.01
N CYS A 72 -2.93 -10.10 -3.23
CA CYS A 72 -4.19 -9.53 -2.80
C CYS A 72 -5.37 -10.34 -3.34
N LEU A 73 -6.13 -10.94 -2.43
CA LEU A 73 -7.29 -11.75 -2.82
C LEU A 73 -8.47 -10.86 -3.18
N ARG A 74 -8.75 -9.89 -2.33
CA ARG A 74 -9.86 -8.97 -2.56
C ARG A 74 -9.69 -7.68 -1.75
N VAL A 75 -10.07 -6.56 -2.33
CA VAL A 75 -9.96 -5.27 -1.66
C VAL A 75 -11.25 -4.47 -1.78
N ALA A 76 -11.46 -3.55 -0.85
CA ALA A 76 -12.67 -2.72 -0.85
C ALA A 76 -12.42 -1.40 -0.15
N GLU A 77 -13.34 -0.46 -0.31
CA GLU A 77 -13.22 0.86 0.31
C GLU A 77 -14.08 0.95 1.57
N ALA A 78 -13.43 1.05 2.72
CA ALA A 78 -14.14 1.15 3.99
C ALA A 78 -14.44 2.60 4.35
N GLY A 79 -15.08 2.81 5.48
CA GLY A 79 -15.41 4.15 5.91
C GLY A 79 -14.76 4.52 7.24
N GLY A 80 -15.58 4.78 8.24
CA GLY A 80 -15.07 5.14 9.55
C GLY A 80 -15.43 4.13 10.62
N GLU A 81 -15.04 2.88 10.41
CA GLU A 81 -15.33 1.82 11.37
C GLU A 81 -14.05 1.32 12.04
N ALA A 82 -13.11 2.25 12.26
CA ALA A 82 -11.85 1.91 12.90
C ALA A 82 -11.24 3.13 13.59
N SER A 83 -10.19 2.90 14.37
CA SER A 83 -9.51 3.98 15.08
C SER A 83 -9.39 5.22 14.21
N SER A 84 -9.35 5.01 12.90
CA SER A 84 -9.22 6.11 11.94
C SER A 84 -10.28 7.18 12.21
N PRO A 85 -9.93 8.44 11.91
CA PRO A 85 -10.83 9.57 12.12
C PRO A 85 -12.01 9.57 11.14
N ARG A 86 -12.81 10.63 11.18
CA ARG A 86 -13.97 10.73 10.29
C ARG A 86 -13.63 11.58 9.07
N ASP A 87 -12.38 12.00 8.96
CA ASP A 87 -11.93 12.81 7.83
C ASP A 87 -11.07 12.00 6.87
N THR A 88 -11.13 10.68 7.03
CA THR A 88 -10.36 9.78 6.17
C THR A 88 -11.19 8.58 5.74
N SER A 89 -10.63 7.76 4.86
CA SER A 89 -11.32 6.57 4.36
C SER A 89 -10.36 5.39 4.26
N ALA A 90 -10.50 4.44 5.17
CA ALA A 90 -9.65 3.25 5.18
C ALA A 90 -10.13 2.23 4.15
N PHE A 91 -9.21 1.38 3.70
CA PHE A 91 -9.54 0.36 2.72
C PHE A 91 -9.21 -1.04 3.25
N PHE A 92 -9.75 -2.06 2.59
CA PHE A 92 -9.53 -3.44 3.00
C PHE A 92 -8.41 -4.07 2.18
N LEU A 93 -7.83 -5.15 2.70
CA LEU A 93 -6.76 -5.86 2.02
C LEU A 93 -6.56 -7.25 2.62
N GLU A 94 -6.93 -8.27 1.84
CA GLU A 94 -6.80 -9.65 2.30
C GLU A 94 -5.71 -10.37 1.50
N THR A 95 -4.84 -11.08 2.21
CA THR A 95 -3.75 -11.81 1.57
C THR A 95 -3.64 -13.22 2.12
N LYS A 96 -3.14 -14.14 1.30
CA LYS A 96 -2.98 -15.53 1.70
C LYS A 96 -2.48 -15.63 3.14
N GLU A 97 -1.74 -14.61 3.56
CA GLU A 97 -1.19 -14.59 4.92
C GLU A 97 -2.28 -14.26 5.94
N ARG A 98 -2.72 -13.01 5.93
CA ARG A 98 -3.77 -12.57 6.86
C ARG A 98 -4.47 -11.32 6.34
N LEU A 99 -5.47 -10.86 7.08
CA LEU A 99 -6.21 -9.67 6.69
C LEU A 99 -5.57 -8.41 7.26
N TYR A 100 -5.28 -7.44 6.39
CA TYR A 100 -4.68 -6.19 6.81
C TYR A 100 -5.63 -5.02 6.62
N LEU A 101 -5.81 -4.23 7.68
CA LEU A 101 -6.69 -3.08 7.63
C LEU A 101 -5.90 -1.78 7.70
N LEU A 102 -5.61 -1.21 6.53
CA LEU A 102 -4.86 0.04 6.46
C LEU A 102 -5.81 1.22 6.27
N ALA A 103 -5.34 2.41 6.66
CA ALA A 103 -6.13 3.62 6.53
C ALA A 103 -5.55 4.56 5.48
N ALA A 104 -6.42 5.27 4.77
CA ALA A 104 -5.98 6.21 3.74
C ALA A 104 -6.90 7.42 3.67
N PRO A 105 -6.35 8.55 3.22
CA PRO A 105 -7.12 9.80 3.09
C PRO A 105 -8.15 9.75 1.97
N ALA A 106 -9.42 9.84 2.34
CA ALA A 106 -10.50 9.81 1.37
C ALA A 106 -10.10 10.50 0.07
N ALA A 107 -9.23 11.50 0.19
CA ALA A 107 -8.77 12.25 -0.97
C ALA A 107 -8.00 11.34 -1.94
N GLU A 108 -7.07 10.57 -1.40
CA GLU A 108 -6.27 9.67 -2.21
C GLU A 108 -6.99 8.33 -2.41
N ARG A 109 -7.78 7.94 -1.42
CA ARG A 109 -8.53 6.69 -1.49
C ARG A 109 -8.97 6.39 -2.92
N GLY A 110 -9.88 7.21 -3.43
CA GLY A 110 -10.37 7.02 -4.78
C GLY A 110 -9.29 6.56 -5.73
N ASP A 111 -8.12 7.20 -5.64
CA ASP A 111 -7.00 6.83 -6.51
C ASP A 111 -6.36 5.52 -6.05
N TRP A 112 -5.86 5.51 -4.82
CA TRP A 112 -5.23 4.31 -4.28
C TRP A 112 -6.01 3.06 -4.65
N VAL A 113 -7.17 2.88 -4.03
CA VAL A 113 -8.00 1.71 -4.29
C VAL A 113 -8.07 1.42 -5.79
N GLN A 114 -8.23 2.47 -6.59
CA GLN A 114 -8.30 2.33 -8.03
C GLN A 114 -7.05 1.67 -8.58
N ALA A 115 -5.90 2.29 -8.35
CA ALA A 115 -4.63 1.76 -8.82
C ALA A 115 -4.43 0.32 -8.37
N ILE A 116 -4.64 0.07 -7.08
CA ILE A 116 -4.49 -1.27 -6.52
C ILE A 116 -5.40 -2.27 -7.23
N CYS A 117 -6.71 -2.03 -7.13
CA CYS A 117 -7.69 -2.91 -7.77
C CYS A 117 -7.42 -3.02 -9.27
N LEU A 118 -6.62 -2.11 -9.80
CA LEU A 118 -6.29 -2.10 -11.22
C LEU A 118 -5.07 -2.98 -11.49
N LEU A 119 -4.05 -2.86 -10.65
CA LEU A 119 -2.83 -3.63 -10.80
C LEU A 119 -2.94 -4.96 -10.06
N ALA A 120 -3.16 -4.89 -8.75
CA ALA A 120 -3.29 -6.08 -7.92
C ALA A 120 -4.15 -7.13 -8.61
N PHE A 121 -5.11 -6.68 -9.40
CA PHE A 121 -6.00 -7.58 -10.13
C PHE A 121 -5.78 -7.49 -11.63
N SER A 122 -4.51 -7.42 -12.02
CA SER A 122 -4.16 -7.33 -13.43
C SER A 122 -3.96 -8.72 -14.04
N GLY A 123 -5.06 -9.45 -14.19
CA GLY A 123 -4.99 -10.79 -14.76
C GLY A 123 -6.09 -11.05 -15.78
N PRO A 124 -6.37 -12.33 -16.04
CA PRO A 124 -7.40 -12.74 -16.98
C PRO A 124 -8.81 -12.45 -16.48
N SER A 125 -9.55 -11.65 -17.24
CA SER A 125 -10.91 -11.28 -16.87
C SER A 125 -11.90 -12.36 -17.29
N SER A 126 -11.72 -12.86 -18.52
CA SER A 126 -12.61 -13.89 -19.04
C SER A 126 -11.91 -14.69 -20.15
N GLY A 127 -11.93 -16.02 -20.00
CA GLY A 127 -11.29 -16.87 -20.99
C GLY A 127 -9.82 -17.07 -20.71
N GLY A 1 -0.29 17.35 -18.73
CA GLY A 1 0.94 17.78 -19.37
C GLY A 1 1.46 16.75 -20.36
N SER A 2 2.54 17.09 -21.05
CA SER A 2 3.14 16.20 -22.03
C SER A 2 4.38 15.52 -21.47
N SER A 3 4.86 14.49 -22.16
CA SER A 3 6.04 13.76 -21.72
C SER A 3 6.68 13.02 -22.89
N GLY A 4 8.01 12.95 -22.88
CA GLY A 4 8.73 12.27 -23.95
C GLY A 4 8.93 10.79 -23.65
N SER A 5 10.12 10.44 -23.17
CA SER A 5 10.44 9.06 -22.85
C SER A 5 10.71 8.88 -21.36
N SER A 6 10.59 7.65 -20.89
CA SER A 6 10.82 7.35 -19.48
C SER A 6 11.91 6.31 -19.31
N GLY A 7 12.90 6.61 -18.47
CA GLY A 7 13.99 5.68 -18.24
C GLY A 7 13.57 4.47 -17.44
N MET A 8 13.83 3.29 -17.97
CA MET A 8 13.46 2.05 -17.28
C MET A 8 14.20 1.94 -15.95
N GLY A 9 13.44 1.68 -14.89
CA GLY A 9 14.03 1.54 -13.57
C GLY A 9 13.02 1.75 -12.46
N ASP A 10 13.50 2.12 -11.28
CA ASP A 10 12.63 2.35 -10.13
C ASP A 10 11.69 3.52 -10.38
N GLY A 11 10.60 3.25 -11.10
CA GLY A 11 9.64 4.30 -11.41
C GLY A 11 8.27 4.01 -10.83
N ALA A 12 8.10 4.29 -9.54
CA ALA A 12 6.83 4.06 -8.86
C ALA A 12 5.70 4.80 -9.56
N VAL A 13 4.60 4.09 -9.82
CA VAL A 13 3.45 4.68 -10.49
C VAL A 13 2.79 5.74 -9.61
N LYS A 14 2.86 5.54 -8.30
CA LYS A 14 2.27 6.48 -7.35
C LYS A 14 2.88 6.29 -5.95
N GLN A 15 3.20 7.40 -5.30
CA GLN A 15 3.78 7.36 -3.96
C GLN A 15 2.88 8.07 -2.95
N GLY A 16 3.00 7.70 -1.68
CA GLY A 16 2.21 8.30 -0.64
C GLY A 16 2.49 7.73 0.73
N PHE A 17 1.62 8.03 1.69
CA PHE A 17 1.79 7.53 3.05
C PHE A 17 0.60 6.69 3.47
N LEU A 18 0.86 5.44 3.85
CA LEU A 18 -0.20 4.53 4.27
C LEU A 18 -0.13 4.28 5.77
N TYR A 19 -1.23 3.79 6.34
CA TYR A 19 -1.29 3.51 7.77
C TYR A 19 -1.61 2.05 8.02
N LEU A 20 -0.82 1.41 8.88
CA LEU A 20 -1.02 0.00 9.21
C LEU A 20 -1.24 -0.18 10.70
N GLN A 21 -2.46 -0.58 11.07
CA GLN A 21 -2.80 -0.79 12.47
C GLN A 21 -1.95 -1.90 13.08
N GLN A 22 -1.11 -1.54 14.04
CA GLN A 22 -0.23 -2.50 14.70
C GLN A 22 -0.41 -2.44 16.22
N GLN A 23 -0.98 -3.49 16.78
CA GLN A 23 -1.19 -3.56 18.23
C GLN A 23 -0.29 -4.59 18.87
N GLN A 24 0.06 -4.37 20.14
CA GLN A 24 0.93 -5.28 20.87
C GLN A 24 1.00 -4.91 22.34
N THR A 25 0.51 -5.80 23.20
CA THR A 25 0.53 -5.56 24.64
C THR A 25 0.29 -4.08 24.95
N PHE A 26 -0.60 -3.46 24.18
CA PHE A 26 -0.91 -2.04 24.39
C PHE A 26 -2.18 -1.66 23.63
N GLY A 27 -2.63 -0.43 23.84
CA GLY A 27 -3.83 0.04 23.17
C GLY A 27 -3.65 0.16 21.67
N LYS A 28 -4.67 -0.26 20.92
CA LYS A 28 -4.62 -0.21 19.46
C LYS A 28 -4.28 1.21 18.98
N LYS A 29 -3.30 1.28 18.09
CA LYS A 29 -2.87 2.57 17.55
C LYS A 29 -2.52 2.45 16.06
N TRP A 30 -2.43 3.59 15.39
CA TRP A 30 -2.10 3.60 13.96
C TRP A 30 -0.62 3.90 13.75
N ARG A 31 -0.07 3.38 12.65
CA ARG A 31 1.34 3.58 12.33
C ARG A 31 1.53 3.82 10.84
N ARG A 32 2.06 4.99 10.50
CA ARG A 32 2.29 5.36 9.11
C ARG A 32 3.68 4.93 8.66
N PHE A 33 3.83 4.64 7.37
CA PHE A 33 5.10 4.21 6.81
C PHE A 33 5.23 4.63 5.35
N GLY A 34 6.46 4.73 4.87
CA GLY A 34 6.69 5.12 3.49
C GLY A 34 6.26 4.05 2.51
N ALA A 35 5.12 4.26 1.86
CA ALA A 35 4.60 3.31 0.89
C ALA A 35 4.94 3.72 -0.53
N SER A 36 5.21 2.75 -1.39
CA SER A 36 5.55 3.03 -2.78
C SER A 36 4.83 2.06 -3.72
N LEU A 37 4.11 2.61 -4.68
CA LEU A 37 3.37 1.80 -5.64
C LEU A 37 4.17 1.60 -6.92
N TYR A 38 4.60 0.36 -7.17
CA TYR A 38 5.38 0.05 -8.36
C TYR A 38 4.56 -0.77 -9.35
N GLY A 39 4.96 -0.72 -10.61
CA GLY A 39 4.24 -1.46 -11.65
C GLY A 39 3.80 -0.57 -12.79
N GLY A 40 2.52 -0.68 -13.16
CA GLY A 40 2.00 0.13 -14.24
C GLY A 40 2.02 -0.61 -15.57
N SER A 41 3.17 -1.18 -15.91
CA SER A 41 3.31 -1.91 -17.17
C SER A 41 3.40 -3.40 -16.91
N ASP A 42 3.00 -4.20 -17.90
CA ASP A 42 3.03 -5.65 -17.79
C ASP A 42 4.36 -6.12 -17.22
N CYS A 43 4.38 -6.41 -15.92
CA CYS A 43 5.59 -6.87 -15.26
C CYS A 43 5.27 -7.47 -13.89
N ALA A 44 6.21 -8.26 -13.36
CA ALA A 44 6.02 -8.89 -12.06
C ALA A 44 6.63 -8.06 -10.95
N LEU A 45 6.86 -6.79 -11.23
CA LEU A 45 7.44 -5.87 -10.25
C LEU A 45 6.35 -5.15 -9.46
N ALA A 46 5.11 -5.32 -9.90
CA ALA A 46 3.97 -4.69 -9.22
C ALA A 46 3.83 -5.21 -7.79
N ARG A 47 3.99 -4.32 -6.83
CA ARG A 47 3.88 -4.69 -5.42
C ARG A 47 3.94 -3.45 -4.52
N LEU A 48 3.41 -3.58 -3.31
CA LEU A 48 3.41 -2.47 -2.36
C LEU A 48 4.54 -2.61 -1.35
N GLU A 49 5.53 -1.74 -1.45
CA GLU A 49 6.68 -1.77 -0.55
C GLU A 49 6.43 -0.88 0.66
N LEU A 50 6.95 -1.30 1.82
CA LEU A 50 6.79 -0.54 3.05
C LEU A 50 8.12 -0.35 3.76
N GLN A 51 8.24 0.75 4.51
CA GLN A 51 9.47 1.05 5.23
C GLN A 51 9.17 1.41 6.68
N GLU A 52 9.53 0.52 7.60
CA GLU A 52 9.29 0.75 9.02
C GLU A 52 10.44 1.55 9.63
N GLY A 53 10.09 2.56 10.42
CA GLY A 53 11.10 3.39 11.06
C GLY A 53 11.14 4.79 10.48
N PRO A 54 10.26 5.67 10.98
CA PRO A 54 10.18 7.06 10.52
C PRO A 54 11.39 7.88 10.96
N GLU A 55 12.07 7.41 12.00
CA GLU A 55 13.25 8.11 12.52
C GLU A 55 14.39 8.07 11.50
N LYS A 56 15.36 8.96 11.68
CA LYS A 56 16.51 9.03 10.78
C LYS A 56 16.96 7.64 10.37
N PRO A 57 17.41 7.50 9.11
CA PRO A 57 17.88 6.23 8.56
C PRO A 57 19.20 5.79 9.19
N ARG A 58 19.12 4.98 10.24
CA ARG A 58 20.31 4.48 10.92
C ARG A 58 20.28 2.96 11.05
N ARG A 59 19.75 2.30 10.01
CA ARG A 59 19.66 0.85 10.01
C ARG A 59 19.39 0.31 11.41
N CYS A 60 18.46 0.96 12.11
CA CYS A 60 18.11 0.54 13.47
C CYS A 60 17.39 -0.80 13.45
N GLU A 61 16.42 -0.94 12.56
CA GLU A 61 15.65 -2.17 12.45
C GLU A 61 15.70 -2.72 11.03
N ALA A 62 16.83 -3.32 10.67
CA ALA A 62 17.01 -3.87 9.33
C ALA A 62 15.88 -4.86 9.01
N ALA A 63 14.82 -4.35 8.41
CA ALA A 63 13.67 -5.18 8.04
C ALA A 63 12.74 -4.43 7.08
N ARG A 64 12.38 -5.10 5.99
CA ARG A 64 11.49 -4.51 5.00
C ARG A 64 10.25 -5.37 4.79
N LYS A 65 9.08 -4.75 4.82
CA LYS A 65 7.82 -5.46 4.63
C LYS A 65 7.20 -5.11 3.29
N VAL A 66 7.10 -6.10 2.41
CA VAL A 66 6.53 -5.89 1.09
C VAL A 66 5.36 -6.84 0.84
N ILE A 67 4.29 -6.33 0.25
CA ILE A 67 3.11 -7.14 -0.03
C ILE A 67 2.71 -7.03 -1.51
N ARG A 68 3.14 -8.00 -2.30
CA ARG A 68 2.83 -8.01 -3.73
C ARG A 68 1.32 -7.90 -3.96
N LEU A 69 0.94 -7.09 -4.94
CA LEU A 69 -0.47 -6.89 -5.26
C LEU A 69 -1.08 -8.16 -5.84
N SER A 70 -0.22 -9.11 -6.20
CA SER A 70 -0.67 -10.37 -6.77
C SER A 70 -1.24 -11.29 -5.69
N ASP A 71 -0.75 -11.11 -4.46
CA ASP A 71 -1.20 -11.92 -3.34
C ASP A 71 -2.57 -11.44 -2.85
N CYS A 72 -2.88 -10.18 -3.08
CA CYS A 72 -4.15 -9.61 -2.67
C CYS A 72 -5.32 -10.40 -3.24
N LEU A 73 -5.93 -11.23 -2.40
CA LEU A 73 -7.07 -12.04 -2.82
C LEU A 73 -8.28 -11.17 -3.15
N ARG A 74 -8.48 -10.11 -2.37
CA ARG A 74 -9.59 -9.20 -2.59
C ARG A 74 -9.43 -7.93 -1.76
N VAL A 75 -9.89 -6.81 -2.30
CA VAL A 75 -9.80 -5.53 -1.60
C VAL A 75 -11.11 -4.75 -1.72
N ALA A 76 -11.35 -3.88 -0.74
CA ALA A 76 -12.56 -3.06 -0.73
C ALA A 76 -12.25 -1.63 -0.29
N GLU A 77 -13.27 -0.78 -0.31
CA GLU A 77 -13.12 0.61 0.08
C GLU A 77 -13.99 0.94 1.29
N ALA A 78 -13.35 1.26 2.41
CA ALA A 78 -14.07 1.59 3.63
C ALA A 78 -13.95 3.08 3.95
N GLY A 79 -14.53 3.49 5.08
CA GLY A 79 -14.47 4.88 5.48
C GLY A 79 -15.66 5.28 6.33
N GLY A 80 -15.40 5.52 7.62
CA GLY A 80 -16.46 5.91 8.53
C GLY A 80 -16.76 4.85 9.56
N GLU A 81 -16.66 3.58 9.15
CA GLU A 81 -16.93 2.47 10.07
C GLU A 81 -15.71 2.18 10.94
N ALA A 82 -14.56 1.99 10.30
CA ALA A 82 -13.33 1.71 11.03
C ALA A 82 -12.99 2.84 12.00
N SER A 83 -12.03 2.59 12.89
CA SER A 83 -11.62 3.58 13.87
C SER A 83 -11.17 4.87 13.19
N SER A 84 -10.63 4.73 11.98
CA SER A 84 -10.15 5.88 11.22
C SER A 84 -11.17 7.01 11.25
N PRO A 85 -10.67 8.26 11.24
CA PRO A 85 -11.52 9.45 11.26
C PRO A 85 -12.29 9.65 9.96
N ARG A 86 -13.44 10.29 10.05
CA ARG A 86 -14.28 10.54 8.88
C ARG A 86 -13.52 11.34 7.82
N ASP A 87 -12.67 12.26 8.28
CA ASP A 87 -11.88 13.09 7.38
C ASP A 87 -11.05 12.23 6.43
N THR A 88 -10.86 10.96 6.81
CA THR A 88 -10.08 10.03 6.00
C THR A 88 -10.93 8.85 5.55
N SER A 89 -10.36 8.00 4.71
CA SER A 89 -11.06 6.83 4.20
C SER A 89 -10.15 5.60 4.22
N ALA A 90 -10.50 4.62 5.06
CA ALA A 90 -9.73 3.40 5.16
C ALA A 90 -10.14 2.39 4.11
N PHE A 91 -9.21 1.50 3.74
CA PHE A 91 -9.48 0.49 2.73
C PHE A 91 -9.15 -0.90 3.26
N PHE A 92 -9.78 -1.92 2.68
CA PHE A 92 -9.55 -3.30 3.09
C PHE A 92 -8.44 -3.94 2.26
N LEU A 93 -7.84 -4.99 2.79
CA LEU A 93 -6.77 -5.70 2.09
C LEU A 93 -6.62 -7.12 2.62
N GLU A 94 -7.06 -8.09 1.81
CA GLU A 94 -6.97 -9.49 2.20
C GLU A 94 -5.91 -10.22 1.39
N THR A 95 -4.95 -10.83 2.09
CA THR A 95 -3.86 -11.55 1.44
C THR A 95 -3.80 -12.99 1.91
N LYS A 96 -2.93 -13.79 1.30
CA LYS A 96 -2.76 -15.19 1.67
C LYS A 96 -2.37 -15.32 3.13
N GLU A 97 -1.58 -14.38 3.63
CA GLU A 97 -1.13 -14.39 5.02
C GLU A 97 -2.29 -14.08 5.96
N ARG A 98 -2.79 -12.85 5.88
CA ARG A 98 -3.90 -12.42 6.72
C ARG A 98 -4.50 -11.11 6.20
N LEU A 99 -5.57 -10.67 6.86
CA LEU A 99 -6.24 -9.43 6.46
C LEU A 99 -5.61 -8.23 7.15
N TYR A 100 -5.25 -7.22 6.36
CA TYR A 100 -4.63 -6.02 6.88
C TYR A 100 -5.53 -4.80 6.67
N LEU A 101 -5.91 -4.15 7.78
CA LEU A 101 -6.77 -2.98 7.71
C LEU A 101 -5.95 -1.70 7.81
N LEU A 102 -5.65 -1.10 6.66
CA LEU A 102 -4.87 0.13 6.62
C LEU A 102 -5.78 1.33 6.38
N ALA A 103 -5.29 2.51 6.74
CA ALA A 103 -6.06 3.74 6.55
C ALA A 103 -5.40 4.65 5.52
N ALA A 104 -6.22 5.37 4.77
CA ALA A 104 -5.72 6.29 3.74
C ALA A 104 -6.57 7.54 3.66
N PRO A 105 -5.96 8.65 3.20
CA PRO A 105 -6.65 9.93 3.06
C PRO A 105 -7.68 9.92 1.94
N ALA A 106 -8.95 10.10 2.31
CA ALA A 106 -10.03 10.12 1.34
C ALA A 106 -9.57 10.73 0.02
N ALA A 107 -8.69 11.72 0.09
CA ALA A 107 -8.17 12.39 -1.09
C ALA A 107 -7.47 11.40 -2.01
N GLU A 108 -6.57 10.61 -1.44
CA GLU A 108 -5.82 9.61 -2.21
C GLU A 108 -6.62 8.33 -2.36
N ARG A 109 -7.28 7.91 -1.28
CA ARG A 109 -8.08 6.69 -1.28
C ARG A 109 -8.74 6.48 -2.65
N GLY A 110 -9.42 7.52 -3.13
CA GLY A 110 -10.09 7.42 -4.41
C GLY A 110 -9.24 6.75 -5.46
N ASP A 111 -7.99 7.19 -5.60
CA ASP A 111 -7.07 6.63 -6.57
C ASP A 111 -6.46 5.33 -6.04
N TRP A 112 -5.95 5.38 -4.81
CA TRP A 112 -5.34 4.21 -4.20
C TRP A 112 -6.08 2.93 -4.58
N VAL A 113 -7.30 2.79 -4.06
CA VAL A 113 -8.11 1.62 -4.35
C VAL A 113 -8.12 1.31 -5.85
N GLN A 114 -8.17 2.35 -6.66
CA GLN A 114 -8.19 2.20 -8.11
C GLN A 114 -6.89 1.57 -8.61
N ALA A 115 -5.79 2.31 -8.47
CA ALA A 115 -4.48 1.83 -8.90
C ALA A 115 -4.22 0.42 -8.37
N ILE A 116 -4.26 0.29 -7.04
CA ILE A 116 -4.01 -1.00 -6.41
C ILE A 116 -4.75 -2.12 -7.12
N CYS A 117 -6.08 -1.99 -7.19
CA CYS A 117 -6.90 -3.00 -7.84
C CYS A 117 -6.64 -3.02 -9.36
N LEU A 118 -6.03 -1.96 -9.85
CA LEU A 118 -5.72 -1.84 -11.27
C LEU A 118 -4.69 -2.90 -11.68
N LEU A 119 -3.75 -3.18 -10.80
CA LEU A 119 -2.71 -4.17 -11.07
C LEU A 119 -2.98 -5.47 -10.30
N ALA A 120 -3.50 -5.33 -9.09
CA ALA A 120 -3.80 -6.48 -8.25
C ALA A 120 -4.68 -7.49 -9.00
N PHE A 121 -5.77 -6.98 -9.59
CA PHE A 121 -6.70 -7.83 -10.33
C PHE A 121 -6.97 -7.25 -11.71
N SER A 122 -5.90 -6.90 -12.42
CA SER A 122 -6.03 -6.33 -13.76
C SER A 122 -6.88 -7.23 -14.65
N GLY A 123 -6.92 -8.51 -14.32
CA GLY A 123 -7.71 -9.46 -15.10
C GLY A 123 -7.72 -9.11 -16.58
N PRO A 124 -8.79 -8.41 -17.02
CA PRO A 124 -8.94 -8.00 -18.42
C PRO A 124 -7.94 -6.92 -18.82
N SER A 125 -7.01 -7.29 -19.69
CA SER A 125 -5.99 -6.35 -20.16
C SER A 125 -6.22 -5.99 -21.63
N SER A 126 -6.55 -4.72 -21.86
CA SER A 126 -6.81 -4.24 -23.22
C SER A 126 -5.60 -3.50 -23.77
N GLY A 127 -5.23 -2.41 -23.10
CA GLY A 127 -4.09 -1.62 -23.55
C GLY A 127 -4.48 -0.22 -23.97
N GLY A 1 -4.01 1.24 -18.68
CA GLY A 1 -3.94 2.69 -18.73
C GLY A 1 -2.52 3.20 -18.53
N SER A 2 -1.81 3.42 -19.62
CA SER A 2 -0.44 3.90 -19.56
C SER A 2 -0.33 5.31 -20.15
N SER A 3 -0.65 6.31 -19.35
CA SER A 3 -0.60 7.69 -19.80
C SER A 3 0.25 8.54 -18.86
N GLY A 4 0.86 9.59 -19.40
CA GLY A 4 1.69 10.46 -18.59
C GLY A 4 1.48 11.93 -18.91
N SER A 5 0.61 12.58 -18.13
CA SER A 5 0.31 14.00 -18.34
C SER A 5 1.53 14.86 -18.02
N SER A 6 2.09 14.67 -16.84
CA SER A 6 3.25 15.44 -16.41
C SER A 6 4.53 14.84 -17.01
N GLY A 7 4.80 13.59 -16.68
CA GLY A 7 5.98 12.92 -17.20
C GLY A 7 6.68 12.10 -16.13
N MET A 8 6.27 10.84 -16.00
CA MET A 8 6.86 9.95 -15.01
C MET A 8 8.39 10.07 -15.02
N GLY A 9 8.99 9.98 -13.83
CA GLY A 9 10.43 10.08 -13.72
C GLY A 9 10.98 9.24 -12.59
N ASP A 10 10.50 9.49 -11.38
CA ASP A 10 10.96 8.75 -10.21
C ASP A 10 10.92 7.25 -10.46
N GLY A 11 9.72 6.72 -10.70
CA GLY A 11 9.58 5.30 -10.95
C GLY A 11 8.22 4.77 -10.53
N ALA A 12 7.93 4.84 -9.23
CA ALA A 12 6.66 4.37 -8.70
C ALA A 12 5.49 5.08 -9.35
N VAL A 13 4.59 4.32 -9.95
CA VAL A 13 3.42 4.89 -10.61
C VAL A 13 2.74 5.93 -9.74
N LYS A 14 2.44 5.55 -8.50
CA LYS A 14 1.79 6.45 -7.55
C LYS A 14 2.48 6.41 -6.20
N GLN A 15 2.82 7.59 -5.67
CA GLN A 15 3.49 7.69 -4.38
C GLN A 15 2.55 8.27 -3.32
N GLY A 16 2.58 7.69 -2.13
CA GLY A 16 1.74 8.16 -1.05
C GLY A 16 2.16 7.62 0.30
N PHE A 17 1.23 7.60 1.25
CA PHE A 17 1.51 7.11 2.59
C PHE A 17 0.33 6.29 3.13
N LEU A 18 0.61 5.06 3.53
CA LEU A 18 -0.42 4.18 4.06
C LEU A 18 -0.15 3.85 5.53
N TYR A 19 -1.20 3.90 6.35
CA TYR A 19 -1.08 3.61 7.76
C TYR A 19 -1.57 2.19 8.08
N LEU A 20 -0.87 1.52 8.98
CA LEU A 20 -1.22 0.16 9.38
C LEU A 20 -1.48 0.07 10.88
N GLN A 21 -2.51 -0.67 11.25
CA GLN A 21 -2.85 -0.84 12.66
C GLN A 21 -2.27 -2.14 13.21
N GLN A 22 -1.47 -2.02 14.26
CA GLN A 22 -0.86 -3.19 14.88
C GLN A 22 -1.41 -3.43 16.28
N GLN A 23 -1.79 -4.67 16.56
CA GLN A 23 -2.34 -5.03 17.86
C GLN A 23 -1.64 -6.25 18.44
N GLN A 24 -1.56 -7.31 17.64
CA GLN A 24 -0.92 -8.55 18.07
C GLN A 24 0.27 -8.25 18.99
N THR A 25 1.05 -7.24 18.63
CA THR A 25 2.21 -6.85 19.42
C THR A 25 1.86 -5.77 20.43
N PHE A 26 2.72 -5.58 21.42
CA PHE A 26 2.49 -4.57 22.45
C PHE A 26 2.08 -3.24 21.83
N GLY A 27 1.29 -2.47 22.57
CA GLY A 27 0.83 -1.19 22.07
C GLY A 27 -0.16 -1.32 20.94
N LYS A 28 -1.34 -0.75 21.11
CA LYS A 28 -2.38 -0.81 20.09
C LYS A 28 -2.69 0.58 19.53
N LYS A 29 -1.87 1.02 18.58
CA LYS A 29 -2.04 2.32 17.96
C LYS A 29 -1.69 2.27 16.47
N TRP A 30 -2.10 3.30 15.74
CA TRP A 30 -1.83 3.37 14.31
C TRP A 30 -0.37 3.73 14.06
N ARG A 31 0.16 3.29 12.92
CA ARG A 31 1.55 3.55 12.56
C ARG A 31 1.65 4.12 11.15
N ARG A 32 2.80 4.70 10.82
CA ARG A 32 3.01 5.28 9.50
C ARG A 32 4.12 4.53 8.75
N PHE A 33 3.86 4.20 7.49
CA PHE A 33 4.82 3.49 6.68
C PHE A 33 4.77 3.97 5.22
N GLY A 34 5.90 4.45 4.72
CA GLY A 34 5.96 4.93 3.36
C GLY A 34 5.46 3.91 2.35
N ALA A 35 4.42 4.26 1.62
CA ALA A 35 3.84 3.37 0.62
C ALA A 35 4.23 3.79 -0.80
N SER A 36 4.85 2.88 -1.54
CA SER A 36 5.26 3.17 -2.91
C SER A 36 4.69 2.15 -3.89
N LEU A 37 3.98 2.63 -4.89
CA LEU A 37 3.36 1.77 -5.90
C LEU A 37 4.29 1.58 -7.08
N TYR A 38 4.82 0.37 -7.24
CA TYR A 38 5.73 0.07 -8.33
C TYR A 38 5.07 -0.89 -9.32
N GLY A 39 5.50 -0.82 -10.58
CA GLY A 39 4.95 -1.68 -11.61
C GLY A 39 4.24 -0.91 -12.70
N GLY A 40 3.68 -1.63 -13.67
CA GLY A 40 2.99 -0.98 -14.77
C GLY A 40 3.93 -0.54 -15.87
N SER A 41 4.87 0.34 -15.53
CA SER A 41 5.83 0.86 -16.49
C SER A 41 6.71 -0.27 -17.04
N ASP A 42 6.59 -0.53 -18.34
CA ASP A 42 7.38 -1.58 -18.97
C ASP A 42 7.08 -2.94 -18.35
N CYS A 43 5.80 -3.20 -18.10
CA CYS A 43 5.39 -4.47 -17.50
C CYS A 43 6.41 -4.94 -16.46
N ALA A 44 6.91 -3.99 -15.66
CA ALA A 44 7.89 -4.31 -14.63
C ALA A 44 7.22 -4.88 -13.39
N LEU A 45 7.90 -5.80 -12.71
CA LEU A 45 7.37 -6.41 -11.51
C LEU A 45 6.60 -5.39 -10.67
N ALA A 46 5.50 -5.83 -10.07
CA ALA A 46 4.68 -4.96 -9.24
C ALA A 46 4.64 -5.45 -7.79
N ARG A 47 4.79 -4.53 -6.85
CA ARG A 47 4.78 -4.87 -5.44
C ARG A 47 4.66 -3.61 -4.57
N LEU A 48 4.04 -3.76 -3.41
CA LEU A 48 3.84 -2.64 -2.49
C LEU A 48 4.89 -2.67 -1.38
N GLU A 49 5.73 -1.64 -1.35
CA GLU A 49 6.77 -1.54 -0.33
C GLU A 49 6.29 -0.73 0.87
N LEU A 50 6.86 -1.01 2.03
CA LEU A 50 6.49 -0.30 3.25
C LEU A 50 7.70 -0.14 4.18
N GLN A 51 7.96 1.11 4.57
CA GLN A 51 9.09 1.40 5.45
C GLN A 51 8.88 2.73 6.17
N GLU A 52 9.38 2.81 7.41
CA GLU A 52 9.24 4.02 8.20
C GLU A 52 10.61 4.61 8.54
N GLY A 53 11.34 3.94 9.43
CA GLY A 53 12.64 4.40 9.82
C GLY A 53 12.71 4.79 11.28
N PRO A 54 13.04 3.81 12.15
CA PRO A 54 13.14 4.04 13.59
C PRO A 54 14.34 4.90 13.96
N GLU A 55 14.53 5.13 15.26
CA GLU A 55 15.64 5.93 15.74
C GLU A 55 16.50 5.15 16.74
N LYS A 56 17.19 4.14 16.23
CA LYS A 56 18.05 3.30 17.06
C LYS A 56 19.51 3.39 16.61
N PRO A 57 20.43 3.38 17.58
CA PRO A 57 21.87 3.47 17.31
C PRO A 57 22.40 2.20 16.65
N ARG A 58 21.59 1.15 16.65
CA ARG A 58 21.99 -0.12 16.06
C ARG A 58 20.78 -0.88 15.54
N ARG A 59 20.79 -1.18 14.24
CA ARG A 59 19.69 -1.91 13.61
C ARG A 59 19.76 -3.39 13.93
N CYS A 60 18.92 -3.83 14.88
CA CYS A 60 18.88 -5.22 15.29
C CYS A 60 18.82 -6.14 14.07
N GLU A 61 17.77 -5.99 13.28
CA GLU A 61 17.59 -6.81 12.08
C GLU A 61 16.83 -6.04 11.01
N ALA A 62 17.02 -6.45 9.75
CA ALA A 62 16.35 -5.80 8.63
C ALA A 62 14.85 -6.04 8.67
N ALA A 63 14.12 -5.12 9.30
CA ALA A 63 12.68 -5.23 9.42
C ALA A 63 11.98 -4.50 8.27
N ARG A 64 11.68 -5.24 7.21
CA ARG A 64 11.01 -4.67 6.04
C ARG A 64 9.70 -5.39 5.76
N LYS A 65 8.67 -4.61 5.42
CA LYS A 65 7.35 -5.16 5.13
C LYS A 65 6.97 -4.91 3.67
N VAL A 66 6.81 -6.00 2.92
CA VAL A 66 6.44 -5.90 1.51
C VAL A 66 5.22 -6.76 1.20
N ILE A 67 4.23 -6.15 0.57
CA ILE A 67 3.00 -6.86 0.22
C ILE A 67 2.75 -6.80 -1.29
N ARG A 68 3.19 -7.84 -1.99
CA ARG A 68 3.02 -7.92 -3.44
C ARG A 68 1.54 -7.89 -3.81
N LEU A 69 1.18 -6.97 -4.69
CA LEU A 69 -0.21 -6.85 -5.13
C LEU A 69 -0.80 -8.20 -5.49
N SER A 70 0.02 -9.05 -6.10
CA SER A 70 -0.42 -10.38 -6.50
C SER A 70 -1.03 -11.13 -5.32
N ASP A 71 -0.45 -10.92 -4.14
CA ASP A 71 -0.94 -11.58 -2.92
C ASP A 71 -2.31 -11.03 -2.53
N CYS A 72 -2.57 -9.78 -2.88
CA CYS A 72 -3.85 -9.15 -2.56
C CYS A 72 -5.00 -9.91 -3.19
N LEU A 73 -5.55 -10.88 -2.44
CA LEU A 73 -6.66 -11.68 -2.93
C LEU A 73 -7.85 -10.80 -3.32
N ARG A 74 -8.32 -9.99 -2.37
CA ARG A 74 -9.44 -9.10 -2.61
C ARG A 74 -9.33 -7.84 -1.77
N VAL A 75 -9.77 -6.71 -2.32
CA VAL A 75 -9.70 -5.44 -1.61
C VAL A 75 -11.06 -4.73 -1.64
N ALA A 76 -11.27 -3.82 -0.70
CA ALA A 76 -12.52 -3.08 -0.62
C ALA A 76 -12.29 -1.67 -0.08
N GLU A 77 -13.35 -0.87 -0.06
CA GLU A 77 -13.26 0.50 0.43
C GLU A 77 -13.96 0.64 1.78
N ALA A 78 -13.26 1.23 2.75
CA ALA A 78 -13.82 1.42 4.09
C ALA A 78 -13.86 2.90 4.45
N GLY A 79 -14.48 3.21 5.59
CA GLY A 79 -14.57 4.59 6.03
C GLY A 79 -15.58 4.77 7.15
N GLY A 80 -15.46 5.88 7.87
CA GLY A 80 -16.38 6.15 8.96
C GLY A 80 -16.17 5.22 10.14
N GLU A 81 -16.94 4.13 10.18
CA GLU A 81 -16.83 3.16 11.26
C GLU A 81 -15.48 2.47 11.24
N ALA A 82 -14.48 3.12 11.83
CA ALA A 82 -13.13 2.58 11.88
C ALA A 82 -12.21 3.46 12.71
N SER A 83 -11.37 2.82 13.55
CA SER A 83 -10.45 3.55 14.40
C SER A 83 -9.85 4.75 13.66
N SER A 84 -9.77 4.64 12.34
CA SER A 84 -9.21 5.72 11.52
C SER A 84 -9.64 7.08 12.07
N PRO A 85 -8.74 8.06 11.95
CA PRO A 85 -9.00 9.44 12.41
C PRO A 85 -10.05 10.15 11.57
N ARG A 86 -10.25 11.44 11.84
CA ARG A 86 -11.22 12.23 11.11
C ARG A 86 -10.62 12.76 9.81
N ASP A 87 -11.49 13.04 8.84
CA ASP A 87 -11.05 13.55 7.55
C ASP A 87 -10.19 12.53 6.82
N THR A 88 -10.57 11.26 6.91
CA THR A 88 -9.83 10.19 6.27
C THR A 88 -10.74 9.03 5.90
N SER A 89 -10.21 8.07 5.15
CA SER A 89 -10.98 6.90 4.73
C SER A 89 -10.07 5.69 4.57
N ALA A 90 -10.24 4.71 5.47
CA ALA A 90 -9.45 3.50 5.42
C ALA A 90 -10.01 2.50 4.42
N PHE A 91 -9.16 1.61 3.92
CA PHE A 91 -9.59 0.61 2.94
C PHE A 91 -9.32 -0.80 3.47
N PHE A 92 -9.88 -1.79 2.79
CA PHE A 92 -9.70 -3.19 3.19
C PHE A 92 -8.62 -3.85 2.34
N LEU A 93 -7.95 -4.85 2.92
CA LEU A 93 -6.90 -5.57 2.22
C LEU A 93 -6.78 -7.00 2.73
N GLU A 94 -7.25 -7.95 1.93
CA GLU A 94 -7.20 -9.36 2.30
C GLU A 94 -6.14 -10.10 1.48
N THR A 95 -5.26 -10.81 2.17
CA THR A 95 -4.20 -11.56 1.52
C THR A 95 -4.16 -13.01 2.01
N LYS A 96 -3.30 -13.81 1.40
CA LYS A 96 -3.17 -15.21 1.78
C LYS A 96 -2.74 -15.34 3.24
N GLU A 97 -1.91 -14.41 3.70
CA GLU A 97 -1.43 -14.43 5.07
C GLU A 97 -2.56 -14.09 6.04
N ARG A 98 -3.11 -12.89 5.92
CA ARG A 98 -4.19 -12.45 6.79
C ARG A 98 -4.80 -11.16 6.29
N LEU A 99 -5.81 -10.65 7.01
CA LEU A 99 -6.47 -9.41 6.62
C LEU A 99 -5.80 -8.21 7.27
N TYR A 100 -5.35 -7.27 6.45
CA TYR A 100 -4.69 -6.07 6.95
C TYR A 100 -5.55 -4.84 6.71
N LEU A 101 -5.94 -4.19 7.80
CA LEU A 101 -6.78 -2.98 7.72
C LEU A 101 -5.92 -1.73 7.83
N LEU A 102 -5.60 -1.14 6.67
CA LEU A 102 -4.78 0.07 6.64
C LEU A 102 -5.66 1.30 6.41
N ALA A 103 -5.14 2.47 6.79
CA ALA A 103 -5.87 3.72 6.63
C ALA A 103 -5.23 4.58 5.56
N ALA A 104 -6.06 5.30 4.81
CA ALA A 104 -5.58 6.19 3.75
C ALA A 104 -6.41 7.45 3.66
N PRO A 105 -5.78 8.56 3.23
CA PRO A 105 -6.45 9.85 3.09
C PRO A 105 -7.45 9.86 1.93
N ALA A 106 -8.71 10.13 2.26
CA ALA A 106 -9.76 10.18 1.25
C ALA A 106 -9.24 10.76 -0.07
N ALA A 107 -8.28 11.68 0.04
CA ALA A 107 -7.70 12.31 -1.13
C ALA A 107 -7.04 11.27 -2.04
N GLU A 108 -6.15 10.47 -1.48
CA GLU A 108 -5.45 9.45 -2.24
C GLU A 108 -6.33 8.21 -2.41
N ARG A 109 -7.10 7.89 -1.37
CA ARG A 109 -7.98 6.73 -1.42
C ARG A 109 -8.55 6.52 -2.82
N GLY A 110 -9.35 7.48 -3.27
CA GLY A 110 -9.94 7.39 -4.59
C GLY A 110 -9.02 6.75 -5.60
N ASP A 111 -7.73 7.11 -5.54
CA ASP A 111 -6.75 6.57 -6.46
C ASP A 111 -6.18 5.25 -5.93
N TRP A 112 -5.57 5.31 -4.76
CA TRP A 112 -4.98 4.12 -4.14
C TRP A 112 -5.81 2.88 -4.46
N VAL A 113 -7.04 2.85 -3.97
CA VAL A 113 -7.94 1.73 -4.21
C VAL A 113 -8.06 1.41 -5.69
N GLN A 114 -8.12 2.47 -6.50
CA GLN A 114 -8.23 2.31 -7.95
C GLN A 114 -6.97 1.68 -8.53
N ALA A 115 -5.87 2.42 -8.48
CA ALA A 115 -4.60 1.94 -9.01
C ALA A 115 -4.32 0.51 -8.53
N ILE A 116 -4.39 0.30 -7.22
CA ILE A 116 -4.15 -1.01 -6.64
C ILE A 116 -5.05 -2.07 -7.28
N CYS A 117 -6.31 -1.72 -7.48
CA CYS A 117 -7.28 -2.64 -8.08
C CYS A 117 -6.84 -3.02 -9.49
N LEU A 118 -6.37 -2.04 -10.25
CA LEU A 118 -5.92 -2.27 -11.62
C LEU A 118 -4.79 -3.28 -11.65
N LEU A 119 -3.73 -3.01 -10.89
CA LEU A 119 -2.58 -3.90 -10.84
C LEU A 119 -2.93 -5.20 -10.13
N ALA A 120 -3.23 -5.11 -8.84
CA ALA A 120 -3.59 -6.28 -8.05
C ALA A 120 -4.52 -7.21 -8.82
N PHE A 121 -5.44 -6.61 -9.59
CA PHE A 121 -6.39 -7.38 -10.37
C PHE A 121 -6.27 -7.04 -11.86
N SER A 122 -5.04 -7.06 -12.36
CA SER A 122 -4.79 -6.74 -13.77
C SER A 122 -5.04 -7.97 -14.65
N GLY A 123 -4.52 -9.11 -14.22
CA GLY A 123 -4.69 -10.34 -14.98
C GLY A 123 -6.14 -10.76 -15.07
N PRO A 124 -6.36 -12.06 -15.33
CA PRO A 124 -7.72 -12.62 -15.44
C PRO A 124 -8.44 -12.67 -14.10
N SER A 125 -7.67 -12.72 -13.03
CA SER A 125 -8.24 -12.77 -11.68
C SER A 125 -9.51 -11.94 -11.59
N SER A 126 -10.47 -12.41 -10.80
CA SER A 126 -11.74 -11.71 -10.63
C SER A 126 -12.34 -11.99 -9.26
N GLY A 127 -12.45 -10.95 -8.45
CA GLY A 127 -13.00 -11.10 -7.12
C GLY A 127 -14.47 -11.46 -7.14
N GLY A 1 13.37 24.21 -27.04
CA GLY A 1 13.22 24.48 -25.63
C GLY A 1 13.76 23.37 -24.76
N SER A 2 13.32 23.34 -23.50
CA SER A 2 13.78 22.32 -22.56
C SER A 2 12.83 21.13 -22.58
N SER A 3 12.39 20.74 -23.76
CA SER A 3 11.49 19.60 -23.92
C SER A 3 11.84 18.49 -22.94
N GLY A 4 10.81 17.95 -22.29
CA GLY A 4 11.02 16.88 -21.33
C GLY A 4 11.12 17.40 -19.90
N SER A 5 10.61 16.60 -18.96
CA SER A 5 10.63 16.99 -17.56
C SER A 5 12.07 17.09 -17.03
N SER A 6 12.41 18.23 -16.46
CA SER A 6 13.74 18.45 -15.94
C SER A 6 13.85 17.94 -14.51
N GLY A 7 14.57 16.83 -14.32
CA GLY A 7 14.73 16.26 -13.00
C GLY A 7 14.78 14.75 -13.04
N MET A 8 13.88 14.11 -12.30
CA MET A 8 13.83 12.65 -12.24
C MET A 8 12.66 12.12 -13.06
N GLY A 9 12.77 10.88 -13.51
CA GLY A 9 11.72 10.26 -14.30
C GLY A 9 10.53 9.86 -13.46
N ASP A 10 9.55 9.23 -14.09
CA ASP A 10 8.35 8.79 -13.40
C ASP A 10 8.51 7.36 -12.87
N GLY A 11 9.06 7.24 -11.66
CA GLY A 11 9.26 5.93 -11.06
C GLY A 11 7.96 5.29 -10.60
N ALA A 12 7.81 5.17 -9.29
CA ALA A 12 6.60 4.56 -8.73
C ALA A 12 5.35 5.24 -9.27
N VAL A 13 4.46 4.44 -9.88
CA VAL A 13 3.22 4.96 -10.44
C VAL A 13 2.58 5.98 -9.52
N LYS A 14 2.64 5.72 -8.22
CA LYS A 14 2.06 6.61 -7.22
C LYS A 14 2.74 6.43 -5.87
N GLN A 15 3.06 7.54 -5.21
CA GLN A 15 3.71 7.50 -3.90
C GLN A 15 2.86 8.20 -2.85
N GLY A 16 2.63 7.52 -1.74
CA GLY A 16 1.82 8.09 -0.67
C GLY A 16 2.06 7.42 0.66
N PHE A 17 1.72 8.10 1.74
CA PHE A 17 1.90 7.55 3.08
C PHE A 17 0.68 6.75 3.51
N LEU A 18 0.89 5.46 3.78
CA LEU A 18 -0.19 4.58 4.19
C LEU A 18 -0.07 4.22 5.67
N TYR A 19 -1.20 4.04 6.33
CA TYR A 19 -1.22 3.69 7.75
C TYR A 19 -1.66 2.25 7.96
N LEU A 20 -1.01 1.56 8.87
CA LEU A 20 -1.34 0.17 9.17
C LEU A 20 -1.70 -0.01 10.64
N GLN A 21 -2.93 -0.42 10.90
CA GLN A 21 -3.40 -0.63 12.26
C GLN A 21 -3.05 -2.03 12.75
N GLN A 22 -2.47 -2.11 13.95
CA GLN A 22 -2.09 -3.39 14.53
C GLN A 22 -2.92 -3.70 15.76
N GLN A 23 -4.04 -4.38 15.56
CA GLN A 23 -4.92 -4.72 16.66
C GLN A 23 -4.52 -6.06 17.28
N GLN A 24 -4.27 -7.04 16.42
CA GLN A 24 -3.87 -8.37 16.88
C GLN A 24 -2.95 -8.28 18.09
N THR A 25 -1.85 -7.56 17.95
CA THR A 25 -0.90 -7.39 19.03
C THR A 25 -1.13 -6.08 19.77
N PHE A 26 -0.76 -6.06 21.06
CA PHE A 26 -0.94 -4.87 21.87
C PHE A 26 -0.63 -3.61 21.07
N GLY A 27 -1.19 -2.49 21.51
CA GLY A 27 -0.97 -1.23 20.82
C GLY A 27 -2.25 -0.64 20.27
N LYS A 28 -2.80 -1.27 19.24
CA LYS A 28 -4.04 -0.80 18.63
C LYS A 28 -3.90 0.65 18.19
N LYS A 29 -2.77 0.99 17.58
CA LYS A 29 -2.52 2.35 17.13
C LYS A 29 -2.16 2.36 15.63
N TRP A 30 -2.37 3.50 15.00
CA TRP A 30 -2.06 3.64 13.58
C TRP A 30 -0.58 3.91 13.36
N ARG A 31 0.04 3.13 12.48
CA ARG A 31 1.46 3.27 12.18
C ARG A 31 1.67 3.64 10.72
N ARG A 32 2.41 4.71 10.49
CA ARG A 32 2.69 5.18 9.14
C ARG A 32 3.93 4.49 8.57
N PHE A 33 3.92 4.26 7.26
CA PHE A 33 5.05 3.60 6.60
C PHE A 33 5.08 3.97 5.12
N GLY A 34 6.07 4.77 4.74
CA GLY A 34 6.21 5.19 3.36
C GLY A 34 5.95 4.05 2.38
N ALA A 35 4.79 4.08 1.73
CA ALA A 35 4.44 3.04 0.77
C ALA A 35 4.67 3.51 -0.67
N SER A 36 5.25 2.65 -1.48
CA SER A 36 5.54 2.98 -2.87
C SER A 36 4.84 2.00 -3.82
N LEU A 37 4.25 2.54 -4.88
CA LEU A 37 3.54 1.71 -5.86
C LEU A 37 4.38 1.55 -7.12
N TYR A 38 4.87 0.33 -7.35
CA TYR A 38 5.67 0.04 -8.53
C TYR A 38 4.89 -0.80 -9.53
N GLY A 39 5.28 -0.71 -10.80
CA GLY A 39 4.61 -1.47 -11.84
C GLY A 39 4.01 -0.59 -12.91
N GLY A 40 2.84 -0.98 -13.41
CA GLY A 40 2.17 -0.20 -14.44
C GLY A 40 3.00 -0.08 -15.69
N SER A 41 3.66 -1.17 -16.07
CA SER A 41 4.50 -1.19 -17.26
C SER A 41 4.40 -2.52 -17.99
N ASP A 42 4.92 -2.56 -19.22
CA ASP A 42 4.88 -3.79 -20.01
C ASP A 42 5.49 -4.96 -19.25
N CYS A 43 6.68 -4.74 -18.69
CA CYS A 43 7.37 -5.78 -17.94
C CYS A 43 7.79 -5.26 -16.56
N ALA A 44 7.00 -5.61 -15.54
CA ALA A 44 7.29 -5.18 -14.18
C ALA A 44 6.51 -6.01 -13.17
N LEU A 45 7.08 -6.18 -11.99
CA LEU A 45 6.43 -6.96 -10.93
C LEU A 45 5.82 -6.04 -9.87
N ALA A 46 4.61 -5.56 -10.14
CA ALA A 46 3.91 -4.67 -9.23
C ALA A 46 4.01 -5.19 -7.79
N ARG A 47 4.51 -4.35 -6.90
CA ARG A 47 4.65 -4.72 -5.49
C ARG A 47 4.61 -3.49 -4.60
N LEU A 48 3.99 -3.63 -3.43
CA LEU A 48 3.89 -2.53 -2.48
C LEU A 48 4.91 -2.67 -1.36
N GLU A 49 5.85 -1.73 -1.31
CA GLU A 49 6.89 -1.75 -0.29
C GLU A 49 6.53 -0.82 0.87
N LEU A 50 7.15 -1.06 2.02
CA LEU A 50 6.90 -0.25 3.21
C LEU A 50 8.21 0.18 3.87
N GLN A 51 8.24 1.41 4.34
CA GLN A 51 9.44 1.95 5.00
C GLN A 51 9.11 2.45 6.40
N GLU A 52 10.05 2.26 7.32
CA GLU A 52 9.87 2.70 8.70
C GLU A 52 11.10 3.43 9.21
N GLY A 53 10.91 4.24 10.25
CA GLY A 53 12.02 4.99 10.82
C GLY A 53 11.69 5.59 12.17
N PRO A 54 11.55 4.72 13.18
CA PRO A 54 11.24 5.13 14.55
C PRO A 54 12.38 5.89 15.21
N GLU A 55 12.17 6.32 16.46
CA GLU A 55 13.19 7.05 17.19
C GLU A 55 14.37 6.14 17.53
N LYS A 56 14.08 4.98 18.09
CA LYS A 56 15.11 4.02 18.46
C LYS A 56 15.33 3.00 17.34
N PRO A 57 16.59 2.60 17.15
CA PRO A 57 16.97 1.63 16.12
C PRO A 57 16.48 0.23 16.44
N ARG A 58 15.67 -0.34 15.55
CA ARG A 58 15.14 -1.68 15.74
C ARG A 58 16.25 -2.73 15.66
N ARG A 59 16.15 -3.75 16.51
CA ARG A 59 17.14 -4.81 16.55
C ARG A 59 17.62 -5.14 15.14
N CYS A 60 16.69 -5.20 14.20
CA CYS A 60 17.02 -5.52 12.81
C CYS A 60 17.02 -4.26 11.95
N GLU A 61 18.05 -4.12 11.13
CA GLU A 61 18.19 -2.96 10.26
C GLU A 61 17.56 -3.22 8.89
N ALA A 62 17.14 -4.47 8.68
CA ALA A 62 16.53 -4.87 7.41
C ALA A 62 15.05 -5.16 7.59
N ALA A 63 14.41 -4.44 8.51
CA ALA A 63 12.99 -4.61 8.77
C ALA A 63 12.14 -4.04 7.65
N ARG A 64 12.15 -4.71 6.50
CA ARG A 64 11.38 -4.26 5.34
C ARG A 64 10.16 -5.16 5.12
N LYS A 65 9.01 -4.54 4.90
CA LYS A 65 7.77 -5.27 4.67
C LYS A 65 7.16 -4.91 3.31
N VAL A 66 7.35 -5.79 2.34
CA VAL A 66 6.82 -5.57 0.99
C VAL A 66 5.71 -6.56 0.67
N ILE A 67 4.53 -6.04 0.37
CA ILE A 67 3.39 -6.89 0.03
C ILE A 67 3.10 -6.86 -1.46
N ARG A 68 3.30 -8.01 -2.12
CA ARG A 68 3.06 -8.10 -3.56
C ARG A 68 1.57 -7.92 -3.88
N LEU A 69 1.27 -6.96 -4.75
CA LEU A 69 -0.11 -6.70 -5.13
C LEU A 69 -0.75 -7.94 -5.73
N SER A 70 0.06 -8.93 -6.08
CA SER A 70 -0.43 -10.16 -6.65
C SER A 70 -1.00 -11.08 -5.58
N ASP A 71 -0.54 -10.89 -4.35
CA ASP A 71 -1.00 -11.70 -3.23
C ASP A 71 -2.38 -11.26 -2.77
N CYS A 72 -2.75 -10.03 -3.12
CA CYS A 72 -4.05 -9.49 -2.74
C CYS A 72 -5.18 -10.35 -3.29
N LEU A 73 -5.86 -11.06 -2.39
CA LEU A 73 -6.97 -11.93 -2.79
C LEU A 73 -8.22 -11.11 -3.07
N ARG A 74 -8.39 -10.02 -2.33
CA ARG A 74 -9.56 -9.16 -2.51
C ARG A 74 -9.43 -7.91 -1.64
N VAL A 75 -9.92 -6.78 -2.16
CA VAL A 75 -9.87 -5.52 -1.44
C VAL A 75 -11.23 -4.83 -1.44
N ALA A 76 -11.35 -3.78 -0.63
CA ALA A 76 -12.60 -3.03 -0.54
C ALA A 76 -12.34 -1.59 -0.11
N GLU A 77 -13.41 -0.79 -0.06
CA GLU A 77 -13.29 0.61 0.32
C GLU A 77 -14.08 0.89 1.60
N ALA A 78 -13.37 1.29 2.65
CA ALA A 78 -14.00 1.59 3.93
C ALA A 78 -13.99 3.09 4.22
N GLY A 79 -14.49 3.46 5.39
CA GLY A 79 -14.52 4.87 5.77
C GLY A 79 -14.86 5.07 7.23
N GLY A 80 -15.87 5.88 7.49
CA GLY A 80 -16.27 6.15 8.87
C GLY A 80 -16.15 4.93 9.75
N GLU A 81 -16.40 3.75 9.18
CA GLU A 81 -16.30 2.50 9.93
C GLU A 81 -14.85 2.10 10.14
N ALA A 82 -14.10 2.97 10.83
CA ALA A 82 -12.69 2.70 11.10
C ALA A 82 -12.14 3.69 12.12
N SER A 83 -11.08 3.28 12.82
CA SER A 83 -10.46 4.14 13.82
C SER A 83 -9.87 5.38 13.19
N SER A 84 -9.55 5.29 11.91
CA SER A 84 -8.97 6.43 11.18
C SER A 84 -9.57 7.75 11.66
N PRO A 85 -8.78 8.82 11.57
CA PRO A 85 -9.20 10.16 11.99
C PRO A 85 -10.26 10.74 11.08
N ARG A 86 -10.56 12.03 11.26
CA ARG A 86 -11.56 12.70 10.45
C ARG A 86 -10.96 13.20 9.14
N ASP A 87 -11.78 13.26 8.10
CA ASP A 87 -11.33 13.73 6.80
C ASP A 87 -10.44 12.68 6.13
N THR A 88 -10.71 11.42 6.41
CA THR A 88 -9.94 10.31 5.84
C THR A 88 -10.82 9.09 5.58
N SER A 89 -10.25 8.08 4.94
CA SER A 89 -10.98 6.87 4.62
C SER A 89 -10.06 5.66 4.60
N ALA A 90 -10.50 4.57 5.21
CA ALA A 90 -9.71 3.34 5.26
C ALA A 90 -10.14 2.37 4.16
N PHE A 91 -9.18 1.57 3.69
CA PHE A 91 -9.45 0.60 2.63
C PHE A 91 -9.15 -0.82 3.10
N PHE A 92 -9.79 -1.79 2.47
CA PHE A 92 -9.58 -3.20 2.84
C PHE A 92 -8.47 -3.82 2.00
N LEU A 93 -7.79 -4.81 2.57
CA LEU A 93 -6.71 -5.49 1.87
C LEU A 93 -6.53 -6.91 2.40
N GLU A 94 -6.95 -7.88 1.60
CA GLU A 94 -6.83 -9.29 1.99
C GLU A 94 -5.73 -9.99 1.20
N THR A 95 -4.92 -10.79 1.90
CA THR A 95 -3.83 -11.50 1.26
C THR A 95 -3.80 -12.96 1.71
N LYS A 96 -2.98 -13.77 1.03
CA LYS A 96 -2.86 -15.18 1.35
C LYS A 96 -2.56 -15.37 2.85
N GLU A 97 -1.90 -14.39 3.45
CA GLU A 97 -1.56 -14.45 4.86
C GLU A 97 -2.78 -14.20 5.73
N ARG A 98 -3.23 -12.94 5.76
CA ARG A 98 -4.39 -12.57 6.55
C ARG A 98 -4.99 -11.26 6.05
N LEU A 99 -6.06 -10.81 6.71
CA LEU A 99 -6.73 -9.57 6.33
C LEU A 99 -6.08 -8.37 7.02
N TYR A 100 -5.77 -7.35 6.24
CA TYR A 100 -5.14 -6.13 6.77
C TYR A 100 -6.03 -4.92 6.54
N LEU A 101 -6.17 -4.08 7.56
CA LEU A 101 -6.98 -2.87 7.46
C LEU A 101 -6.11 -1.63 7.62
N LEU A 102 -5.76 -1.02 6.49
CA LEU A 102 -4.94 0.19 6.50
C LEU A 102 -5.80 1.43 6.29
N ALA A 103 -5.27 2.59 6.68
CA ALA A 103 -5.99 3.85 6.53
C ALA A 103 -5.27 4.77 5.55
N ALA A 104 -6.05 5.44 4.70
CA ALA A 104 -5.49 6.35 3.72
C ALA A 104 -6.32 7.63 3.61
N PRO A 105 -5.68 8.72 3.18
CA PRO A 105 -6.34 10.02 3.04
C PRO A 105 -7.34 10.03 1.88
N ALA A 106 -8.61 10.22 2.22
CA ALA A 106 -9.67 10.26 1.21
C ALA A 106 -9.17 10.90 -0.07
N ALA A 107 -8.26 11.85 0.04
CA ALA A 107 -7.70 12.54 -1.11
C ALA A 107 -7.07 11.55 -2.08
N GLU A 108 -6.19 10.68 -1.56
CA GLU A 108 -5.52 9.69 -2.37
C GLU A 108 -6.29 8.37 -2.38
N ARG A 109 -6.79 7.98 -1.23
CA ARG A 109 -7.55 6.74 -1.09
C ARG A 109 -8.37 6.48 -2.35
N GLY A 110 -9.21 7.44 -2.72
CA GLY A 110 -10.04 7.29 -3.90
C GLY A 110 -9.27 6.71 -5.07
N ASP A 111 -8.07 7.23 -5.30
CA ASP A 111 -7.23 6.76 -6.40
C ASP A 111 -6.54 5.45 -6.04
N TRP A 112 -6.05 5.37 -4.82
CA TRP A 112 -5.36 4.17 -4.34
C TRP A 112 -6.14 2.91 -4.70
N VAL A 113 -7.23 2.67 -3.98
CA VAL A 113 -8.07 1.50 -4.23
C VAL A 113 -8.18 1.22 -5.73
N GLN A 114 -8.25 2.27 -6.53
CA GLN A 114 -8.36 2.13 -7.96
C GLN A 114 -7.10 1.49 -8.55
N ALA A 115 -5.96 2.14 -8.33
CA ALA A 115 -4.69 1.63 -8.84
C ALA A 115 -4.38 0.26 -8.25
N ILE A 116 -4.33 0.17 -6.93
CA ILE A 116 -4.05 -1.08 -6.25
C ILE A 116 -4.90 -2.21 -6.81
N CYS A 117 -6.18 -1.95 -7.01
CA CYS A 117 -7.10 -2.95 -7.54
C CYS A 117 -6.89 -3.12 -9.05
N LEU A 118 -6.45 -2.05 -9.71
CA LEU A 118 -6.22 -2.09 -11.15
C LEU A 118 -5.12 -3.10 -11.50
N LEU A 119 -4.10 -3.15 -10.66
CA LEU A 119 -2.98 -4.06 -10.88
C LEU A 119 -3.16 -5.34 -10.06
N ALA A 120 -3.36 -5.18 -8.76
CA ALA A 120 -3.55 -6.32 -7.86
C ALA A 120 -4.44 -7.38 -8.52
N PHE A 121 -5.38 -6.93 -9.33
CA PHE A 121 -6.30 -7.85 -10.00
C PHE A 121 -5.97 -7.95 -11.49
N SER A 122 -4.67 -8.04 -11.79
CA SER A 122 -4.20 -8.16 -13.16
C SER A 122 -3.87 -9.60 -13.51
N GLY A 123 -4.72 -10.22 -14.32
CA GLY A 123 -4.49 -11.60 -14.71
C GLY A 123 -4.12 -11.73 -16.17
N PRO A 124 -2.83 -11.54 -16.48
CA PRO A 124 -2.32 -11.62 -17.85
C PRO A 124 -2.34 -13.06 -18.38
N SER A 125 -2.69 -14.00 -17.52
CA SER A 125 -2.74 -15.41 -17.90
C SER A 125 -4.10 -16.02 -17.56
N SER A 126 -5.00 -16.02 -18.54
CA SER A 126 -6.34 -16.57 -18.34
C SER A 126 -6.29 -17.81 -17.46
N GLY A 127 -5.42 -18.76 -17.82
CA GLY A 127 -5.29 -19.98 -17.05
C GLY A 127 -5.64 -21.21 -17.86
N GLY A 1 9.25 18.46 -27.57
CA GLY A 1 10.12 19.47 -26.99
C GLY A 1 11.27 18.87 -26.21
N SER A 2 11.62 19.50 -25.09
CA SER A 2 12.72 19.01 -24.26
C SER A 2 12.48 17.57 -23.83
N SER A 3 13.44 16.70 -24.15
CA SER A 3 13.32 15.29 -23.80
C SER A 3 14.19 14.96 -22.60
N GLY A 4 13.57 14.43 -21.54
CA GLY A 4 14.30 14.09 -20.34
C GLY A 4 14.14 12.62 -19.98
N SER A 5 13.24 12.33 -19.05
CA SER A 5 13.01 10.95 -18.61
C SER A 5 14.34 10.20 -18.46
N SER A 6 15.33 10.88 -17.90
CA SER A 6 16.64 10.28 -17.70
C SER A 6 16.53 8.91 -17.03
N GLY A 7 15.97 8.91 -15.82
CA GLY A 7 15.79 7.66 -15.09
C GLY A 7 15.83 7.87 -13.58
N MET A 8 14.65 7.84 -12.97
CA MET A 8 14.54 8.02 -11.53
C MET A 8 15.20 6.87 -10.78
N GLY A 9 14.82 5.64 -11.14
CA GLY A 9 15.39 4.47 -10.50
C GLY A 9 14.37 3.35 -10.33
N ASP A 10 13.76 3.27 -9.16
CA ASP A 10 12.76 2.24 -8.88
C ASP A 10 11.64 2.29 -9.90
N GLY A 11 10.97 3.43 -9.98
CA GLY A 11 9.87 3.58 -10.93
C GLY A 11 8.52 3.43 -10.27
N ALA A 12 8.26 4.23 -9.24
CA ALA A 12 6.99 4.17 -8.52
C ALA A 12 5.94 5.05 -9.19
N VAL A 13 4.94 4.42 -9.79
CA VAL A 13 3.87 5.14 -10.46
C VAL A 13 3.27 6.22 -9.56
N LYS A 14 2.81 5.80 -8.39
CA LYS A 14 2.21 6.72 -7.43
C LYS A 14 2.95 6.66 -6.09
N GLN A 15 2.98 7.79 -5.39
CA GLN A 15 3.66 7.87 -4.10
C GLN A 15 2.73 8.45 -3.04
N GLY A 16 3.00 8.11 -1.78
CA GLY A 16 2.18 8.60 -0.69
C GLY A 16 2.53 7.96 0.64
N PHE A 17 1.59 7.97 1.57
CA PHE A 17 1.81 7.40 2.89
C PHE A 17 0.61 6.56 3.34
N LEU A 18 0.89 5.39 3.89
CA LEU A 18 -0.18 4.50 4.36
C LEU A 18 0.00 4.17 5.84
N TYR A 19 -1.10 3.88 6.51
CA TYR A 19 -1.07 3.53 7.93
C TYR A 19 -1.50 2.09 8.15
N LEU A 20 -0.72 1.36 8.95
CA LEU A 20 -1.00 -0.03 9.25
C LEU A 20 -1.25 -0.22 10.75
N GLN A 21 -2.42 -0.76 11.07
CA GLN A 21 -2.78 -1.00 12.47
C GLN A 21 -2.04 -2.21 13.01
N GLN A 22 -1.27 -2.00 14.09
CA GLN A 22 -0.51 -3.08 14.70
C GLN A 22 -0.82 -3.18 16.19
N GLN A 23 -1.20 -4.38 16.63
CA GLN A 23 -1.52 -4.61 18.03
C GLN A 23 -0.47 -5.48 18.71
N GLN A 24 0.79 -5.15 18.47
CA GLN A 24 1.90 -5.90 19.06
C GLN A 24 1.94 -5.71 20.57
N THR A 25 2.00 -4.46 21.00
CA THR A 25 2.04 -4.15 22.42
C THR A 25 0.70 -3.65 22.93
N PHE A 26 0.59 -3.49 24.24
CA PHE A 26 -0.65 -3.01 24.85
C PHE A 26 -1.17 -1.77 24.13
N GLY A 27 -2.46 -1.78 23.79
CA GLY A 27 -3.05 -0.65 23.11
C GLY A 27 -2.60 -0.54 21.67
N LYS A 28 -3.55 -0.62 20.73
CA LYS A 28 -3.24 -0.54 19.32
C LYS A 28 -3.29 0.91 18.84
N LYS A 29 -2.32 1.30 18.01
CA LYS A 29 -2.27 2.65 17.47
C LYS A 29 -1.89 2.64 15.99
N TRP A 30 -2.27 3.70 15.29
CA TRP A 30 -1.99 3.80 13.87
C TRP A 30 -0.55 4.27 13.63
N ARG A 31 0.24 3.43 12.99
CA ARG A 31 1.64 3.76 12.71
C ARG A 31 1.81 4.24 11.26
N ARG A 32 2.66 5.24 11.08
CA ARG A 32 2.90 5.79 9.75
C ARG A 32 4.05 5.06 9.06
N PHE A 33 3.86 4.74 7.79
CA PHE A 33 4.88 4.03 7.02
C PHE A 33 4.89 4.52 5.57
N GLY A 34 6.08 4.52 4.96
CA GLY A 34 6.22 4.96 3.59
C GLY A 34 5.56 4.01 2.61
N ALA A 35 4.65 4.54 1.79
CA ALA A 35 3.95 3.72 0.80
C ALA A 35 4.41 4.07 -0.61
N SER A 36 4.90 3.06 -1.32
CA SER A 36 5.38 3.26 -2.68
C SER A 36 4.78 2.22 -3.63
N LEU A 37 4.06 2.69 -4.64
CA LEU A 37 3.42 1.80 -5.61
C LEU A 37 4.31 1.61 -6.83
N TYR A 38 4.75 0.38 -7.06
CA TYR A 38 5.60 0.06 -8.19
C TYR A 38 4.88 -0.82 -9.20
N GLY A 39 5.24 -0.67 -10.47
CA GLY A 39 4.60 -1.45 -11.51
C GLY A 39 4.10 -0.60 -12.66
N GLY A 40 2.94 -0.98 -13.22
CA GLY A 40 2.37 -0.23 -14.32
C GLY A 40 2.20 -1.07 -15.56
N SER A 41 3.27 -1.74 -15.98
CA SER A 41 3.25 -2.58 -17.17
C SER A 41 2.15 -3.64 -17.05
N ASP A 42 1.79 -4.23 -18.18
CA ASP A 42 0.75 -5.25 -18.21
C ASP A 42 1.33 -6.62 -17.83
N CYS A 43 2.13 -6.63 -16.77
CA CYS A 43 2.74 -7.87 -16.30
C CYS A 43 2.52 -8.04 -14.80
N ALA A 44 3.10 -9.10 -14.25
CA ALA A 44 2.98 -9.38 -12.82
C ALA A 44 4.03 -8.62 -12.02
N LEU A 45 4.60 -7.59 -12.62
CA LEU A 45 5.61 -6.77 -11.97
C LEU A 45 4.97 -5.62 -11.19
N ALA A 46 4.53 -5.91 -9.96
CA ALA A 46 3.91 -4.90 -9.13
C ALA A 46 3.82 -5.36 -7.68
N ARG A 47 4.25 -4.50 -6.75
CA ARG A 47 4.23 -4.83 -5.33
C ARG A 47 4.18 -3.56 -4.49
N LEU A 48 3.62 -3.68 -3.29
CA LEU A 48 3.51 -2.53 -2.38
C LEU A 48 4.57 -2.61 -1.29
N GLU A 49 5.51 -1.66 -1.31
CA GLU A 49 6.57 -1.63 -0.32
C GLU A 49 6.15 -0.82 0.90
N LEU A 50 6.67 -1.21 2.06
CA LEU A 50 6.35 -0.51 3.30
C LEU A 50 7.59 -0.33 4.17
N GLN A 51 7.88 0.93 4.51
CA GLN A 51 9.04 1.24 5.34
C GLN A 51 8.63 1.60 6.76
N GLU A 52 9.21 0.93 7.73
CA GLU A 52 8.89 1.19 9.14
C GLU A 52 9.00 2.68 9.45
N GLY A 53 10.04 3.32 8.92
CA GLY A 53 10.24 4.74 9.16
C GLY A 53 10.43 5.06 10.62
N PRO A 54 11.62 4.73 11.15
CA PRO A 54 11.95 4.98 12.56
C PRO A 54 12.11 6.48 12.87
N GLU A 55 12.31 6.80 14.14
CA GLU A 55 12.47 8.18 14.56
C GLU A 55 13.94 8.59 14.53
N LYS A 56 14.79 7.79 15.18
CA LYS A 56 16.22 8.06 15.23
C LYS A 56 16.92 7.49 14.01
N PRO A 57 17.88 8.25 13.47
CA PRO A 57 18.65 7.85 12.29
C PRO A 57 19.60 6.69 12.59
N ARG A 58 20.24 6.74 13.75
CA ARG A 58 21.17 5.70 14.16
C ARG A 58 20.44 4.54 14.82
N ARG A 59 20.37 3.41 14.13
CA ARG A 59 19.69 2.22 14.65
C ARG A 59 19.95 1.02 13.76
N CYS A 60 19.98 -0.16 14.36
CA CYS A 60 20.20 -1.40 13.62
C CYS A 60 19.25 -1.51 12.44
N GLU A 61 19.62 -2.31 11.44
CA GLU A 61 18.80 -2.50 10.25
C GLU A 61 17.34 -2.65 10.63
N ALA A 62 16.46 -2.43 9.66
CA ALA A 62 15.02 -2.55 9.89
C ALA A 62 14.37 -3.47 8.86
N ALA A 63 13.76 -4.55 9.34
CA ALA A 63 13.09 -5.51 8.46
C ALA A 63 12.16 -4.80 7.48
N ARG A 64 12.18 -5.25 6.23
CA ARG A 64 11.34 -4.66 5.20
C ARG A 64 10.15 -5.57 4.89
N LYS A 65 8.95 -5.00 4.88
CA LYS A 65 7.74 -5.75 4.58
C LYS A 65 7.11 -5.29 3.27
N VAL A 66 6.96 -6.22 2.34
CA VAL A 66 6.37 -5.91 1.04
C VAL A 66 5.21 -6.85 0.73
N ILE A 67 4.06 -6.27 0.39
CA ILE A 67 2.88 -7.05 0.07
C ILE A 67 2.55 -6.97 -1.41
N ARG A 68 3.01 -7.96 -2.17
CA ARG A 68 2.76 -7.99 -3.61
C ARG A 68 1.27 -7.94 -3.91
N LEU A 69 0.87 -6.98 -4.75
CA LEU A 69 -0.53 -6.82 -5.12
C LEU A 69 -1.14 -8.15 -5.53
N SER A 70 -0.34 -8.99 -6.17
CA SER A 70 -0.80 -10.31 -6.62
C SER A 70 -1.40 -11.10 -5.46
N ASP A 71 -0.81 -10.96 -4.29
CA ASP A 71 -1.28 -11.66 -3.10
C ASP A 71 -2.66 -11.14 -2.67
N CYS A 72 -2.90 -9.86 -2.93
CA CYS A 72 -4.17 -9.23 -2.57
C CYS A 72 -5.34 -10.00 -3.18
N LEU A 73 -5.90 -10.92 -2.41
CA LEU A 73 -7.03 -11.73 -2.87
C LEU A 73 -8.20 -10.83 -3.26
N ARG A 74 -8.59 -9.95 -2.35
CA ARG A 74 -9.71 -9.04 -2.59
C ARG A 74 -9.55 -7.76 -1.77
N VAL A 75 -10.14 -6.67 -2.26
CA VAL A 75 -10.07 -5.39 -1.57
C VAL A 75 -11.43 -4.71 -1.55
N ALA A 76 -11.69 -3.95 -0.49
CA ALA A 76 -12.95 -3.24 -0.35
C ALA A 76 -12.75 -1.89 0.36
N GLU A 77 -13.24 -0.83 -0.27
CA GLU A 77 -13.11 0.51 0.29
C GLU A 77 -13.75 0.59 1.67
N ALA A 78 -13.21 1.45 2.53
CA ALA A 78 -13.73 1.62 3.88
C ALA A 78 -13.64 3.07 4.32
N GLY A 79 -14.05 3.34 5.56
CA GLY A 79 -14.01 4.70 6.08
C GLY A 79 -15.06 4.93 7.15
N GLY A 80 -14.90 6.01 7.91
CA GLY A 80 -15.85 6.32 8.96
C GLY A 80 -15.60 5.52 10.22
N GLU A 81 -16.57 4.68 10.58
CA GLU A 81 -16.46 3.84 11.77
C GLU A 81 -15.03 3.37 11.96
N ALA A 82 -14.40 2.94 10.87
CA ALA A 82 -13.02 2.46 10.92
C ALA A 82 -12.18 3.29 11.89
N SER A 83 -11.33 2.62 12.66
CA SER A 83 -10.49 3.29 13.63
C SER A 83 -9.84 4.54 13.02
N SER A 84 -9.66 4.51 11.70
CA SER A 84 -9.06 5.64 10.99
C SER A 84 -9.55 6.96 11.57
N PRO A 85 -8.69 8.00 11.48
CA PRO A 85 -9.01 9.33 11.99
C PRO A 85 -10.08 10.03 11.16
N ARG A 86 -10.22 11.33 11.35
CA ARG A 86 -11.21 12.12 10.60
C ARG A 86 -10.63 12.61 9.29
N ASP A 87 -11.51 13.03 8.39
CA ASP A 87 -11.09 13.53 7.08
C ASP A 87 -10.22 12.51 6.36
N THR A 88 -10.51 11.22 6.59
CA THR A 88 -9.76 10.15 5.96
C THR A 88 -10.68 9.03 5.50
N SER A 89 -10.11 7.99 4.91
CA SER A 89 -10.88 6.86 4.41
C SER A 89 -10.01 5.60 4.33
N ALA A 90 -10.24 4.68 5.25
CA ALA A 90 -9.48 3.42 5.28
C ALA A 90 -10.03 2.43 4.26
N PHE A 91 -9.18 1.50 3.84
CA PHE A 91 -9.57 0.49 2.86
C PHE A 91 -9.23 -0.92 3.35
N PHE A 92 -9.83 -1.93 2.74
CA PHE A 92 -9.59 -3.31 3.12
C PHE A 92 -8.50 -3.92 2.25
N LEU A 93 -7.84 -4.95 2.76
CA LEU A 93 -6.77 -5.63 2.04
C LEU A 93 -6.62 -7.07 2.51
N GLU A 94 -7.06 -8.01 1.69
CA GLU A 94 -6.96 -9.42 2.03
C GLU A 94 -5.90 -10.12 1.17
N THR A 95 -5.03 -10.87 1.83
CA THR A 95 -3.96 -11.59 1.15
C THR A 95 -3.87 -13.03 1.63
N LYS A 96 -3.34 -13.91 0.77
CA LYS A 96 -3.18 -15.31 1.11
C LYS A 96 -2.74 -15.47 2.57
N GLU A 97 -1.78 -14.66 2.97
CA GLU A 97 -1.26 -14.70 4.34
C GLU A 97 -2.37 -14.44 5.36
N ARG A 98 -2.85 -13.21 5.39
CA ARG A 98 -3.91 -12.82 6.31
C ARG A 98 -4.55 -11.50 5.89
N LEU A 99 -5.53 -11.05 6.66
CA LEU A 99 -6.22 -9.79 6.37
C LEU A 99 -5.50 -8.62 7.01
N TYR A 100 -5.41 -7.51 6.27
CA TYR A 100 -4.74 -6.31 6.77
C TYR A 100 -5.65 -5.09 6.63
N LEU A 101 -5.76 -4.32 7.71
CA LEU A 101 -6.60 -3.13 7.70
C LEU A 101 -5.74 -1.87 7.77
N LEU A 102 -5.51 -1.24 6.63
CA LEU A 102 -4.72 -0.03 6.56
C LEU A 102 -5.60 1.19 6.34
N ALA A 103 -5.06 2.37 6.64
CA ALA A 103 -5.80 3.62 6.47
C ALA A 103 -5.17 4.49 5.39
N ALA A 104 -5.99 5.24 4.67
CA ALA A 104 -5.52 6.11 3.61
C ALA A 104 -6.36 7.38 3.53
N PRO A 105 -5.73 8.49 3.09
CA PRO A 105 -6.39 9.78 2.96
C PRO A 105 -7.42 9.79 1.83
N ALA A 106 -8.68 10.05 2.18
CA ALA A 106 -9.74 10.08 1.19
C ALA A 106 -9.28 10.75 -0.10
N ALA A 107 -8.28 11.62 0.01
CA ALA A 107 -7.74 12.32 -1.15
C ALA A 107 -7.06 11.35 -2.11
N GLU A 108 -6.22 10.48 -1.57
CA GLU A 108 -5.51 9.50 -2.38
C GLU A 108 -6.34 8.23 -2.56
N ARG A 109 -7.10 7.88 -1.53
CA ARG A 109 -7.93 6.69 -1.57
C ARG A 109 -8.50 6.47 -2.97
N GLY A 110 -9.28 7.43 -3.46
CA GLY A 110 -9.86 7.33 -4.78
C GLY A 110 -8.92 6.67 -5.77
N ASP A 111 -7.66 7.09 -5.76
CA ASP A 111 -6.67 6.54 -6.68
C ASP A 111 -6.10 5.23 -6.13
N TRP A 112 -5.59 5.28 -4.91
CA TRP A 112 -5.01 4.09 -4.27
C TRP A 112 -5.79 2.84 -4.66
N VAL A 113 -6.99 2.69 -4.09
CA VAL A 113 -7.82 1.54 -4.38
C VAL A 113 -7.93 1.29 -5.88
N GLN A 114 -8.10 2.37 -6.65
CA GLN A 114 -8.21 2.26 -8.09
C GLN A 114 -7.01 1.55 -8.68
N ALA A 115 -5.85 2.18 -8.60
CA ALA A 115 -4.61 1.60 -9.13
C ALA A 115 -4.44 0.17 -8.65
N ILE A 116 -4.43 -0.01 -7.33
CA ILE A 116 -4.26 -1.34 -6.74
C ILE A 116 -5.28 -2.32 -7.31
N CYS A 117 -6.51 -1.85 -7.49
CA CYS A 117 -7.58 -2.69 -8.03
C CYS A 117 -7.27 -3.12 -9.45
N LEU A 118 -6.64 -2.23 -10.20
CA LEU A 118 -6.28 -2.51 -11.60
C LEU A 118 -5.10 -3.47 -11.66
N LEU A 119 -4.08 -3.20 -10.85
CA LEU A 119 -2.89 -4.04 -10.83
C LEU A 119 -3.16 -5.35 -10.09
N ALA A 120 -3.50 -5.25 -8.81
CA ALA A 120 -3.78 -6.43 -8.00
C ALA A 120 -4.71 -7.38 -8.75
N PHE A 121 -5.63 -6.83 -9.52
CA PHE A 121 -6.58 -7.64 -10.28
C PHE A 121 -6.49 -7.32 -11.77
N SER A 122 -5.27 -7.30 -12.30
CA SER A 122 -5.04 -7.01 -13.70
C SER A 122 -5.58 -8.13 -14.58
N GLY A 123 -5.32 -9.37 -14.17
CA GLY A 123 -5.78 -10.51 -14.93
C GLY A 123 -7.28 -10.71 -14.83
N PRO A 124 -7.93 -10.94 -15.99
CA PRO A 124 -9.38 -11.15 -16.05
C PRO A 124 -9.80 -12.48 -15.44
N SER A 125 -8.83 -13.36 -15.24
CA SER A 125 -9.10 -14.67 -14.66
C SER A 125 -8.83 -14.68 -13.15
N SER A 126 -9.44 -15.63 -12.45
CA SER A 126 -9.28 -15.73 -11.01
C SER A 126 -9.59 -17.16 -10.53
N GLY A 127 -8.63 -17.76 -9.84
CA GLY A 127 -8.81 -19.11 -9.34
C GLY A 127 -8.38 -20.16 -10.34
N GLY A 1 25.82 -13.29 -22.40
CA GLY A 1 25.71 -11.87 -22.62
C GLY A 1 24.86 -11.19 -21.59
N SER A 2 24.64 -9.88 -21.77
CA SER A 2 23.83 -9.11 -20.83
C SER A 2 22.92 -8.13 -21.58
N SER A 3 21.62 -8.22 -21.32
CA SER A 3 20.66 -7.35 -21.97
C SER A 3 19.30 -7.42 -21.27
N GLY A 4 18.65 -6.26 -21.12
CA GLY A 4 17.36 -6.22 -20.47
C GLY A 4 17.11 -4.89 -19.78
N SER A 5 16.00 -4.80 -19.04
CA SER A 5 15.65 -3.58 -18.33
C SER A 5 16.42 -3.47 -17.02
N SER A 6 17.37 -2.55 -16.97
CA SER A 6 18.17 -2.34 -15.78
C SER A 6 18.27 -0.86 -15.43
N GLY A 7 18.31 -0.56 -14.14
CA GLY A 7 18.39 0.82 -13.70
C GLY A 7 17.97 0.99 -12.24
N MET A 8 18.60 1.93 -11.55
CA MET A 8 18.29 2.19 -10.15
C MET A 8 17.40 3.41 -10.01
N GLY A 9 16.37 3.49 -10.85
CA GLY A 9 15.46 4.62 -10.82
C GLY A 9 14.10 4.26 -10.24
N ASP A 10 13.78 4.82 -9.09
CA ASP A 10 12.51 4.54 -8.43
C ASP A 10 11.39 5.39 -9.03
N GLY A 11 10.66 4.81 -9.98
CA GLY A 11 9.57 5.53 -10.61
C GLY A 11 8.20 4.99 -10.23
N ALA A 12 7.98 4.84 -8.93
CA ALA A 12 6.71 4.34 -8.42
C ALA A 12 5.53 5.10 -9.04
N VAL A 13 4.69 4.38 -9.76
CA VAL A 13 3.52 4.99 -10.41
C VAL A 13 2.87 6.01 -9.49
N LYS A 14 2.73 5.67 -8.23
CA LYS A 14 2.11 6.55 -7.25
C LYS A 14 2.42 6.10 -5.83
N GLN A 15 3.11 6.94 -5.07
CA GLN A 15 3.46 6.62 -3.69
C GLN A 15 3.13 7.77 -2.76
N GLY A 16 3.06 7.48 -1.46
CA GLY A 16 2.73 8.51 -0.49
C GLY A 16 2.95 8.04 0.94
N PHE A 17 1.88 8.09 1.73
CA PHE A 17 1.95 7.66 3.13
C PHE A 17 0.71 6.87 3.52
N LEU A 18 0.92 5.67 4.03
CA LEU A 18 -0.19 4.80 4.44
C LEU A 18 -0.05 4.41 5.91
N TYR A 19 -1.17 4.06 6.53
CA TYR A 19 -1.18 3.67 7.93
C TYR A 19 -1.57 2.20 8.09
N LEU A 20 -0.78 1.46 8.84
CA LEU A 20 -1.04 0.04 9.07
C LEU A 20 -1.19 -0.25 10.56
N GLN A 21 -2.34 -0.81 10.94
CA GLN A 21 -2.60 -1.14 12.34
C GLN A 21 -1.81 -2.37 12.76
N GLN A 22 -1.24 -2.32 13.97
CA GLN A 22 -0.46 -3.44 14.48
C GLN A 22 -1.15 -4.08 15.69
N GLN A 23 -1.80 -5.20 15.46
CA GLN A 23 -2.51 -5.91 16.52
C GLN A 23 -1.62 -6.98 17.15
N GLN A 24 -0.76 -7.57 16.33
CA GLN A 24 0.15 -8.61 16.80
C GLN A 24 0.76 -8.23 18.14
N THR A 25 1.62 -7.21 18.13
CA THR A 25 2.28 -6.75 19.35
C THR A 25 1.27 -6.16 20.33
N PHE A 26 1.64 -6.13 21.60
CA PHE A 26 0.77 -5.59 22.64
C PHE A 26 0.14 -4.27 22.20
N GLY A 27 -1.07 -4.00 22.67
CA GLY A 27 -1.76 -2.78 22.31
C GLY A 27 -1.93 -2.62 20.81
N LYS A 28 -2.53 -1.52 20.39
CA LYS A 28 -2.75 -1.25 18.98
C LYS A 28 -2.78 0.24 18.70
N LYS A 29 -1.88 0.71 17.85
CA LYS A 29 -1.81 2.12 17.49
C LYS A 29 -1.54 2.29 16.00
N TRP A 30 -2.03 3.40 15.44
CA TRP A 30 -1.84 3.69 14.02
C TRP A 30 -0.44 4.21 13.77
N ARG A 31 0.25 3.61 12.80
CA ARG A 31 1.60 4.02 12.45
C ARG A 31 1.70 4.34 10.96
N ARG A 32 2.42 5.41 10.64
CA ARG A 32 2.59 5.82 9.25
C ARG A 32 3.78 5.11 8.62
N PHE A 33 3.62 4.69 7.36
CA PHE A 33 4.68 4.00 6.65
C PHE A 33 4.68 4.37 5.17
N GLY A 34 5.84 4.71 4.64
CA GLY A 34 5.96 5.09 3.25
C GLY A 34 5.65 3.93 2.30
N ALA A 35 4.48 3.96 1.69
CA ALA A 35 4.08 2.91 0.76
C ALA A 35 4.40 3.30 -0.68
N SER A 36 5.15 2.45 -1.36
CA SER A 36 5.53 2.70 -2.75
C SER A 36 4.78 1.77 -3.69
N LEU A 37 4.27 2.33 -4.78
CA LEU A 37 3.53 1.56 -5.77
C LEU A 37 4.34 1.39 -7.05
N TYR A 38 4.83 0.18 -7.29
CA TYR A 38 5.61 -0.11 -8.48
C TYR A 38 4.78 -0.87 -9.50
N GLY A 39 5.21 -0.80 -10.76
CA GLY A 39 4.50 -1.49 -11.82
C GLY A 39 3.87 -0.52 -12.81
N GLY A 40 2.81 -0.97 -13.49
CA GLY A 40 2.13 -0.12 -14.46
C GLY A 40 1.14 -0.89 -15.30
N SER A 41 1.64 -1.66 -16.27
CA SER A 41 0.78 -2.44 -17.14
C SER A 41 1.46 -3.75 -17.54
N ASP A 42 0.67 -4.80 -17.68
CA ASP A 42 1.20 -6.12 -18.05
C ASP A 42 2.50 -6.41 -17.33
N CYS A 43 2.64 -5.86 -16.12
CA CYS A 43 3.85 -6.07 -15.33
C CYS A 43 3.63 -7.14 -14.26
N ALA A 44 4.67 -7.92 -13.99
CA ALA A 44 4.59 -8.98 -13.00
C ALA A 44 5.42 -8.63 -11.76
N LEU A 45 5.73 -7.34 -11.61
CA LEU A 45 6.52 -6.89 -10.47
C LEU A 45 5.67 -6.01 -9.54
N ALA A 46 4.50 -5.61 -10.02
CA ALA A 46 3.60 -4.77 -9.24
C ALA A 46 3.50 -5.27 -7.80
N ARG A 47 4.15 -4.56 -6.88
CA ARG A 47 4.13 -4.94 -5.48
C ARG A 47 4.17 -3.70 -4.58
N LEU A 48 3.48 -3.77 -3.45
CA LEU A 48 3.43 -2.65 -2.51
C LEU A 48 4.42 -2.87 -1.37
N GLU A 49 5.39 -1.97 -1.26
CA GLU A 49 6.40 -2.05 -0.21
C GLU A 49 6.13 -1.02 0.89
N LEU A 50 6.67 -1.28 2.08
CA LEU A 50 6.50 -0.37 3.21
C LEU A 50 7.85 0.05 3.78
N GLN A 51 7.88 1.25 4.35
CA GLN A 51 9.11 1.77 4.94
C GLN A 51 8.85 2.36 6.32
N GLU A 52 9.85 2.29 7.19
CA GLU A 52 9.73 2.82 8.54
C GLU A 52 11.04 3.44 9.01
N GLY A 53 10.97 4.67 9.48
CA GLY A 53 12.16 5.36 9.95
C GLY A 53 12.05 5.81 11.40
N PRO A 54 12.32 4.89 12.33
CA PRO A 54 12.26 5.17 13.77
C PRO A 54 13.35 6.13 14.23
N GLU A 55 12.95 7.30 14.70
CA GLU A 55 13.91 8.30 15.16
C GLU A 55 15.11 7.64 15.84
N LYS A 56 14.84 6.58 16.60
CA LYS A 56 15.89 5.85 17.30
C LYS A 56 15.66 4.35 17.20
N PRO A 57 16.77 3.59 17.09
CA PRO A 57 16.72 2.13 16.99
C PRO A 57 16.27 1.46 18.29
N ARG A 58 16.62 2.08 19.41
CA ARG A 58 16.25 1.56 20.72
C ARG A 58 14.74 1.49 20.87
N ARG A 59 14.04 2.48 20.32
CA ARG A 59 12.59 2.54 20.40
C ARG A 59 11.96 1.46 19.53
N CYS A 60 12.32 1.46 18.25
CA CYS A 60 11.79 0.47 17.32
C CYS A 60 12.87 0.00 16.35
N GLU A 61 13.16 -1.31 16.38
CA GLU A 61 14.17 -1.88 15.51
C GLU A 61 13.74 -1.83 14.05
N ALA A 62 14.71 -1.70 13.15
CA ALA A 62 14.43 -1.64 11.72
C ALA A 62 13.67 -2.88 11.25
N ALA A 63 12.85 -2.71 10.23
CA ALA A 63 12.08 -3.82 9.68
C ALA A 63 11.68 -3.56 8.23
N ARG A 64 11.40 -4.63 7.50
CA ARG A 64 11.01 -4.51 6.09
C ARG A 64 9.74 -5.32 5.82
N LYS A 65 8.72 -4.64 5.32
CA LYS A 65 7.45 -5.29 5.01
C LYS A 65 6.99 -4.93 3.60
N VAL A 66 6.80 -5.96 2.78
CA VAL A 66 6.37 -5.76 1.40
C VAL A 66 5.20 -6.68 1.05
N ILE A 67 4.08 -6.09 0.67
CA ILE A 67 2.90 -6.86 0.31
C ILE A 67 2.63 -6.80 -1.20
N ARG A 68 2.97 -7.88 -1.89
CA ARG A 68 2.76 -7.95 -3.34
C ARG A 68 1.30 -7.74 -3.70
N LEU A 69 1.05 -7.18 -4.88
CA LEU A 69 -0.30 -6.92 -5.34
C LEU A 69 -0.92 -8.18 -5.94
N SER A 70 -0.07 -9.14 -6.29
CA SER A 70 -0.54 -10.39 -6.88
C SER A 70 -0.96 -11.37 -5.79
N ASP A 71 -0.66 -11.04 -4.54
CA ASP A 71 -1.02 -11.88 -3.41
C ASP A 71 -2.33 -11.45 -2.78
N CYS A 72 -2.74 -10.22 -3.08
CA CYS A 72 -3.99 -9.67 -2.55
C CYS A 72 -5.20 -10.42 -3.10
N LEU A 73 -5.77 -11.30 -2.28
CA LEU A 73 -6.93 -12.08 -2.69
C LEU A 73 -8.07 -11.17 -3.14
N ARG A 74 -8.43 -10.22 -2.29
CA ARG A 74 -9.51 -9.28 -2.61
C ARG A 74 -9.42 -8.04 -1.75
N VAL A 75 -9.75 -6.89 -2.32
CA VAL A 75 -9.71 -5.63 -1.59
C VAL A 75 -11.05 -4.90 -1.68
N ALA A 76 -11.22 -3.87 -0.86
CA ALA A 76 -12.45 -3.09 -0.85
C ALA A 76 -12.21 -1.70 -0.27
N GLU A 77 -13.25 -0.87 -0.28
CA GLU A 77 -13.16 0.48 0.24
C GLU A 77 -14.09 0.68 1.43
N ALA A 78 -13.50 1.01 2.58
CA ALA A 78 -14.27 1.22 3.80
C ALA A 78 -14.59 2.71 3.99
N GLY A 79 -15.87 3.03 4.04
CA GLY A 79 -16.29 4.41 4.23
C GLY A 79 -17.47 4.54 5.18
N GLY A 80 -17.24 4.19 6.45
CA GLY A 80 -18.30 4.28 7.43
C GLY A 80 -17.76 4.48 8.84
N GLU A 81 -17.16 3.43 9.39
CA GLU A 81 -16.60 3.49 10.74
C GLU A 81 -15.46 2.49 10.91
N ALA A 82 -14.32 2.99 11.38
CA ALA A 82 -13.16 2.14 11.58
C ALA A 82 -12.11 2.84 12.45
N SER A 83 -11.26 2.05 13.09
CA SER A 83 -10.22 2.60 13.97
C SER A 83 -9.59 3.84 13.35
N SER A 84 -9.60 3.90 12.03
CA SER A 84 -9.03 5.04 11.31
C SER A 84 -9.56 6.36 11.88
N PRO A 85 -8.77 7.42 11.72
CA PRO A 85 -9.12 8.76 12.21
C PRO A 85 -10.28 9.37 11.42
N ARG A 86 -10.58 10.63 11.71
CA ARG A 86 -11.65 11.34 11.03
C ARG A 86 -11.13 12.08 9.81
N ASP A 87 -12.03 12.38 8.88
CA ASP A 87 -11.66 13.09 7.66
C ASP A 87 -10.78 12.23 6.78
N THR A 88 -10.98 10.91 6.86
CA THR A 88 -10.19 9.96 6.07
C THR A 88 -11.05 8.81 5.56
N SER A 89 -10.44 7.89 4.84
CA SER A 89 -11.14 6.75 4.30
C SER A 89 -10.25 5.51 4.28
N ALA A 90 -10.53 4.57 5.19
CA ALA A 90 -9.74 3.34 5.27
C ALA A 90 -10.17 2.35 4.19
N PHE A 91 -9.22 1.52 3.76
CA PHE A 91 -9.50 0.52 2.74
C PHE A 91 -9.18 -0.88 3.25
N PHE A 92 -9.71 -1.89 2.56
CA PHE A 92 -9.49 -3.28 2.94
C PHE A 92 -8.40 -3.91 2.09
N LEU A 93 -7.74 -4.93 2.64
CA LEU A 93 -6.66 -5.62 1.93
C LEU A 93 -6.49 -7.04 2.45
N GLU A 94 -6.94 -8.01 1.66
CA GLU A 94 -6.83 -9.41 2.04
C GLU A 94 -5.76 -10.12 1.23
N THR A 95 -4.89 -10.86 1.91
CA THR A 95 -3.81 -11.59 1.25
C THR A 95 -3.70 -13.01 1.79
N LYS A 96 -3.22 -13.92 0.94
CA LYS A 96 -3.05 -15.31 1.33
C LYS A 96 -2.54 -15.43 2.76
N GLU A 97 -1.63 -14.53 3.13
CA GLU A 97 -1.07 -14.53 4.47
C GLU A 97 -2.14 -14.23 5.51
N ARG A 98 -2.72 -13.04 5.43
CA ARG A 98 -3.76 -12.63 6.37
C ARG A 98 -4.44 -11.34 5.90
N LEU A 99 -5.43 -10.90 6.67
CA LEU A 99 -6.15 -9.67 6.33
C LEU A 99 -5.51 -8.46 7.00
N TYR A 100 -5.23 -7.44 6.20
CA TYR A 100 -4.61 -6.22 6.71
C TYR A 100 -5.54 -5.03 6.52
N LEU A 101 -5.71 -4.26 7.59
CA LEU A 101 -6.57 -3.07 7.55
C LEU A 101 -5.75 -1.79 7.67
N LEU A 102 -5.56 -1.12 6.54
CA LEU A 102 -4.79 0.13 6.51
C LEU A 102 -5.72 1.33 6.31
N ALA A 103 -5.21 2.52 6.63
CA ALA A 103 -5.98 3.75 6.48
C ALA A 103 -5.35 4.67 5.44
N ALA A 104 -6.19 5.38 4.70
CA ALA A 104 -5.71 6.30 3.67
C ALA A 104 -6.60 7.54 3.59
N PRO A 105 -6.00 8.66 3.17
CA PRO A 105 -6.71 9.93 3.03
C PRO A 105 -7.73 9.92 1.89
N ALA A 106 -9.01 10.09 2.25
CA ALA A 106 -10.07 10.09 1.25
C ALA A 106 -9.62 10.79 -0.03
N ALA A 107 -8.69 11.73 0.10
CA ALA A 107 -8.18 12.46 -1.05
C ALA A 107 -7.53 11.52 -2.05
N GLU A 108 -6.61 10.69 -1.57
CA GLU A 108 -5.91 9.74 -2.43
C GLU A 108 -6.70 8.44 -2.55
N ARG A 109 -7.35 8.05 -1.46
CA ARG A 109 -8.13 6.82 -1.44
C ARG A 109 -8.79 6.58 -2.79
N GLY A 110 -9.62 7.51 -3.23
CA GLY A 110 -10.30 7.38 -4.50
C GLY A 110 -9.41 6.78 -5.57
N ASP A 111 -8.16 7.24 -5.63
CA ASP A 111 -7.21 6.75 -6.61
C ASP A 111 -6.53 5.48 -6.12
N TRP A 112 -5.93 5.56 -4.94
CA TRP A 112 -5.23 4.41 -4.37
C TRP A 112 -5.94 3.11 -4.72
N VAL A 113 -7.11 2.89 -4.12
CA VAL A 113 -7.89 1.68 -4.37
C VAL A 113 -7.96 1.38 -5.87
N GLN A 114 -8.23 2.42 -6.65
CA GLN A 114 -8.34 2.26 -8.10
C GLN A 114 -7.08 1.61 -8.66
N ALA A 115 -5.93 2.19 -8.36
CA ALA A 115 -4.65 1.67 -8.84
C ALA A 115 -4.40 0.28 -8.28
N ILE A 116 -4.22 0.18 -6.97
CA ILE A 116 -3.97 -1.10 -6.31
C ILE A 116 -4.89 -2.18 -6.86
N CYS A 117 -6.13 -1.82 -7.14
CA CYS A 117 -7.10 -2.76 -7.67
C CYS A 117 -6.88 -3.00 -9.16
N LEU A 118 -6.46 -1.95 -9.86
CA LEU A 118 -6.21 -2.03 -11.30
C LEU A 118 -5.05 -2.98 -11.59
N LEU A 119 -4.02 -2.92 -10.76
CA LEU A 119 -2.85 -3.77 -10.93
C LEU A 119 -3.07 -5.14 -10.29
N ALA A 120 -3.27 -5.14 -8.98
CA ALA A 120 -3.50 -6.38 -8.24
C ALA A 120 -4.48 -7.28 -8.98
N PHE A 121 -5.49 -6.68 -9.58
CA PHE A 121 -6.50 -7.43 -10.33
C PHE A 121 -6.37 -7.18 -11.83
N SER A 122 -5.13 -7.19 -12.32
CA SER A 122 -4.86 -6.97 -13.73
C SER A 122 -4.74 -8.29 -14.49
N GLY A 123 -5.84 -8.77 -15.04
CA GLY A 123 -5.82 -10.02 -15.77
C GLY A 123 -7.20 -10.65 -15.85
N PRO A 124 -7.39 -11.76 -15.12
CA PRO A 124 -8.66 -12.49 -15.10
C PRO A 124 -9.76 -11.72 -14.38
N SER A 125 -10.99 -12.22 -14.48
CA SER A 125 -12.13 -11.58 -13.83
C SER A 125 -12.26 -12.01 -12.39
N SER A 126 -12.12 -11.06 -11.47
CA SER A 126 -12.23 -11.35 -10.05
C SER A 126 -13.60 -10.96 -9.51
N GLY A 127 -13.95 -9.69 -9.66
CA GLY A 127 -15.24 -9.21 -9.18
C GLY A 127 -15.10 -8.18 -8.08
N GLY A 1 -14.99 12.73 -12.52
CA GLY A 1 -13.77 12.30 -13.16
C GLY A 1 -12.67 13.34 -13.07
N SER A 2 -11.53 12.94 -12.51
CA SER A 2 -10.39 13.86 -12.35
C SER A 2 -9.27 13.49 -13.31
N SER A 3 -8.38 14.44 -13.56
CA SER A 3 -7.26 14.22 -14.46
C SER A 3 -6.06 13.65 -13.71
N GLY A 4 -5.12 13.06 -14.44
CA GLY A 4 -3.94 12.48 -13.83
C GLY A 4 -3.37 11.34 -14.64
N SER A 5 -2.18 11.54 -15.19
CA SER A 5 -1.53 10.52 -16.00
C SER A 5 -0.01 10.58 -15.82
N SER A 6 0.58 9.43 -15.50
CA SER A 6 2.02 9.35 -15.30
C SER A 6 2.46 7.91 -15.07
N GLY A 7 3.49 7.49 -15.78
CA GLY A 7 3.99 6.13 -15.64
C GLY A 7 5.08 5.81 -16.65
N MET A 8 4.75 5.93 -17.94
CA MET A 8 5.71 5.64 -18.99
C MET A 8 7.10 6.18 -18.64
N GLY A 9 8.07 5.27 -18.54
CA GLY A 9 9.42 5.67 -18.21
C GLY A 9 9.98 4.89 -17.03
N ASP A 10 10.08 5.55 -15.89
CA ASP A 10 10.60 4.92 -14.68
C ASP A 10 10.22 5.71 -13.44
N GLY A 11 9.95 4.99 -12.34
CA GLY A 11 9.57 5.65 -11.10
C GLY A 11 8.22 5.18 -10.59
N ALA A 12 8.17 4.79 -9.32
CA ALA A 12 6.94 4.33 -8.71
C ALA A 12 5.73 5.07 -9.28
N VAL A 13 4.84 4.32 -9.93
CA VAL A 13 3.64 4.90 -10.52
C VAL A 13 3.03 5.95 -9.60
N LYS A 14 2.92 5.61 -8.31
CA LYS A 14 2.35 6.51 -7.33
C LYS A 14 3.01 6.32 -5.97
N GLN A 15 3.41 7.44 -5.35
CA GLN A 15 4.05 7.39 -4.05
C GLN A 15 3.23 8.14 -3.00
N GLY A 16 3.21 7.59 -1.78
CA GLY A 16 2.45 8.22 -0.71
C GLY A 16 2.74 7.60 0.64
N PHE A 17 1.95 7.96 1.65
CA PHE A 17 2.13 7.44 2.99
C PHE A 17 0.85 6.79 3.50
N LEU A 18 0.94 5.50 3.82
CA LEU A 18 -0.21 4.76 4.32
C LEU A 18 -0.08 4.47 5.81
N TYR A 19 -1.17 4.04 6.43
CA TYR A 19 -1.18 3.73 7.85
C TYR A 19 -1.59 2.29 8.10
N LEU A 20 -0.72 1.54 8.78
CA LEU A 20 -1.00 0.14 9.08
C LEU A 20 -1.07 -0.08 10.59
N GLN A 21 -2.21 -0.58 11.05
CA GLN A 21 -2.41 -0.84 12.48
C GLN A 21 -1.60 -2.06 12.92
N GLN A 22 -0.62 -1.82 13.78
CA GLN A 22 0.23 -2.90 14.28
C GLN A 22 0.51 -2.72 15.77
N GLN A 23 0.53 -3.84 16.50
CA GLN A 23 0.79 -3.81 17.94
C GLN A 23 2.28 -3.79 18.24
N GLN A 24 2.87 -2.60 18.22
CA GLN A 24 4.29 -2.45 18.49
C GLN A 24 4.64 -2.90 19.91
N THR A 25 4.18 -2.14 20.89
CA THR A 25 4.43 -2.46 22.29
C THR A 25 3.14 -2.51 23.09
N PHE A 26 2.15 -1.73 22.66
CA PHE A 26 0.86 -1.70 23.35
C PHE A 26 -0.20 -1.04 22.45
N GLY A 27 -1.44 -1.49 22.60
CA GLY A 27 -2.52 -0.93 21.81
C GLY A 27 -2.09 -0.58 20.40
N LYS A 28 -2.23 -1.52 19.49
CA LYS A 28 -1.85 -1.30 18.09
C LYS A 28 -2.40 0.03 17.59
N LYS A 29 -1.53 1.04 17.51
CA LYS A 29 -1.93 2.36 17.04
C LYS A 29 -1.66 2.50 15.54
N TRP A 30 -2.10 3.62 14.97
CA TRP A 30 -1.91 3.88 13.56
C TRP A 30 -0.52 4.48 13.30
N ARG A 31 0.35 3.68 12.69
CA ARG A 31 1.71 4.13 12.38
C ARG A 31 1.86 4.45 10.90
N ARG A 32 2.82 5.30 10.58
CA ARG A 32 3.07 5.70 9.19
C ARG A 32 4.15 4.81 8.57
N PHE A 33 3.80 4.16 7.47
CA PHE A 33 4.73 3.29 6.77
C PHE A 33 4.86 3.68 5.30
N GLY A 34 5.95 4.38 4.97
CA GLY A 34 6.17 4.81 3.60
C GLY A 34 5.67 3.79 2.59
N ALA A 35 4.62 4.15 1.86
CA ALA A 35 4.05 3.27 0.84
C ALA A 35 4.43 3.73 -0.56
N SER A 36 4.85 2.78 -1.38
CA SER A 36 5.24 3.08 -2.76
C SER A 36 4.56 2.14 -3.74
N LEU A 37 3.97 2.72 -4.79
CA LEU A 37 3.29 1.92 -5.80
C LEU A 37 4.16 1.73 -7.03
N TYR A 38 4.70 0.52 -7.19
CA TYR A 38 5.56 0.20 -8.32
C TYR A 38 4.81 -0.63 -9.35
N GLY A 39 5.28 -0.59 -10.60
CA GLY A 39 4.65 -1.34 -11.66
C GLY A 39 4.19 -0.45 -12.81
N GLY A 40 3.11 -0.85 -13.46
CA GLY A 40 2.58 -0.08 -14.58
C GLY A 40 3.60 0.10 -15.69
N SER A 41 4.02 -1.01 -16.28
CA SER A 41 5.00 -0.96 -17.36
C SER A 41 6.32 -0.37 -16.87
N ASP A 42 6.78 -0.85 -15.72
CA ASP A 42 8.03 -0.37 -15.14
C ASP A 42 8.95 -1.54 -14.81
N CYS A 43 10.26 -1.30 -14.89
CA CYS A 43 11.25 -2.33 -14.61
C CYS A 43 10.82 -3.18 -13.42
N ALA A 44 10.56 -2.52 -12.30
CA ALA A 44 10.14 -3.22 -11.08
C ALA A 44 8.78 -3.89 -11.27
N LEU A 45 8.53 -4.94 -10.51
CA LEU A 45 7.27 -5.67 -10.59
C LEU A 45 6.23 -5.08 -9.65
N ALA A 46 4.96 -5.26 -9.98
CA ALA A 46 3.87 -4.75 -9.16
C ALA A 46 3.98 -5.27 -7.72
N ARG A 47 4.38 -4.39 -6.81
CA ARG A 47 4.52 -4.75 -5.41
C ARG A 47 4.46 -3.52 -4.51
N LEU A 48 3.87 -3.69 -3.33
CA LEU A 48 3.73 -2.59 -2.39
C LEU A 48 4.80 -2.67 -1.30
N GLU A 49 5.70 -1.69 -1.28
CA GLU A 49 6.77 -1.66 -0.28
C GLU A 49 6.36 -0.82 0.93
N LEU A 50 7.05 -1.04 2.05
CA LEU A 50 6.76 -0.30 3.28
C LEU A 50 8.05 0.17 3.93
N GLN A 51 7.94 1.25 4.70
CA GLN A 51 9.11 1.82 5.38
C GLN A 51 8.72 2.31 6.77
N GLU A 52 9.35 1.74 7.80
CA GLU A 52 9.07 2.12 9.17
C GLU A 52 9.89 3.34 9.57
N GLY A 53 9.83 4.37 8.75
CA GLY A 53 10.57 5.59 9.03
C GLY A 53 10.75 6.47 7.80
N PRO A 54 10.34 7.74 7.91
CA PRO A 54 10.45 8.70 6.80
C PRO A 54 11.89 9.09 6.51
N GLU A 55 12.70 9.21 7.56
CA GLU A 55 14.10 9.57 7.40
C GLU A 55 14.93 8.37 6.93
N LYS A 56 16.20 8.62 6.65
CA LYS A 56 17.09 7.56 6.19
C LYS A 56 17.51 6.66 7.34
N PRO A 57 17.63 5.36 7.06
CA PRO A 57 18.02 4.36 8.06
C PRO A 57 19.49 4.50 8.47
N ARG A 58 19.72 4.56 9.77
CA ARG A 58 21.08 4.70 10.30
C ARG A 58 21.38 3.61 11.33
N ARG A 59 20.44 2.68 11.48
CA ARG A 59 20.60 1.58 12.43
C ARG A 59 20.75 0.26 11.71
N CYS A 60 19.65 -0.25 11.16
CA CYS A 60 19.66 -1.51 10.44
C CYS A 60 18.34 -1.71 9.69
N GLU A 61 18.44 -1.95 8.38
CA GLU A 61 17.27 -2.16 7.54
C GLU A 61 17.06 -3.64 7.27
N ALA A 62 16.82 -4.41 8.34
CA ALA A 62 16.61 -5.84 8.22
C ALA A 62 15.12 -6.16 8.09
N ALA A 63 14.34 -5.69 9.06
CA ALA A 63 12.90 -5.92 9.05
C ALA A 63 12.24 -5.27 7.84
N ARG A 64 12.08 -6.04 6.77
CA ARG A 64 11.46 -5.54 5.55
C ARG A 64 10.04 -6.09 5.40
N LYS A 65 9.13 -5.21 4.98
CA LYS A 65 7.74 -5.60 4.79
C LYS A 65 7.26 -5.26 3.38
N VAL A 66 6.98 -6.28 2.58
CA VAL A 66 6.51 -6.07 1.21
C VAL A 66 5.30 -6.94 0.91
N ILE A 67 4.21 -6.31 0.49
CA ILE A 67 2.99 -7.03 0.16
C ILE A 67 2.67 -6.92 -1.32
N ARG A 68 3.09 -7.92 -2.09
CA ARG A 68 2.85 -7.95 -3.52
C ARG A 68 1.35 -7.83 -3.82
N LEU A 69 1.02 -6.97 -4.77
CA LEU A 69 -0.37 -6.76 -5.16
C LEU A 69 -0.98 -8.04 -5.72
N SER A 70 -0.12 -8.96 -6.14
CA SER A 70 -0.58 -10.23 -6.69
C SER A 70 -1.20 -11.11 -5.61
N ASP A 71 -0.74 -10.92 -4.38
CA ASP A 71 -1.26 -11.70 -3.25
C ASP A 71 -2.64 -11.21 -2.85
N CYS A 72 -2.89 -9.92 -3.02
CA CYS A 72 -4.18 -9.32 -2.67
C CYS A 72 -5.32 -10.09 -3.33
N LEU A 73 -5.96 -10.95 -2.56
CA LEU A 73 -7.08 -11.75 -3.06
C LEU A 73 -8.27 -10.86 -3.40
N ARG A 74 -8.65 -10.01 -2.45
CA ARG A 74 -9.78 -9.11 -2.64
C ARG A 74 -9.61 -7.84 -1.81
N VAL A 75 -10.04 -6.71 -2.37
CA VAL A 75 -9.93 -5.43 -1.68
C VAL A 75 -11.23 -4.64 -1.78
N ALA A 76 -11.45 -3.75 -0.82
CA ALA A 76 -12.66 -2.94 -0.79
C ALA A 76 -12.38 -1.57 -0.19
N GLU A 77 -13.38 -0.69 -0.22
CA GLU A 77 -13.24 0.65 0.32
C GLU A 77 -14.15 0.85 1.53
N ALA A 78 -13.56 1.14 2.68
CA ALA A 78 -14.32 1.35 3.91
C ALA A 78 -14.42 2.83 4.24
N GLY A 79 -15.32 3.17 5.15
CA GLY A 79 -15.51 4.56 5.54
C GLY A 79 -14.71 4.92 6.77
N GLY A 80 -14.52 6.23 6.99
CA GLY A 80 -13.76 6.69 8.13
C GLY A 80 -14.24 6.08 9.43
N GLU A 81 -15.51 5.65 9.45
CA GLU A 81 -16.09 5.05 10.65
C GLU A 81 -15.05 4.21 11.39
N ALA A 82 -14.42 3.28 10.67
CA ALA A 82 -13.42 2.41 11.26
C ALA A 82 -12.46 3.21 12.13
N SER A 83 -11.61 2.50 12.87
CA SER A 83 -10.64 3.14 13.74
C SER A 83 -10.09 4.41 13.11
N SER A 84 -10.02 4.42 11.79
CA SER A 84 -9.52 5.57 11.05
C SER A 84 -10.14 6.86 11.58
N PRO A 85 -9.34 7.95 11.57
CA PRO A 85 -9.79 9.27 12.04
C PRO A 85 -10.83 9.88 11.12
N ARG A 86 -11.10 11.17 11.32
CA ARG A 86 -12.07 11.88 10.50
C ARG A 86 -11.42 12.47 9.25
N ASP A 87 -12.25 12.82 8.27
CA ASP A 87 -11.74 13.37 7.01
C ASP A 87 -10.83 12.39 6.31
N THR A 88 -11.03 11.10 6.57
CA THR A 88 -10.22 10.05 5.96
C THR A 88 -11.09 8.91 5.43
N SER A 89 -10.45 7.91 4.85
CA SER A 89 -11.17 6.76 4.30
C SER A 89 -10.27 5.52 4.26
N ALA A 90 -10.52 4.58 5.16
CA ALA A 90 -9.74 3.36 5.22
C ALA A 90 -10.21 2.35 4.19
N PHE A 91 -9.31 1.47 3.77
CA PHE A 91 -9.62 0.45 2.77
C PHE A 91 -9.31 -0.94 3.30
N PHE A 92 -9.87 -1.96 2.65
CA PHE A 92 -9.65 -3.34 3.04
C PHE A 92 -8.54 -3.97 2.21
N LEU A 93 -7.93 -5.02 2.75
CA LEU A 93 -6.84 -5.71 2.06
C LEU A 93 -6.68 -7.13 2.60
N GLU A 94 -7.08 -8.11 1.79
CA GLU A 94 -6.97 -9.51 2.20
C GLU A 94 -5.88 -10.22 1.40
N THR A 95 -5.03 -10.97 2.10
CA THR A 95 -3.95 -11.70 1.46
C THR A 95 -3.87 -13.13 1.97
N LYS A 96 -3.44 -14.04 1.10
CA LYS A 96 -3.32 -15.46 1.47
C LYS A 96 -2.85 -15.61 2.91
N GLU A 97 -2.06 -14.63 3.37
CA GLU A 97 -1.55 -14.66 4.74
C GLU A 97 -2.64 -14.35 5.75
N ARG A 98 -3.12 -13.10 5.73
CA ARG A 98 -4.17 -12.68 6.63
C ARG A 98 -4.87 -11.43 6.11
N LEU A 99 -5.86 -10.94 6.86
CA LEU A 99 -6.60 -9.76 6.46
C LEU A 99 -6.01 -8.51 7.10
N TYR A 100 -5.49 -7.62 6.27
CA TYR A 100 -4.89 -6.38 6.74
C TYR A 100 -5.85 -5.21 6.57
N LEU A 101 -5.85 -4.30 7.54
CA LEU A 101 -6.72 -3.13 7.50
C LEU A 101 -5.91 -1.85 7.64
N LEU A 102 -5.64 -1.18 6.52
CA LEU A 102 -4.88 0.06 6.53
C LEU A 102 -5.80 1.26 6.35
N ALA A 103 -5.26 2.45 6.59
CA ALA A 103 -6.04 3.68 6.45
C ALA A 103 -5.45 4.57 5.36
N ALA A 104 -6.31 5.36 4.73
CA ALA A 104 -5.88 6.26 3.66
C ALA A 104 -6.76 7.50 3.60
N PRO A 105 -6.18 8.63 3.17
CA PRO A 105 -6.90 9.90 3.05
C PRO A 105 -7.92 9.88 1.93
N ALA A 106 -9.18 10.16 2.26
CA ALA A 106 -10.25 10.19 1.27
C ALA A 106 -9.77 10.78 -0.04
N ALA A 107 -8.76 11.65 0.03
CA ALA A 107 -8.21 12.28 -1.16
C ALA A 107 -7.48 11.27 -2.02
N GLU A 108 -6.65 10.45 -1.39
CA GLU A 108 -5.89 9.43 -2.11
C GLU A 108 -6.69 8.14 -2.27
N ARG A 109 -7.35 7.73 -1.18
CA ARG A 109 -8.17 6.52 -1.20
C ARG A 109 -8.82 6.33 -2.57
N GLY A 110 -9.58 7.32 -3.00
CA GLY A 110 -10.26 7.25 -4.28
C GLY A 110 -9.39 6.62 -5.35
N ASP A 111 -8.15 7.09 -5.45
CA ASP A 111 -7.22 6.56 -6.44
C ASP A 111 -6.59 5.25 -5.97
N TRP A 112 -5.93 5.32 -4.81
CA TRP A 112 -5.28 4.13 -4.25
C TRP A 112 -6.07 2.87 -4.56
N VAL A 113 -7.30 2.81 -4.05
CA VAL A 113 -8.16 1.65 -4.26
C VAL A 113 -8.29 1.34 -5.75
N GLN A 114 -8.38 2.39 -6.56
CA GLN A 114 -8.51 2.23 -8.01
C GLN A 114 -7.25 1.62 -8.60
N ALA A 115 -6.14 2.35 -8.48
CA ALA A 115 -4.86 1.87 -9.00
C ALA A 115 -4.51 0.50 -8.45
N ILE A 116 -4.48 0.39 -7.13
CA ILE A 116 -4.16 -0.88 -6.48
C ILE A 116 -5.00 -2.02 -7.03
N CYS A 117 -6.22 -1.69 -7.46
CA CYS A 117 -7.12 -2.68 -8.02
C CYS A 117 -6.69 -3.08 -9.43
N LEU A 118 -6.23 -2.09 -10.20
CA LEU A 118 -5.79 -2.34 -11.57
C LEU A 118 -4.64 -3.34 -11.60
N LEU A 119 -3.64 -3.10 -10.77
CA LEU A 119 -2.47 -3.99 -10.70
C LEU A 119 -2.81 -5.27 -9.93
N ALA A 120 -3.28 -5.10 -8.70
CA ALA A 120 -3.64 -6.25 -7.87
C ALA A 120 -4.51 -7.23 -8.63
N PHE A 121 -5.47 -6.71 -9.39
CA PHE A 121 -6.37 -7.54 -10.17
C PHE A 121 -6.03 -7.46 -11.65
N SER A 122 -4.74 -7.42 -11.95
CA SER A 122 -4.28 -7.34 -13.34
C SER A 122 -4.69 -8.59 -14.12
N GLY A 123 -5.59 -8.39 -15.08
CA GLY A 123 -6.06 -9.50 -15.89
C GLY A 123 -5.03 -9.96 -16.92
N PRO A 124 -5.01 -11.26 -17.19
CA PRO A 124 -4.07 -11.85 -18.15
C PRO A 124 -4.41 -11.47 -19.59
N SER A 125 -5.69 -11.42 -19.90
CA SER A 125 -6.14 -11.07 -21.25
C SER A 125 -5.52 -9.74 -21.69
N SER A 126 -4.96 -9.73 -22.90
CA SER A 126 -4.33 -8.53 -23.43
C SER A 126 -5.29 -7.79 -24.36
N GLY A 127 -5.90 -6.73 -23.84
CA GLY A 127 -6.84 -5.94 -24.62
C GLY A 127 -6.14 -4.92 -25.50
N GLY A 1 -1.08 -1.96 -26.68
CA GLY A 1 0.34 -2.06 -26.87
C GLY A 1 1.11 -1.18 -25.90
N SER A 2 1.87 -1.81 -25.01
CA SER A 2 2.65 -1.07 -24.02
C SER A 2 4.12 -1.01 -24.43
N SER A 3 4.88 -0.15 -23.76
CA SER A 3 6.30 0.02 -24.07
C SER A 3 7.16 -0.79 -23.09
N GLY A 4 6.82 -0.72 -21.81
CA GLY A 4 7.57 -1.44 -20.80
C GLY A 4 9.00 -0.95 -20.68
N SER A 5 9.58 -1.16 -19.50
CA SER A 5 10.96 -0.73 -19.26
C SER A 5 11.75 -1.82 -18.55
N SER A 6 13.05 -1.61 -18.41
CA SER A 6 13.92 -2.57 -17.75
C SER A 6 14.60 -1.96 -16.53
N GLY A 7 13.90 -2.00 -15.39
CA GLY A 7 14.45 -1.44 -14.17
C GLY A 7 13.92 -2.14 -12.93
N MET A 8 14.77 -2.94 -12.29
CA MET A 8 14.39 -3.67 -11.09
C MET A 8 14.00 -2.70 -9.98
N GLY A 9 12.72 -2.71 -9.63
CA GLY A 9 12.24 -1.82 -8.57
C GLY A 9 12.76 -0.41 -8.72
N ASP A 10 12.29 0.28 -9.75
CA ASP A 10 12.72 1.66 -10.00
C ASP A 10 11.67 2.41 -10.81
N GLY A 11 10.96 3.31 -10.15
CA GLY A 11 9.93 4.08 -10.83
C GLY A 11 8.54 3.83 -10.26
N ALA A 12 8.37 4.10 -8.98
CA ALA A 12 7.09 3.89 -8.32
C ALA A 12 5.98 4.66 -9.02
N VAL A 13 5.12 3.93 -9.73
CA VAL A 13 4.01 4.55 -10.45
C VAL A 13 3.32 5.61 -9.60
N LYS A 14 3.10 5.30 -8.34
CA LYS A 14 2.45 6.22 -7.42
C LYS A 14 3.09 6.16 -6.03
N GLN A 15 3.34 7.32 -5.45
CA GLN A 15 3.95 7.40 -4.12
C GLN A 15 3.01 8.09 -3.14
N GLY A 16 2.99 7.59 -1.91
CA GLY A 16 2.15 8.17 -0.89
C GLY A 16 2.38 7.56 0.48
N PHE A 17 1.59 7.98 1.47
CA PHE A 17 1.72 7.47 2.82
C PHE A 17 0.50 6.64 3.21
N LEU A 18 0.74 5.54 3.91
CA LEU A 18 -0.33 4.66 4.34
C LEU A 18 -0.19 4.30 5.82
N TYR A 19 -1.32 4.16 6.49
CA TYR A 19 -1.32 3.83 7.92
C TYR A 19 -1.68 2.36 8.13
N LEU A 20 -0.83 1.65 8.88
CA LEU A 20 -1.06 0.23 9.16
C LEU A 20 -1.17 -0.01 10.66
N GLN A 21 -2.30 -0.57 11.07
CA GLN A 21 -2.54 -0.86 12.48
C GLN A 21 -1.88 -2.18 12.89
N GLN A 22 -0.98 -2.11 13.87
CA GLN A 22 -0.28 -3.30 14.35
C GLN A 22 -0.55 -3.53 15.83
N GLN A 23 -0.05 -4.65 16.35
CA GLN A 23 -0.24 -4.99 17.76
C GLN A 23 1.11 -5.19 18.45
N GLN A 24 2.06 -4.32 18.14
CA GLN A 24 3.40 -4.40 18.74
C GLN A 24 3.33 -4.25 20.26
N THR A 25 2.95 -3.06 20.71
CA THR A 25 2.85 -2.79 22.13
C THR A 25 1.39 -2.67 22.56
N PHE A 26 1.10 -3.14 23.78
CA PHE A 26 -0.26 -3.08 24.31
C PHE A 26 -0.96 -1.80 23.87
N GLY A 27 -2.04 -1.97 23.10
CA GLY A 27 -2.78 -0.82 22.61
C GLY A 27 -2.57 -0.57 21.14
N LYS A 28 -3.31 -1.28 20.30
CA LYS A 28 -3.20 -1.12 18.86
C LYS A 28 -3.28 0.35 18.45
N LYS A 29 -2.24 0.84 17.80
CA LYS A 29 -2.20 2.23 17.36
C LYS A 29 -1.95 2.32 15.86
N TRP A 30 -2.20 3.50 15.29
CA TRP A 30 -2.00 3.71 13.86
C TRP A 30 -0.57 4.16 13.57
N ARG A 31 0.20 3.30 12.94
CA ARG A 31 1.59 3.60 12.61
C ARG A 31 1.75 3.86 11.11
N ARG A 32 2.19 5.07 10.77
CA ARG A 32 2.38 5.44 9.37
C ARG A 32 3.66 4.81 8.81
N PHE A 33 3.60 4.39 7.55
CA PHE A 33 4.74 3.77 6.89
C PHE A 33 4.79 4.15 5.41
N GLY A 34 5.90 4.74 4.99
CA GLY A 34 6.05 5.13 3.61
C GLY A 34 5.47 4.12 2.64
N ALA A 35 4.56 4.57 1.78
CA ALA A 35 3.92 3.69 0.81
C ALA A 35 4.39 4.00 -0.61
N SER A 36 4.77 2.97 -1.35
CA SER A 36 5.24 3.14 -2.72
C SER A 36 4.63 2.08 -3.64
N LEU A 37 4.04 2.55 -4.74
CA LEU A 37 3.42 1.65 -5.71
C LEU A 37 4.26 1.54 -6.97
N TYR A 38 4.77 0.34 -7.24
CA TYR A 38 5.59 0.10 -8.42
C TYR A 38 4.84 -0.73 -9.46
N GLY A 39 5.22 -0.60 -10.72
CA GLY A 39 4.58 -1.34 -11.78
C GLY A 39 4.16 -0.46 -12.94
N GLY A 40 2.88 -0.51 -13.28
CA GLY A 40 2.38 0.30 -14.39
C GLY A 40 3.00 -0.08 -15.71
N SER A 41 3.98 0.71 -16.15
CA SER A 41 4.66 0.45 -17.42
C SER A 41 4.77 -1.05 -17.68
N ASP A 42 5.29 -1.77 -16.70
CA ASP A 42 5.47 -3.21 -16.83
C ASP A 42 4.27 -3.95 -16.22
N CYS A 43 3.43 -4.51 -17.08
CA CYS A 43 2.25 -5.24 -16.63
C CYS A 43 2.64 -6.57 -16.00
N ALA A 44 3.93 -6.88 -16.06
CA ALA A 44 4.44 -8.13 -15.49
C ALA A 44 5.22 -7.86 -14.21
N LEU A 45 5.01 -6.68 -13.64
CA LEU A 45 5.70 -6.30 -12.40
C LEU A 45 4.85 -5.34 -11.59
N ALA A 46 4.70 -5.64 -10.29
CA ALA A 46 3.91 -4.80 -9.41
C ALA A 46 4.01 -5.29 -7.96
N ARG A 47 4.44 -4.41 -7.07
CA ARG A 47 4.58 -4.76 -5.66
C ARG A 47 4.50 -3.51 -4.78
N LEU A 48 3.91 -3.67 -3.59
CA LEU A 48 3.77 -2.55 -2.66
C LEU A 48 4.82 -2.63 -1.56
N GLU A 49 5.63 -1.59 -1.45
CA GLU A 49 6.68 -1.55 -0.43
C GLU A 49 6.19 -0.80 0.81
N LEU A 50 6.90 -1.00 1.92
CA LEU A 50 6.54 -0.34 3.17
C LEU A 50 7.79 0.01 3.98
N GLN A 51 7.76 1.18 4.63
CA GLN A 51 8.88 1.64 5.43
C GLN A 51 8.51 1.70 6.91
N GLU A 52 8.96 0.71 7.67
CA GLU A 52 8.67 0.64 9.09
C GLU A 52 9.50 1.67 9.86
N GLY A 53 9.16 2.95 9.72
CA GLY A 53 9.89 4.00 10.40
C GLY A 53 10.67 4.88 9.44
N PRO A 54 10.43 6.19 9.50
CA PRO A 54 11.10 7.16 8.65
C PRO A 54 12.58 7.32 8.99
N GLU A 55 12.86 7.48 10.28
CA GLU A 55 14.24 7.64 10.75
C GLU A 55 14.82 6.30 11.20
N LYS A 56 16.14 6.20 11.21
CA LYS A 56 16.83 4.99 11.62
C LYS A 56 17.79 5.26 12.76
N PRO A 57 17.88 4.31 13.70
CA PRO A 57 18.76 4.42 14.86
C PRO A 57 20.23 4.32 14.49
N ARG A 58 21.08 4.10 15.48
CA ARG A 58 22.52 3.98 15.26
C ARG A 58 22.81 2.97 14.15
N ARG A 59 21.99 1.93 14.07
CA ARG A 59 22.17 0.89 13.07
C ARG A 59 20.82 0.26 12.69
N CYS A 60 20.55 0.20 11.40
CA CYS A 60 19.30 -0.37 10.91
C CYS A 60 19.05 -1.75 11.53
N GLU A 61 19.85 -2.73 11.11
CA GLU A 61 19.73 -4.08 11.62
C GLU A 61 18.29 -4.58 11.50
N ALA A 62 17.64 -4.25 10.38
CA ALA A 62 16.26 -4.67 10.15
C ALA A 62 16.02 -4.96 8.67
N ALA A 63 14.93 -5.67 8.38
CA ALA A 63 14.58 -6.01 7.01
C ALA A 63 13.37 -5.21 6.53
N ARG A 64 13.19 -5.17 5.21
CA ARG A 64 12.07 -4.44 4.63
C ARG A 64 10.88 -5.36 4.38
N LYS A 65 9.68 -4.80 4.41
CA LYS A 65 8.47 -5.57 4.18
C LYS A 65 7.79 -5.15 2.89
N VAL A 66 7.46 -6.13 2.05
CA VAL A 66 6.81 -5.86 0.78
C VAL A 66 5.64 -6.81 0.55
N ILE A 67 4.48 -6.26 0.19
CA ILE A 67 3.29 -7.05 -0.05
C ILE A 67 2.86 -6.96 -1.51
N ARG A 68 3.16 -8.00 -2.28
CA ARG A 68 2.81 -8.04 -3.70
C ARG A 68 1.30 -7.96 -3.87
N LEU A 69 0.87 -7.13 -4.82
CA LEU A 69 -0.56 -6.97 -5.10
C LEU A 69 -1.19 -8.28 -5.53
N SER A 70 -0.35 -9.23 -5.91
CA SER A 70 -0.83 -10.54 -6.34
C SER A 70 -1.38 -11.34 -5.18
N ASP A 71 -0.76 -11.18 -4.01
CA ASP A 71 -1.19 -11.88 -2.81
C ASP A 71 -2.54 -11.37 -2.33
N CYS A 72 -2.89 -10.15 -2.75
CA CYS A 72 -4.15 -9.54 -2.36
C CYS A 72 -5.33 -10.33 -2.92
N LEU A 73 -5.86 -11.24 -2.10
CA LEU A 73 -6.99 -12.07 -2.52
C LEU A 73 -8.17 -11.21 -2.95
N ARG A 74 -8.39 -10.11 -2.23
CA ARG A 74 -9.50 -9.20 -2.53
C ARG A 74 -9.38 -7.92 -1.72
N VAL A 75 -10.01 -6.86 -2.21
CA VAL A 75 -9.98 -5.58 -1.52
C VAL A 75 -11.33 -4.86 -1.62
N ALA A 76 -11.50 -3.79 -0.85
CA ALA A 76 -12.73 -3.02 -0.87
C ALA A 76 -12.54 -1.67 -0.19
N GLU A 77 -13.57 -0.83 -0.27
CA GLU A 77 -13.52 0.50 0.34
C GLU A 77 -14.30 0.52 1.65
N ALA A 78 -13.65 1.02 2.70
CA ALA A 78 -14.27 1.10 4.02
C ALA A 78 -14.54 2.55 4.42
N GLY A 79 -15.80 2.94 4.40
CA GLY A 79 -16.15 4.31 4.76
C GLY A 79 -15.51 4.75 6.06
N GLY A 80 -15.73 6.01 6.42
CA GLY A 80 -15.15 6.54 7.65
C GLY A 80 -15.90 6.07 8.88
N GLU A 81 -15.92 4.75 9.08
CA GLU A 81 -16.59 4.17 10.24
C GLU A 81 -15.70 3.15 10.94
N ALA A 82 -14.42 3.47 11.06
CA ALA A 82 -13.47 2.59 11.71
C ALA A 82 -12.47 3.36 12.55
N SER A 83 -11.63 2.65 13.29
CA SER A 83 -10.63 3.28 14.13
C SER A 83 -10.02 4.50 13.45
N SER A 84 -9.97 4.45 12.12
CA SER A 84 -9.40 5.55 11.35
C SER A 84 -9.90 6.89 11.86
N PRO A 85 -9.04 7.92 11.76
CA PRO A 85 -9.38 9.28 12.21
C PRO A 85 -10.42 9.94 11.34
N ARG A 86 -10.54 11.26 11.45
CA ARG A 86 -11.51 12.02 10.66
C ARG A 86 -10.87 12.56 9.40
N ASP A 87 -11.70 12.95 8.43
CA ASP A 87 -11.21 13.49 7.17
C ASP A 87 -10.31 12.49 6.45
N THR A 88 -10.73 11.22 6.47
CA THR A 88 -9.97 10.16 5.83
C THR A 88 -10.88 9.06 5.32
N SER A 89 -10.28 8.04 4.70
CA SER A 89 -11.04 6.92 4.16
C SER A 89 -10.22 5.63 4.20
N ALA A 90 -10.58 4.73 5.10
CA ALA A 90 -9.87 3.47 5.24
C ALA A 90 -10.32 2.47 4.18
N PHE A 91 -9.44 1.53 3.84
CA PHE A 91 -9.76 0.52 2.83
C PHE A 91 -9.46 -0.88 3.36
N PHE A 92 -9.89 -1.89 2.61
CA PHE A 92 -9.68 -3.27 3.01
C PHE A 92 -8.54 -3.90 2.21
N LEU A 93 -7.95 -4.96 2.75
CA LEU A 93 -6.85 -5.64 2.08
C LEU A 93 -6.71 -7.08 2.60
N GLU A 94 -7.13 -8.05 1.79
CA GLU A 94 -7.05 -9.45 2.17
C GLU A 94 -5.95 -10.15 1.38
N THR A 95 -5.09 -10.88 2.09
CA THR A 95 -4.00 -11.61 1.47
C THR A 95 -3.91 -13.04 2.00
N LYS A 96 -3.24 -13.90 1.25
CA LYS A 96 -3.07 -15.30 1.64
C LYS A 96 -2.63 -15.40 3.10
N GLU A 97 -1.74 -14.51 3.51
CA GLU A 97 -1.24 -14.50 4.87
C GLU A 97 -2.36 -14.21 5.87
N ARG A 98 -2.95 -13.03 5.75
CA ARG A 98 -4.04 -12.62 6.63
C ARG A 98 -4.66 -11.32 6.16
N LEU A 99 -5.64 -10.83 6.92
CA LEU A 99 -6.32 -9.58 6.57
C LEU A 99 -5.62 -8.39 7.19
N TYR A 100 -5.49 -7.32 6.41
CA TYR A 100 -4.83 -6.10 6.87
C TYR A 100 -5.72 -4.88 6.69
N LEU A 101 -5.99 -4.17 7.77
CA LEU A 101 -6.83 -2.99 7.74
C LEU A 101 -6.00 -1.72 7.81
N LEU A 102 -5.72 -1.11 6.66
CA LEU A 102 -4.94 0.11 6.60
C LEU A 102 -5.83 1.32 6.34
N ALA A 103 -5.33 2.49 6.71
CA ALA A 103 -6.08 3.73 6.51
C ALA A 103 -5.41 4.63 5.47
N ALA A 104 -6.22 5.32 4.68
CA ALA A 104 -5.71 6.20 3.64
C ALA A 104 -6.52 7.50 3.57
N PRO A 105 -5.85 8.60 3.23
CA PRO A 105 -6.50 9.92 3.11
C PRO A 105 -7.44 10.00 1.92
N ALA A 106 -8.70 10.29 2.20
CA ALA A 106 -9.71 10.40 1.15
C ALA A 106 -9.11 10.97 -0.14
N ALA A 107 -8.13 11.85 0.02
CA ALA A 107 -7.46 12.47 -1.12
C ALA A 107 -6.82 11.41 -2.02
N GLU A 108 -6.06 10.51 -1.41
CA GLU A 108 -5.38 9.46 -2.16
C GLU A 108 -6.27 8.23 -2.28
N ARG A 109 -6.94 7.88 -1.18
CA ARG A 109 -7.82 6.72 -1.16
C ARG A 109 -8.52 6.54 -2.51
N GLY A 110 -9.30 7.54 -2.91
CA GLY A 110 -10.01 7.48 -4.16
C GLY A 110 -9.18 6.86 -5.27
N ASP A 111 -7.90 7.24 -5.33
CA ASP A 111 -7.00 6.72 -6.36
C ASP A 111 -6.42 5.37 -5.93
N TRP A 112 -5.78 5.36 -4.76
CA TRP A 112 -5.19 4.13 -4.23
C TRP A 112 -6.02 2.92 -4.60
N VAL A 113 -7.16 2.76 -3.92
CA VAL A 113 -8.06 1.63 -4.18
C VAL A 113 -8.13 1.32 -5.67
N GLN A 114 -8.24 2.37 -6.48
CA GLN A 114 -8.33 2.21 -7.92
C GLN A 114 -7.06 1.55 -8.48
N ALA A 115 -5.94 2.25 -8.38
CA ALA A 115 -4.68 1.73 -8.86
C ALA A 115 -4.43 0.31 -8.34
N ILE A 116 -4.33 0.18 -7.03
CA ILE A 116 -4.11 -1.12 -6.41
C ILE A 116 -4.96 -2.21 -7.06
N CYS A 117 -6.21 -1.86 -7.36
CA CYS A 117 -7.12 -2.81 -7.98
C CYS A 117 -6.75 -3.04 -9.45
N LEU A 118 -6.34 -1.97 -10.12
CA LEU A 118 -5.96 -2.06 -11.53
C LEU A 118 -4.82 -3.07 -11.72
N LEU A 119 -3.88 -3.07 -10.78
CA LEU A 119 -2.74 -3.99 -10.84
C LEU A 119 -3.07 -5.32 -10.18
N ALA A 120 -3.46 -5.25 -8.90
CA ALA A 120 -3.80 -6.45 -8.15
C ALA A 120 -4.62 -7.42 -9.00
N PHE A 121 -5.77 -6.93 -9.48
CA PHE A 121 -6.64 -7.76 -10.31
C PHE A 121 -6.53 -7.36 -11.78
N SER A 122 -5.30 -7.18 -12.25
CA SER A 122 -5.06 -6.80 -13.64
C SER A 122 -5.49 -7.91 -14.59
N GLY A 123 -6.66 -7.73 -15.20
CA GLY A 123 -7.15 -8.73 -16.13
C GLY A 123 -8.57 -9.16 -15.80
N PRO A 124 -9.03 -10.24 -16.46
CA PRO A 124 -10.38 -10.78 -16.25
C PRO A 124 -10.54 -11.42 -14.88
N SER A 125 -11.59 -11.02 -14.16
CA SER A 125 -11.85 -11.55 -12.83
C SER A 125 -12.87 -12.68 -12.89
N SER A 126 -12.47 -13.87 -12.47
CA SER A 126 -13.35 -15.03 -12.48
C SER A 126 -14.25 -15.01 -13.71
N GLY A 127 -13.69 -14.66 -14.85
CA GLY A 127 -14.46 -14.60 -16.08
C GLY A 127 -14.23 -15.82 -16.96
N GLY A 1 2.99 23.63 -25.94
CA GLY A 1 2.05 22.81 -25.19
C GLY A 1 2.67 21.51 -24.72
N SER A 2 1.86 20.45 -24.67
CA SER A 2 2.33 19.15 -24.24
C SER A 2 3.41 18.62 -25.17
N SER A 3 4.54 18.21 -24.59
CA SER A 3 5.65 17.69 -25.37
C SER A 3 6.51 16.75 -24.54
N GLY A 4 6.46 15.47 -24.86
CA GLY A 4 7.23 14.48 -24.12
C GLY A 4 6.41 13.27 -23.71
N SER A 5 6.79 12.10 -24.23
CA SER A 5 6.06 10.87 -23.92
C SER A 5 6.53 10.29 -22.58
N SER A 6 7.84 10.07 -22.47
CA SER A 6 8.42 9.52 -21.25
C SER A 6 9.08 10.61 -20.41
N GLY A 7 8.40 11.01 -19.34
CA GLY A 7 8.94 12.05 -18.47
C GLY A 7 9.05 11.59 -17.03
N MET A 8 8.15 12.10 -16.18
CA MET A 8 8.15 11.73 -14.77
C MET A 8 7.71 10.29 -14.58
N GLY A 9 8.57 9.49 -13.97
CA GLY A 9 8.26 8.09 -13.73
C GLY A 9 9.49 7.24 -13.49
N ASP A 10 10.04 7.33 -12.29
CA ASP A 10 11.23 6.56 -11.93
C ASP A 10 10.92 5.07 -11.87
N GLY A 11 9.90 4.71 -11.08
CA GLY A 11 9.52 3.32 -10.94
C GLY A 11 8.18 3.15 -10.25
N ALA A 12 8.01 3.83 -9.12
CA ALA A 12 6.77 3.75 -8.36
C ALA A 12 5.68 4.62 -8.99
N VAL A 13 4.66 3.98 -9.54
CA VAL A 13 3.55 4.70 -10.17
C VAL A 13 3.05 5.83 -9.28
N LYS A 14 2.75 5.49 -8.03
CA LYS A 14 2.25 6.48 -7.07
C LYS A 14 2.99 6.36 -5.75
N GLN A 15 3.28 7.50 -5.13
CA GLN A 15 3.99 7.53 -3.86
C GLN A 15 3.15 8.24 -2.79
N GLY A 16 3.20 7.71 -1.57
CA GLY A 16 2.44 8.31 -0.48
C GLY A 16 2.62 7.56 0.83
N PHE A 17 2.09 8.12 1.90
CA PHE A 17 2.21 7.51 3.22
C PHE A 17 0.91 6.81 3.60
N LEU A 18 1.02 5.57 4.05
CA LEU A 18 -0.14 4.78 4.44
C LEU A 18 -0.06 4.39 5.91
N TYR A 19 -1.22 4.12 6.52
CA TYR A 19 -1.27 3.74 7.93
C TYR A 19 -1.68 2.28 8.07
N LEU A 20 -0.93 1.53 8.88
CA LEU A 20 -1.21 0.12 9.10
C LEU A 20 -1.43 -0.16 10.59
N GLN A 21 -2.67 -0.46 10.95
CA GLN A 21 -3.02 -0.75 12.33
C GLN A 21 -2.26 -1.97 12.84
N GLN A 22 -1.49 -1.79 13.91
CA GLN A 22 -0.72 -2.88 14.49
C GLN A 22 -1.27 -3.27 15.86
N GLN A 23 -2.59 -3.30 15.99
CA GLN A 23 -3.23 -3.65 17.24
C GLN A 23 -2.64 -4.93 17.82
N GLN A 24 -2.44 -5.92 16.96
CA GLN A 24 -1.87 -7.20 17.39
C GLN A 24 -0.68 -6.98 18.32
N THR A 25 0.31 -6.25 17.83
CA THR A 25 1.51 -5.97 18.61
C THR A 25 1.27 -4.82 19.59
N PHE A 26 2.25 -4.60 20.47
CA PHE A 26 2.14 -3.53 21.46
C PHE A 26 1.97 -2.18 20.78
N GLY A 27 1.50 -1.19 21.53
CA GLY A 27 1.30 0.14 21.00
C GLY A 27 -0.17 0.44 20.74
N LYS A 28 -0.83 -0.39 19.94
CA LYS A 28 -2.23 -0.20 19.62
C LYS A 28 -2.48 1.17 19.02
N LYS A 29 -1.58 1.59 18.13
CA LYS A 29 -1.70 2.90 17.47
C LYS A 29 -1.30 2.79 16.00
N TRP A 30 -1.74 3.77 15.20
CA TRP A 30 -1.42 3.80 13.79
C TRP A 30 -0.02 4.33 13.54
N ARG A 31 0.67 3.76 12.55
CA ARG A 31 2.02 4.19 12.22
C ARG A 31 2.19 4.31 10.71
N ARG A 32 2.63 5.49 10.26
CA ARG A 32 2.84 5.73 8.84
C ARG A 32 4.15 5.12 8.36
N PHE A 33 4.12 4.47 7.21
CA PHE A 33 5.31 3.85 6.65
C PHE A 33 5.43 4.16 5.16
N GLY A 34 6.61 4.62 4.76
CA GLY A 34 6.85 4.96 3.37
C GLY A 34 6.21 3.96 2.42
N ALA A 35 5.04 4.29 1.91
CA ALA A 35 4.32 3.40 0.99
C ALA A 35 4.62 3.78 -0.47
N SER A 36 5.06 2.79 -1.24
CA SER A 36 5.39 3.02 -2.65
C SER A 36 4.60 2.07 -3.54
N LEU A 37 3.84 2.64 -4.47
CA LEU A 37 3.03 1.85 -5.39
C LEU A 37 3.80 1.55 -6.68
N TYR A 38 4.02 0.27 -6.95
CA TYR A 38 4.74 -0.14 -8.15
C TYR A 38 3.84 -0.94 -9.08
N GLY A 39 4.22 -0.98 -10.36
CA GLY A 39 3.43 -1.72 -11.34
C GLY A 39 3.94 -1.52 -12.74
N GLY A 40 3.64 -2.48 -13.61
CA GLY A 40 4.08 -2.40 -15.00
C GLY A 40 4.17 -3.76 -15.67
N SER A 41 3.69 -3.83 -16.90
CA SER A 41 3.71 -5.09 -17.65
C SER A 41 5.13 -5.61 -17.81
N ASP A 42 6.07 -4.69 -18.03
CA ASP A 42 7.47 -5.05 -18.19
C ASP A 42 8.37 -4.16 -17.36
N CYS A 43 8.15 -2.85 -17.47
CA CYS A 43 8.95 -1.88 -16.72
C CYS A 43 9.33 -2.43 -15.34
N ALA A 44 8.34 -2.52 -14.46
CA ALA A 44 8.56 -3.03 -13.11
C ALA A 44 7.38 -3.86 -12.62
N LEU A 45 7.63 -4.76 -11.68
CA LEU A 45 6.58 -5.61 -11.13
C LEU A 45 5.71 -4.84 -10.14
N ALA A 46 4.49 -5.32 -9.93
CA ALA A 46 3.56 -4.68 -9.00
C ALA A 46 3.74 -5.23 -7.59
N ARG A 47 4.08 -4.34 -6.65
CA ARG A 47 4.27 -4.74 -5.27
C ARG A 47 4.28 -3.51 -4.35
N LEU A 48 3.72 -3.68 -3.16
CA LEU A 48 3.67 -2.59 -2.18
C LEU A 48 4.78 -2.74 -1.14
N GLU A 49 5.77 -1.85 -1.21
CA GLU A 49 6.88 -1.88 -0.27
C GLU A 49 6.58 -1.02 0.96
N LEU A 50 7.15 -1.41 2.09
CA LEU A 50 6.95 -0.68 3.34
C LEU A 50 8.26 -0.52 4.10
N GLN A 51 8.49 0.70 4.60
CA GLN A 51 9.72 0.98 5.34
C GLN A 51 9.42 1.90 6.53
N GLU A 52 9.91 1.52 7.71
CA GLU A 52 9.70 2.30 8.91
C GLU A 52 10.97 3.04 9.31
N GLY A 53 10.83 4.31 9.69
CA GLY A 53 11.97 5.09 10.08
C GLY A 53 12.29 6.20 9.09
N PRO A 54 11.42 7.22 9.02
CA PRO A 54 11.59 8.35 8.10
C PRO A 54 12.76 9.24 8.50
N GLU A 55 13.30 9.00 9.69
CA GLU A 55 14.43 9.79 10.18
C GLU A 55 15.74 9.31 9.56
N LYS A 56 16.02 8.03 9.70
CA LYS A 56 17.24 7.44 9.15
C LYS A 56 17.26 5.93 9.34
N PRO A 57 17.64 5.20 8.27
CA PRO A 57 17.70 3.74 8.30
C PRO A 57 18.84 3.22 9.18
N ARG A 58 18.48 2.65 10.32
CA ARG A 58 19.47 2.12 11.25
C ARG A 58 19.05 0.74 11.76
N ARG A 59 19.98 0.06 12.40
CA ARG A 59 19.71 -1.28 12.93
C ARG A 59 18.75 -2.04 12.04
N CYS A 60 18.88 -1.85 10.73
CA CYS A 60 18.01 -2.51 9.76
C CYS A 60 18.61 -3.85 9.34
N GLU A 61 18.24 -4.91 10.04
CA GLU A 61 18.74 -6.25 9.75
C GLU A 61 17.76 -7.00 8.85
N ALA A 62 17.93 -6.86 7.54
CA ALA A 62 17.08 -7.54 6.58
C ALA A 62 15.62 -7.49 7.01
N ALA A 63 15.20 -6.33 7.53
CA ALA A 63 13.82 -6.15 7.99
C ALA A 63 13.01 -5.35 6.98
N ARG A 64 12.46 -6.03 5.99
CA ARG A 64 11.65 -5.38 4.96
C ARG A 64 10.27 -6.01 4.88
N LYS A 65 9.25 -5.16 4.75
CA LYS A 65 7.87 -5.62 4.66
C LYS A 65 7.27 -5.27 3.30
N VAL A 66 7.02 -6.28 2.48
CA VAL A 66 6.44 -6.07 1.16
C VAL A 66 5.26 -7.01 0.93
N ILE A 67 4.19 -6.48 0.34
CA ILE A 67 3.00 -7.26 0.06
C ILE A 67 2.67 -7.25 -1.44
N ARG A 68 3.08 -8.30 -2.13
CA ARG A 68 2.83 -8.41 -3.57
C ARG A 68 1.37 -8.06 -3.90
N LEU A 69 1.19 -7.13 -4.83
CA LEU A 69 -0.15 -6.71 -5.23
C LEU A 69 -0.90 -7.85 -5.88
N SER A 70 -0.17 -8.76 -6.54
CA SER A 70 -0.77 -9.91 -7.21
C SER A 70 -1.31 -10.90 -6.19
N ASP A 71 -0.73 -10.90 -5.00
CA ASP A 71 -1.13 -11.80 -3.94
C ASP A 71 -2.45 -11.35 -3.31
N CYS A 72 -2.73 -10.06 -3.40
CA CYS A 72 -3.95 -9.50 -2.84
C CYS A 72 -5.16 -10.29 -3.29
N LEU A 73 -5.67 -11.13 -2.39
CA LEU A 73 -6.85 -11.95 -2.70
C LEU A 73 -8.00 -11.10 -3.19
N ARG A 74 -8.30 -10.04 -2.44
CA ARG A 74 -9.39 -9.14 -2.81
C ARG A 74 -9.34 -7.85 -1.98
N VAL A 75 -9.72 -6.74 -2.60
CA VAL A 75 -9.72 -5.45 -1.91
C VAL A 75 -11.10 -4.80 -1.96
N ALA A 76 -11.38 -3.97 -0.98
CA ALA A 76 -12.66 -3.27 -0.91
C ALA A 76 -12.50 -1.87 -0.32
N GLU A 77 -13.47 -1.01 -0.60
CA GLU A 77 -13.43 0.37 -0.11
C GLU A 77 -14.25 0.51 1.17
N ALA A 78 -13.55 0.68 2.29
CA ALA A 78 -14.21 0.84 3.58
C ALA A 78 -14.47 2.30 3.91
N GLY A 79 -15.71 2.61 4.27
CA GLY A 79 -16.06 3.99 4.59
C GLY A 79 -15.18 4.57 5.68
N GLY A 80 -15.64 4.48 6.92
CA GLY A 80 -14.88 5.02 8.03
C GLY A 80 -15.29 4.42 9.36
N GLU A 81 -15.11 3.11 9.50
CA GLU A 81 -15.48 2.43 10.74
C GLU A 81 -14.26 1.75 11.36
N ALA A 82 -13.42 2.54 12.01
CA ALA A 82 -12.22 2.00 12.66
C ALA A 82 -11.55 3.07 13.52
N SER A 83 -10.55 2.65 14.30
CA SER A 83 -9.84 3.56 15.18
C SER A 83 -9.30 4.76 14.40
N SER A 84 -9.05 4.56 13.11
CA SER A 84 -8.54 5.62 12.24
C SER A 84 -9.22 6.95 12.57
N PRO A 85 -8.52 8.05 12.29
CA PRO A 85 -9.02 9.40 12.54
C PRO A 85 -10.15 9.78 11.59
N ARG A 86 -10.76 10.93 11.82
CA ARG A 86 -11.86 11.40 10.99
C ARG A 86 -11.33 12.09 9.73
N ASP A 87 -12.23 12.46 8.84
CA ASP A 87 -11.85 13.12 7.59
C ASP A 87 -10.89 12.26 6.78
N THR A 88 -11.16 10.96 6.77
CA THR A 88 -10.32 10.02 6.03
C THR A 88 -11.13 8.83 5.53
N SER A 89 -10.45 7.87 4.91
CA SER A 89 -11.10 6.68 4.38
C SER A 89 -10.15 5.49 4.39
N ALA A 90 -10.54 4.43 5.10
CA ALA A 90 -9.73 3.23 5.17
C ALA A 90 -10.14 2.21 4.11
N PHE A 91 -9.17 1.46 3.61
CA PHE A 91 -9.43 0.45 2.59
C PHE A 91 -9.12 -0.95 3.12
N PHE A 92 -9.76 -1.95 2.52
CA PHE A 92 -9.55 -3.34 2.94
C PHE A 92 -8.45 -3.99 2.10
N LEU A 93 -7.90 -5.08 2.61
CA LEU A 93 -6.85 -5.81 1.92
C LEU A 93 -6.68 -7.21 2.48
N GLU A 94 -7.13 -8.20 1.73
CA GLU A 94 -7.04 -9.60 2.16
C GLU A 94 -5.98 -10.35 1.35
N THR A 95 -5.10 -11.06 2.05
CA THR A 95 -4.05 -11.82 1.39
C THR A 95 -3.94 -13.23 1.97
N LYS A 96 -3.41 -14.15 1.18
CA LYS A 96 -3.25 -15.53 1.60
C LYS A 96 -2.78 -15.60 3.05
N GLU A 97 -1.85 -14.71 3.41
CA GLU A 97 -1.33 -14.68 4.77
C GLU A 97 -2.43 -14.36 5.77
N ARG A 98 -3.02 -13.18 5.64
CA ARG A 98 -4.08 -12.75 6.54
C ARG A 98 -4.71 -11.44 6.05
N LEU A 99 -5.77 -11.02 6.73
CA LEU A 99 -6.46 -9.78 6.38
C LEU A 99 -5.81 -8.57 7.05
N TYR A 100 -5.68 -7.48 6.30
CA TYR A 100 -5.07 -6.26 6.82
C TYR A 100 -6.02 -5.08 6.69
N LEU A 101 -5.98 -4.18 7.67
CA LEU A 101 -6.84 -3.00 7.67
C LEU A 101 -6.01 -1.73 7.74
N LEU A 102 -5.72 -1.15 6.58
CA LEU A 102 -4.94 0.07 6.51
C LEU A 102 -5.84 1.29 6.33
N ALA A 103 -5.30 2.47 6.63
CA ALA A 103 -6.06 3.71 6.50
C ALA A 103 -5.39 4.66 5.51
N ALA A 104 -6.20 5.30 4.68
CA ALA A 104 -5.69 6.24 3.69
C ALA A 104 -6.55 7.50 3.63
N PRO A 105 -5.96 8.59 3.12
CA PRO A 105 -6.65 9.88 3.00
C PRO A 105 -7.75 9.85 1.93
N ALA A 106 -9.00 9.96 2.36
CA ALA A 106 -10.12 9.95 1.45
C ALA A 106 -9.79 10.69 0.15
N ALA A 107 -8.88 11.66 0.25
CA ALA A 107 -8.47 12.44 -0.91
C ALA A 107 -7.87 11.54 -1.99
N GLU A 108 -6.96 10.67 -1.59
CA GLU A 108 -6.31 9.75 -2.52
C GLU A 108 -7.04 8.41 -2.57
N ARG A 109 -7.66 8.04 -1.45
CA ARG A 109 -8.39 6.79 -1.37
C ARG A 109 -9.05 6.45 -2.70
N GLY A 110 -9.85 7.39 -3.22
CA GLY A 110 -10.53 7.17 -4.48
C GLY A 110 -9.60 6.61 -5.55
N ASP A 111 -8.41 7.17 -5.65
CA ASP A 111 -7.43 6.73 -6.63
C ASP A 111 -6.70 5.47 -6.15
N TRP A 112 -6.12 5.55 -4.95
CA TRP A 112 -5.40 4.42 -4.38
C TRP A 112 -6.06 3.10 -4.76
N VAL A 113 -7.21 2.82 -4.13
CA VAL A 113 -7.94 1.60 -4.39
C VAL A 113 -8.09 1.35 -5.90
N GLN A 114 -8.39 2.42 -6.63
CA GLN A 114 -8.57 2.33 -8.07
C GLN A 114 -7.30 1.82 -8.74
N ALA A 115 -6.14 2.22 -8.21
CA ALA A 115 -4.86 1.80 -8.75
C ALA A 115 -4.54 0.37 -8.34
N ILE A 116 -4.45 0.13 -7.04
CA ILE A 116 -4.15 -1.19 -6.52
C ILE A 116 -5.03 -2.26 -7.17
N CYS A 117 -6.33 -1.98 -7.21
CA CYS A 117 -7.28 -2.91 -7.81
C CYS A 117 -6.93 -3.20 -9.26
N LEU A 118 -6.51 -2.17 -9.98
CA LEU A 118 -6.13 -2.30 -11.39
C LEU A 118 -4.93 -3.22 -11.54
N LEU A 119 -3.80 -2.82 -10.94
CA LEU A 119 -2.58 -3.60 -11.01
C LEU A 119 -2.74 -4.93 -10.29
N ALA A 120 -3.04 -4.86 -9.00
CA ALA A 120 -3.22 -6.07 -8.19
C ALA A 120 -3.97 -7.14 -8.97
N PHE A 121 -5.13 -6.77 -9.51
CA PHE A 121 -5.94 -7.70 -10.29
C PHE A 121 -5.94 -7.34 -11.77
N SER A 122 -4.76 -7.10 -12.31
CA SER A 122 -4.61 -6.74 -13.72
C SER A 122 -4.66 -7.97 -14.61
N GLY A 123 -5.86 -8.51 -14.81
CA GLY A 123 -6.03 -9.69 -15.64
C GLY A 123 -6.18 -10.96 -14.82
N PRO A 124 -5.14 -11.80 -14.83
CA PRO A 124 -5.14 -13.06 -14.09
C PRO A 124 -5.08 -12.85 -12.59
N SER A 125 -6.07 -13.40 -11.87
CA SER A 125 -6.14 -13.27 -10.42
C SER A 125 -5.65 -14.54 -9.74
N SER A 126 -4.39 -14.55 -9.34
CA SER A 126 -3.81 -15.71 -8.67
C SER A 126 -2.53 -15.33 -7.94
N GLY A 127 -2.34 -15.91 -6.75
CA GLY A 127 -1.14 -15.62 -5.98
C GLY A 127 0.09 -16.30 -6.54
#